data_4MZI
# 
_entry.id   4MZI 
# 
_audit_conform.dict_name       mmcif_pdbx.dic 
_audit_conform.dict_version    5.392 
_audit_conform.dict_location   http://mmcif.pdb.org/dictionaries/ascii/mmcif_pdbx.dic 
# 
loop_
_database_2.database_id 
_database_2.database_code 
_database_2.pdbx_database_accession 
_database_2.pdbx_DOI 
PDB   4MZI         pdb_00004mzi 10.2210/pdb4mzi/pdb 
RCSB  RCSB082561   ?            ?                   
WWPDB D_1000082561 ?            ?                   
# 
loop_
_pdbx_audit_revision_history.ordinal 
_pdbx_audit_revision_history.data_content_type 
_pdbx_audit_revision_history.major_revision 
_pdbx_audit_revision_history.minor_revision 
_pdbx_audit_revision_history.revision_date 
1 'Structure model' 1 0 2014-01-15 
2 'Structure model' 1 1 2014-02-12 
3 'Structure model' 1 2 2022-12-21 
4 'Structure model' 1 3 2024-05-22 
# 
_pdbx_audit_revision_details.ordinal             1 
_pdbx_audit_revision_details.revision_ordinal    1 
_pdbx_audit_revision_details.data_content_type   'Structure model' 
_pdbx_audit_revision_details.provider            repository 
_pdbx_audit_revision_details.type                'Initial release' 
_pdbx_audit_revision_details.description         ? 
_pdbx_audit_revision_details.details             ? 
# 
loop_
_pdbx_audit_revision_group.ordinal 
_pdbx_audit_revision_group.revision_ordinal 
_pdbx_audit_revision_group.data_content_type 
_pdbx_audit_revision_group.group 
1 2 'Structure model' 'Database references'  
2 3 'Structure model' 'Database references'  
3 3 'Structure model' 'Derived calculations' 
4 4 'Structure model' 'Data collection'      
# 
loop_
_pdbx_audit_revision_category.ordinal 
_pdbx_audit_revision_category.revision_ordinal 
_pdbx_audit_revision_category.data_content_type 
_pdbx_audit_revision_category.category 
1 3 'Structure model' database_2         
2 3 'Structure model' struct_ref_seq_dif 
3 3 'Structure model' struct_site        
4 4 'Structure model' chem_comp_atom     
5 4 'Structure model' chem_comp_bond     
# 
loop_
_pdbx_audit_revision_item.ordinal 
_pdbx_audit_revision_item.revision_ordinal 
_pdbx_audit_revision_item.data_content_type 
_pdbx_audit_revision_item.item 
1 3 'Structure model' '_database_2.pdbx_DOI'                
2 3 'Structure model' '_database_2.pdbx_database_accession' 
3 3 'Structure model' '_struct_ref_seq_dif.details'         
4 3 'Structure model' '_struct_site.pdbx_auth_asym_id'      
5 3 'Structure model' '_struct_site.pdbx_auth_comp_id'      
6 3 'Structure model' '_struct_site.pdbx_auth_seq_id'       
# 
_pdbx_database_status.status_code                     REL 
_pdbx_database_status.entry_id                        4MZI 
_pdbx_database_status.recvd_initial_deposition_date   2013-09-30 
_pdbx_database_status.deposit_site                    RCSB 
_pdbx_database_status.process_site                    RCSB 
_pdbx_database_status.status_code_sf                  REL 
_pdbx_database_status.status_code_mr                  ? 
_pdbx_database_status.SG_entry                        ? 
_pdbx_database_status.status_code_cs                  ? 
_pdbx_database_status.methods_development_category    ? 
_pdbx_database_status.pdb_format_compatible           Y 
_pdbx_database_status.status_code_nmr_data            ? 
# 
_pdbx_database_related.db_name        PDB 
_pdbx_database_related.db_id          4MZR 
_pdbx_database_related.details        . 
_pdbx_database_related.content_type   unspecified 
# 
loop_
_audit_author.name 
_audit_author.pdbx_ordinal 
'Emamzadah, S.'     1 
'Tropia, L.'        2 
'Vincenti, I.'      3 
'Falquet, B.'       4 
'Halazonetis, T.D.' 5 
# 
_citation.id                        primary 
_citation.title                     
'Reversal of the DNA-Binding-Induced Loop L1 Conformational Switch in an Engineered Human p53 Protein.' 
_citation.journal_abbrev            J.Mol.Biol. 
_citation.journal_volume            426 
_citation.page_first                936 
_citation.page_last                 944 
_citation.year                      2014 
_citation.journal_id_ASTM           JMOBAK 
_citation.country                   UK 
_citation.journal_id_ISSN           0022-2836 
_citation.journal_id_CSD            0070 
_citation.book_publisher            ? 
_citation.pdbx_database_id_PubMed   24374182 
_citation.pdbx_database_id_DOI      10.1016/j.jmb.2013.12.020 
# 
loop_
_citation_author.citation_id 
_citation_author.name 
_citation_author.ordinal 
_citation_author.identifier_ORCID 
primary 'Emamzadah, S.'     1 ? 
primary 'Tropia, L.'        2 ? 
primary 'Vincenti, I.'      3 ? 
primary 'Falquet, B.'       4 ? 
primary 'Halazonetis, T.D.' 5 ? 
# 
loop_
_entity.id 
_entity.type 
_entity.src_method 
_entity.pdbx_description 
_entity.formula_weight 
_entity.pdbx_number_of_molecules 
_entity.pdbx_ec 
_entity.pdbx_mutation 
_entity.pdbx_fragment 
_entity.details 
1 polymer     man 'Cellular tumor antigen p53' 22529.635 1   ? 'S121F, V122G' 'UNP residues 94-292' ? 
2 non-polymer syn 'ZINC ION'                   65.409    1   ? ?              ?                     ? 
3 water       nat water                        18.015    214 ? ?              ?                     ? 
# 
_entity_name_com.entity_id   1 
_entity_name_com.name        'Antigen NY-CO-13, Phosphoprotein p53, Tumor suppressor p53' 
# 
_entity_poly.entity_id                      1 
_entity_poly.type                           'polypeptide(L)' 
_entity_poly.nstd_linkage                   no 
_entity_poly.nstd_monomer                   no 
_entity_poly.pdbx_seq_one_letter_code       
;MSSSVPSQKTYQGSYGFRLGFLHSGTAKFGTCTYSPALNKMFVQLAKTVPVQLYVDSTPPPGTRVRAMAIYKQSQHMTEV
VRRCPHHERSSDSDGLAPPQHLIRVEGNLRAEYLDDPNTFRHSVVVPYEPPEVGSDYTTIYFKFMCNSSCMGGMNRRPIL
VIITLEDSSGNLLGRDSFEVRVCACPGRDRRTEEENLRKK
;
_entity_poly.pdbx_seq_one_letter_code_can   
;MSSSVPSQKTYQGSYGFRLGFLHSGTAKFGTCTYSPALNKMFVQLAKTVPVQLYVDSTPPPGTRVRAMAIYKQSQHMTEV
VRRCPHHERSSDSDGLAPPQHLIRVEGNLRAEYLDDPNTFRHSVVVPYEPPEVGSDYTTIYFKFMCNSSCMGGMNRRPIL
VIITLEDSSGNLLGRDSFEVRVCACPGRDRRTEEENLRKK
;
_entity_poly.pdbx_strand_id                 A 
_entity_poly.pdbx_target_identifier         ? 
# 
loop_
_pdbx_entity_nonpoly.entity_id 
_pdbx_entity_nonpoly.name 
_pdbx_entity_nonpoly.comp_id 
2 'ZINC ION' ZN  
3 water      HOH 
# 
loop_
_entity_poly_seq.entity_id 
_entity_poly_seq.num 
_entity_poly_seq.mon_id 
_entity_poly_seq.hetero 
1 1   MET n 
1 2   SER n 
1 3   SER n 
1 4   SER n 
1 5   VAL n 
1 6   PRO n 
1 7   SER n 
1 8   GLN n 
1 9   LYS n 
1 10  THR n 
1 11  TYR n 
1 12  GLN n 
1 13  GLY n 
1 14  SER n 
1 15  TYR n 
1 16  GLY n 
1 17  PHE n 
1 18  ARG n 
1 19  LEU n 
1 20  GLY n 
1 21  PHE n 
1 22  LEU n 
1 23  HIS n 
1 24  SER n 
1 25  GLY n 
1 26  THR n 
1 27  ALA n 
1 28  LYS n 
1 29  PHE n 
1 30  GLY n 
1 31  THR n 
1 32  CYS n 
1 33  THR n 
1 34  TYR n 
1 35  SER n 
1 36  PRO n 
1 37  ALA n 
1 38  LEU n 
1 39  ASN n 
1 40  LYS n 
1 41  MET n 
1 42  PHE n 
1 43  VAL n 
1 44  GLN n 
1 45  LEU n 
1 46  ALA n 
1 47  LYS n 
1 48  THR n 
1 49  VAL n 
1 50  PRO n 
1 51  VAL n 
1 52  GLN n 
1 53  LEU n 
1 54  TYR n 
1 55  VAL n 
1 56  ASP n 
1 57  SER n 
1 58  THR n 
1 59  PRO n 
1 60  PRO n 
1 61  PRO n 
1 62  GLY n 
1 63  THR n 
1 64  ARG n 
1 65  VAL n 
1 66  ARG n 
1 67  ALA n 
1 68  MET n 
1 69  ALA n 
1 70  ILE n 
1 71  TYR n 
1 72  LYS n 
1 73  GLN n 
1 74  SER n 
1 75  GLN n 
1 76  HIS n 
1 77  MET n 
1 78  THR n 
1 79  GLU n 
1 80  VAL n 
1 81  VAL n 
1 82  ARG n 
1 83  ARG n 
1 84  CYS n 
1 85  PRO n 
1 86  HIS n 
1 87  HIS n 
1 88  GLU n 
1 89  ARG n 
1 90  SER n 
1 91  SER n 
1 92  ASP n 
1 93  SER n 
1 94  ASP n 
1 95  GLY n 
1 96  LEU n 
1 97  ALA n 
1 98  PRO n 
1 99  PRO n 
1 100 GLN n 
1 101 HIS n 
1 102 LEU n 
1 103 ILE n 
1 104 ARG n 
1 105 VAL n 
1 106 GLU n 
1 107 GLY n 
1 108 ASN n 
1 109 LEU n 
1 110 ARG n 
1 111 ALA n 
1 112 GLU n 
1 113 TYR n 
1 114 LEU n 
1 115 ASP n 
1 116 ASP n 
1 117 PRO n 
1 118 ASN n 
1 119 THR n 
1 120 PHE n 
1 121 ARG n 
1 122 HIS n 
1 123 SER n 
1 124 VAL n 
1 125 VAL n 
1 126 VAL n 
1 127 PRO n 
1 128 TYR n 
1 129 GLU n 
1 130 PRO n 
1 131 PRO n 
1 132 GLU n 
1 133 VAL n 
1 134 GLY n 
1 135 SER n 
1 136 ASP n 
1 137 TYR n 
1 138 THR n 
1 139 THR n 
1 140 ILE n 
1 141 TYR n 
1 142 PHE n 
1 143 LYS n 
1 144 PHE n 
1 145 MET n 
1 146 CYS n 
1 147 ASN n 
1 148 SER n 
1 149 SER n 
1 150 CYS n 
1 151 MET n 
1 152 GLY n 
1 153 GLY n 
1 154 MET n 
1 155 ASN n 
1 156 ARG n 
1 157 ARG n 
1 158 PRO n 
1 159 ILE n 
1 160 LEU n 
1 161 VAL n 
1 162 ILE n 
1 163 ILE n 
1 164 THR n 
1 165 LEU n 
1 166 GLU n 
1 167 ASP n 
1 168 SER n 
1 169 SER n 
1 170 GLY n 
1 171 ASN n 
1 172 LEU n 
1 173 LEU n 
1 174 GLY n 
1 175 ARG n 
1 176 ASP n 
1 177 SER n 
1 178 PHE n 
1 179 GLU n 
1 180 VAL n 
1 181 ARG n 
1 182 VAL n 
1 183 CYS n 
1 184 ALA n 
1 185 CYS n 
1 186 PRO n 
1 187 GLY n 
1 188 ARG n 
1 189 ASP n 
1 190 ARG n 
1 191 ARG n 
1 192 THR n 
1 193 GLU n 
1 194 GLU n 
1 195 GLU n 
1 196 ASN n 
1 197 LEU n 
1 198 ARG n 
1 199 LYS n 
1 200 LYS n 
# 
_entity_src_gen.entity_id                          1 
_entity_src_gen.pdbx_src_id                        1 
_entity_src_gen.pdbx_alt_source_flag               sample 
_entity_src_gen.pdbx_seq_type                      ? 
_entity_src_gen.pdbx_beg_seq_num                   ? 
_entity_src_gen.pdbx_end_seq_num                   ? 
_entity_src_gen.gene_src_common_name               human 
_entity_src_gen.gene_src_genus                     ? 
_entity_src_gen.pdbx_gene_src_gene                 'TP53, P53' 
_entity_src_gen.gene_src_species                   ? 
_entity_src_gen.gene_src_strain                    ? 
_entity_src_gen.gene_src_tissue                    ? 
_entity_src_gen.gene_src_tissue_fraction           ? 
_entity_src_gen.gene_src_details                   ? 
_entity_src_gen.pdbx_gene_src_fragment             ? 
_entity_src_gen.pdbx_gene_src_scientific_name      'Homo sapiens' 
_entity_src_gen.pdbx_gene_src_ncbi_taxonomy_id     9606 
_entity_src_gen.pdbx_gene_src_variant              ? 
_entity_src_gen.pdbx_gene_src_cell_line            ? 
_entity_src_gen.pdbx_gene_src_atcc                 ? 
_entity_src_gen.pdbx_gene_src_organ                ? 
_entity_src_gen.pdbx_gene_src_organelle            ? 
_entity_src_gen.pdbx_gene_src_cell                 ? 
_entity_src_gen.pdbx_gene_src_cellular_location    ? 
_entity_src_gen.host_org_common_name               ? 
_entity_src_gen.pdbx_host_org_scientific_name      'Escherichia coli' 
_entity_src_gen.pdbx_host_org_ncbi_taxonomy_id     562 
_entity_src_gen.host_org_genus                     ? 
_entity_src_gen.pdbx_host_org_gene                 ? 
_entity_src_gen.pdbx_host_org_organ                ? 
_entity_src_gen.host_org_species                   ? 
_entity_src_gen.pdbx_host_org_tissue               ? 
_entity_src_gen.pdbx_host_org_tissue_fraction      ? 
_entity_src_gen.pdbx_host_org_strain               ? 
_entity_src_gen.pdbx_host_org_variant              ? 
_entity_src_gen.pdbx_host_org_cell_line            ? 
_entity_src_gen.pdbx_host_org_atcc                 ? 
_entity_src_gen.pdbx_host_org_culture_collection   ? 
_entity_src_gen.pdbx_host_org_cell                 ? 
_entity_src_gen.pdbx_host_org_organelle            ? 
_entity_src_gen.pdbx_host_org_cellular_location    ? 
_entity_src_gen.pdbx_host_org_vector_type          ? 
_entity_src_gen.pdbx_host_org_vector               ? 
_entity_src_gen.host_org_details                   ? 
_entity_src_gen.expression_system_id               ? 
_entity_src_gen.plasmid_name                       ? 
_entity_src_gen.plasmid_details                    ? 
_entity_src_gen.pdbx_description                   ? 
# 
loop_
_chem_comp.id 
_chem_comp.type 
_chem_comp.mon_nstd_flag 
_chem_comp.name 
_chem_comp.pdbx_synonyms 
_chem_comp.formula 
_chem_comp.formula_weight 
ALA 'L-peptide linking' y ALANINE         ? 'C3 H7 N O2'     89.093  
ARG 'L-peptide linking' y ARGININE        ? 'C6 H15 N4 O2 1' 175.209 
ASN 'L-peptide linking' y ASPARAGINE      ? 'C4 H8 N2 O3'    132.118 
ASP 'L-peptide linking' y 'ASPARTIC ACID' ? 'C4 H7 N O4'     133.103 
CYS 'L-peptide linking' y CYSTEINE        ? 'C3 H7 N O2 S'   121.158 
GLN 'L-peptide linking' y GLUTAMINE       ? 'C5 H10 N2 O3'   146.144 
GLU 'L-peptide linking' y 'GLUTAMIC ACID' ? 'C5 H9 N O4'     147.129 
GLY 'peptide linking'   y GLYCINE         ? 'C2 H5 N O2'     75.067  
HIS 'L-peptide linking' y HISTIDINE       ? 'C6 H10 N3 O2 1' 156.162 
HOH non-polymer         . WATER           ? 'H2 O'           18.015  
ILE 'L-peptide linking' y ISOLEUCINE      ? 'C6 H13 N O2'    131.173 
LEU 'L-peptide linking' y LEUCINE         ? 'C6 H13 N O2'    131.173 
LYS 'L-peptide linking' y LYSINE          ? 'C6 H15 N2 O2 1' 147.195 
MET 'L-peptide linking' y METHIONINE      ? 'C5 H11 N O2 S'  149.211 
PHE 'L-peptide linking' y PHENYLALANINE   ? 'C9 H11 N O2'    165.189 
PRO 'L-peptide linking' y PROLINE         ? 'C5 H9 N O2'     115.130 
SER 'L-peptide linking' y SERINE          ? 'C3 H7 N O3'     105.093 
THR 'L-peptide linking' y THREONINE       ? 'C4 H9 N O3'     119.119 
TRP 'L-peptide linking' y TRYPTOPHAN      ? 'C11 H12 N2 O2'  204.225 
TYR 'L-peptide linking' y TYROSINE        ? 'C9 H11 N O3'    181.189 
VAL 'L-peptide linking' y VALINE          ? 'C5 H11 N O2'    117.146 
ZN  non-polymer         . 'ZINC ION'      ? 'Zn 2'           65.409  
# 
loop_
_pdbx_poly_seq_scheme.asym_id 
_pdbx_poly_seq_scheme.entity_id 
_pdbx_poly_seq_scheme.seq_id 
_pdbx_poly_seq_scheme.mon_id 
_pdbx_poly_seq_scheme.ndb_seq_num 
_pdbx_poly_seq_scheme.pdb_seq_num 
_pdbx_poly_seq_scheme.auth_seq_num 
_pdbx_poly_seq_scheme.pdb_mon_id 
_pdbx_poly_seq_scheme.auth_mon_id 
_pdbx_poly_seq_scheme.pdb_strand_id 
_pdbx_poly_seq_scheme.pdb_ins_code 
_pdbx_poly_seq_scheme.hetero 
A 1 1   MET 1   93  ?   ?   ?   A . n 
A 1 2   SER 2   94  ?   ?   ?   A . n 
A 1 3   SER 3   95  ?   ?   ?   A . n 
A 1 4   SER 4   96  96  SER SER A . n 
A 1 5   VAL 5   97  97  VAL VAL A . n 
A 1 6   PRO 6   98  98  PRO PRO A . n 
A 1 7   SER 7   99  99  SER SER A . n 
A 1 8   GLN 8   100 100 GLN GLN A . n 
A 1 9   LYS 9   101 101 LYS LYS A . n 
A 1 10  THR 10  102 102 THR THR A . n 
A 1 11  TYR 11  103 103 TYR TYR A . n 
A 1 12  GLN 12  104 104 GLN GLN A . n 
A 1 13  GLY 13  105 105 GLY GLY A . n 
A 1 14  SER 14  106 106 SER SER A . n 
A 1 15  TYR 15  107 107 TYR TYR A . n 
A 1 16  GLY 16  108 108 GLY GLY A . n 
A 1 17  PHE 17  109 109 PHE PHE A . n 
A 1 18  ARG 18  110 110 ARG ARG A . n 
A 1 19  LEU 19  111 111 LEU LEU A . n 
A 1 20  GLY 20  112 112 GLY GLY A . n 
A 1 21  PHE 21  113 113 PHE PHE A . n 
A 1 22  LEU 22  114 114 LEU LEU A . n 
A 1 23  HIS 23  115 115 HIS HIS A . n 
A 1 24  SER 24  116 116 SER SER A . n 
A 1 25  GLY 25  117 117 GLY GLY A . n 
A 1 26  THR 26  118 118 THR THR A . n 
A 1 27  ALA 27  119 119 ALA ALA A . n 
A 1 28  LYS 28  120 120 LYS LYS A . n 
A 1 29  PHE 29  121 121 PHE PHE A . n 
A 1 30  GLY 30  122 122 GLY GLY A . n 
A 1 31  THR 31  123 123 THR THR A . n 
A 1 32  CYS 32  124 124 CYS CYS A . n 
A 1 33  THR 33  125 125 THR THR A . n 
A 1 34  TYR 34  126 126 TYR TYR A . n 
A 1 35  SER 35  127 127 SER SER A . n 
A 1 36  PRO 36  128 128 PRO PRO A . n 
A 1 37  ALA 37  129 129 ALA ALA A . n 
A 1 38  LEU 38  130 130 LEU LEU A . n 
A 1 39  ASN 39  131 131 ASN ASN A . n 
A 1 40  LYS 40  132 132 LYS LYS A . n 
A 1 41  MET 41  133 133 MET MET A . n 
A 1 42  PHE 42  134 134 PHE PHE A . n 
A 1 43  VAL 43  135 135 VAL VAL A . n 
A 1 44  GLN 44  136 136 GLN GLN A . n 
A 1 45  LEU 45  137 137 LEU LEU A . n 
A 1 46  ALA 46  138 138 ALA ALA A . n 
A 1 47  LYS 47  139 139 LYS LYS A . n 
A 1 48  THR 48  140 140 THR THR A . n 
A 1 49  VAL 49  141 141 VAL VAL A . n 
A 1 50  PRO 50  142 142 PRO PRO A . n 
A 1 51  VAL 51  143 143 VAL VAL A . n 
A 1 52  GLN 52  144 144 GLN GLN A . n 
A 1 53  LEU 53  145 145 LEU LEU A . n 
A 1 54  TYR 54  146 146 TYR TYR A . n 
A 1 55  VAL 55  147 147 VAL VAL A . n 
A 1 56  ASP 56  148 148 ASP ASP A . n 
A 1 57  SER 57  149 149 SER SER A . n 
A 1 58  THR 58  150 150 THR THR A . n 
A 1 59  PRO 59  151 151 PRO PRO A . n 
A 1 60  PRO 60  152 152 PRO PRO A . n 
A 1 61  PRO 61  153 153 PRO PRO A . n 
A 1 62  GLY 62  154 154 GLY GLY A . n 
A 1 63  THR 63  155 155 THR THR A . n 
A 1 64  ARG 64  156 156 ARG ARG A . n 
A 1 65  VAL 65  157 157 VAL VAL A . n 
A 1 66  ARG 66  158 158 ARG ARG A . n 
A 1 67  ALA 67  159 159 ALA ALA A . n 
A 1 68  MET 68  160 160 MET MET A . n 
A 1 69  ALA 69  161 161 ALA ALA A . n 
A 1 70  ILE 70  162 162 ILE ILE A . n 
A 1 71  TYR 71  163 163 TYR TYR A . n 
A 1 72  LYS 72  164 164 LYS LYS A . n 
A 1 73  GLN 73  165 165 GLN GLN A . n 
A 1 74  SER 74  166 166 SER SER A . n 
A 1 75  GLN 75  167 167 GLN GLN A . n 
A 1 76  HIS 76  168 168 HIS HIS A . n 
A 1 77  MET 77  169 169 MET MET A . n 
A 1 78  THR 78  170 170 THR THR A . n 
A 1 79  GLU 79  171 171 GLU GLU A . n 
A 1 80  VAL 80  172 172 VAL VAL A . n 
A 1 81  VAL 81  173 173 VAL VAL A . n 
A 1 82  ARG 82  174 174 ARG ARG A . n 
A 1 83  ARG 83  175 175 ARG ARG A . n 
A 1 84  CYS 84  176 176 CYS CYS A . n 
A 1 85  PRO 85  177 177 PRO PRO A . n 
A 1 86  HIS 86  178 178 HIS HIS A . n 
A 1 87  HIS 87  179 179 HIS HIS A . n 
A 1 88  GLU 88  180 180 GLU GLU A . n 
A 1 89  ARG 89  181 181 ARG ARG A . n 
A 1 90  SER 90  182 182 SER SER A . n 
A 1 91  SER 91  183 183 SER SER A . n 
A 1 92  ASP 92  184 184 ASP ASP A . n 
A 1 93  SER 93  185 185 SER SER A . n 
A 1 94  ASP 94  186 186 ASP ASP A . n 
A 1 95  GLY 95  187 187 GLY GLY A . n 
A 1 96  LEU 96  188 188 LEU LEU A . n 
A 1 97  ALA 97  189 189 ALA ALA A . n 
A 1 98  PRO 98  190 190 PRO PRO A . n 
A 1 99  PRO 99  191 191 PRO PRO A . n 
A 1 100 GLN 100 192 192 GLN GLN A . n 
A 1 101 HIS 101 193 193 HIS HIS A . n 
A 1 102 LEU 102 194 194 LEU LEU A . n 
A 1 103 ILE 103 195 195 ILE ILE A . n 
A 1 104 ARG 104 196 196 ARG ARG A . n 
A 1 105 VAL 105 197 197 VAL VAL A . n 
A 1 106 GLU 106 198 198 GLU GLU A . n 
A 1 107 GLY 107 199 199 GLY GLY A . n 
A 1 108 ASN 108 200 200 ASN ASN A . n 
A 1 109 LEU 109 201 201 LEU LEU A . n 
A 1 110 ARG 110 202 202 ARG ARG A . n 
A 1 111 ALA 111 203 203 ALA ALA A . n 
A 1 112 GLU 112 204 204 GLU GLU A . n 
A 1 113 TYR 113 205 205 TYR TYR A . n 
A 1 114 LEU 114 206 206 LEU LEU A . n 
A 1 115 ASP 115 207 207 ASP ASP A . n 
A 1 116 ASP 116 208 208 ASP ASP A . n 
A 1 117 PRO 117 209 209 PRO PRO A . n 
A 1 118 ASN 118 210 210 ASN ASN A . n 
A 1 119 THR 119 211 211 THR THR A . n 
A 1 120 PHE 120 212 212 PHE PHE A . n 
A 1 121 ARG 121 213 213 ARG ARG A . n 
A 1 122 HIS 122 214 214 HIS HIS A . n 
A 1 123 SER 123 215 215 SER SER A . n 
A 1 124 VAL 124 216 216 VAL VAL A . n 
A 1 125 VAL 125 217 217 VAL VAL A . n 
A 1 126 VAL 126 218 218 VAL VAL A . n 
A 1 127 PRO 127 219 219 PRO PRO A . n 
A 1 128 TYR 128 220 220 TYR TYR A . n 
A 1 129 GLU 129 221 221 GLU GLU A . n 
A 1 130 PRO 130 222 222 PRO PRO A . n 
A 1 131 PRO 131 223 223 PRO PRO A . n 
A 1 132 GLU 132 224 224 GLU GLU A . n 
A 1 133 VAL 133 225 225 VAL VAL A . n 
A 1 134 GLY 134 226 226 GLY GLY A . n 
A 1 135 SER 135 227 227 SER SER A . n 
A 1 136 ASP 136 228 228 ASP ASP A . n 
A 1 137 TYR 137 229 229 TYR TYR A . n 
A 1 138 THR 138 230 230 THR THR A . n 
A 1 139 THR 139 231 231 THR THR A . n 
A 1 140 ILE 140 232 232 ILE ILE A . n 
A 1 141 TYR 141 233 233 TYR TYR A . n 
A 1 142 PHE 142 234 234 PHE PHE A . n 
A 1 143 LYS 143 235 235 LYS LYS A . n 
A 1 144 PHE 144 236 236 PHE PHE A . n 
A 1 145 MET 145 237 237 MET MET A . n 
A 1 146 CYS 146 238 238 CYS CYS A . n 
A 1 147 ASN 147 239 239 ASN ASN A . n 
A 1 148 SER 148 240 240 SER SER A . n 
A 1 149 SER 149 241 241 SER SER A . n 
A 1 150 CYS 150 242 242 CYS CYS A . n 
A 1 151 MET 151 243 243 MET MET A . n 
A 1 152 GLY 152 244 244 GLY GLY A . n 
A 1 153 GLY 153 245 245 GLY GLY A . n 
A 1 154 MET 154 246 246 MET MET A . n 
A 1 155 ASN 155 247 247 ASN ASN A . n 
A 1 156 ARG 156 248 248 ARG ARG A . n 
A 1 157 ARG 157 249 249 ARG ARG A . n 
A 1 158 PRO 158 250 250 PRO PRO A . n 
A 1 159 ILE 159 251 251 ILE ILE A . n 
A 1 160 LEU 160 252 252 LEU LEU A . n 
A 1 161 VAL 161 253 253 VAL VAL A . n 
A 1 162 ILE 162 254 254 ILE ILE A . n 
A 1 163 ILE 163 255 255 ILE ILE A . n 
A 1 164 THR 164 256 256 THR THR A . n 
A 1 165 LEU 165 257 257 LEU LEU A . n 
A 1 166 GLU 166 258 258 GLU GLU A . n 
A 1 167 ASP 167 259 259 ASP ASP A . n 
A 1 168 SER 168 260 260 SER SER A . n 
A 1 169 SER 169 261 261 SER SER A . n 
A 1 170 GLY 170 262 262 GLY GLY A . n 
A 1 171 ASN 171 263 263 ASN ASN A . n 
A 1 172 LEU 172 264 264 LEU LEU A . n 
A 1 173 LEU 173 265 265 LEU LEU A . n 
A 1 174 GLY 174 266 266 GLY GLY A . n 
A 1 175 ARG 175 267 267 ARG ARG A . n 
A 1 176 ASP 176 268 268 ASP ASP A . n 
A 1 177 SER 177 269 269 SER SER A . n 
A 1 178 PHE 178 270 270 PHE PHE A . n 
A 1 179 GLU 179 271 271 GLU GLU A . n 
A 1 180 VAL 180 272 272 VAL VAL A . n 
A 1 181 ARG 181 273 273 ARG ARG A . n 
A 1 182 VAL 182 274 274 VAL VAL A . n 
A 1 183 CYS 183 275 275 CYS CYS A . n 
A 1 184 ALA 184 276 276 ALA ALA A . n 
A 1 185 CYS 185 277 277 CYS CYS A . n 
A 1 186 PRO 186 278 278 PRO PRO A . n 
A 1 187 GLY 187 279 279 GLY GLY A . n 
A 1 188 ARG 188 280 280 ARG ARG A . n 
A 1 189 ASP 189 281 281 ASP ASP A . n 
A 1 190 ARG 190 282 282 ARG ARG A . n 
A 1 191 ARG 191 283 283 ARG ARG A . n 
A 1 192 THR 192 284 284 THR THR A . n 
A 1 193 GLU 193 285 285 GLU GLU A . n 
A 1 194 GLU 194 286 286 GLU GLU A . n 
A 1 195 GLU 195 287 287 GLU GLU A . n 
A 1 196 ASN 196 288 288 ASN ASN A . n 
A 1 197 LEU 197 289 ?   ?   ?   A . n 
A 1 198 ARG 198 290 ?   ?   ?   A . n 
A 1 199 LYS 199 291 ?   ?   ?   A . n 
A 1 200 LYS 200 292 ?   ?   ?   A . n 
# 
loop_
_pdbx_nonpoly_scheme.asym_id 
_pdbx_nonpoly_scheme.entity_id 
_pdbx_nonpoly_scheme.mon_id 
_pdbx_nonpoly_scheme.ndb_seq_num 
_pdbx_nonpoly_scheme.pdb_seq_num 
_pdbx_nonpoly_scheme.auth_seq_num 
_pdbx_nonpoly_scheme.pdb_mon_id 
_pdbx_nonpoly_scheme.auth_mon_id 
_pdbx_nonpoly_scheme.pdb_strand_id 
_pdbx_nonpoly_scheme.pdb_ins_code 
B 2 ZN  1   301 1   ZN  ZN  A . 
C 3 HOH 1   401 1   HOH TIP A . 
C 3 HOH 2   402 2   HOH TIP A . 
C 3 HOH 3   403 3   HOH TIP A . 
C 3 HOH 4   404 4   HOH TIP A . 
C 3 HOH 5   405 5   HOH TIP A . 
C 3 HOH 6   406 6   HOH TIP A . 
C 3 HOH 7   407 7   HOH TIP A . 
C 3 HOH 8   408 8   HOH TIP A . 
C 3 HOH 9   409 9   HOH TIP A . 
C 3 HOH 10  410 10  HOH TIP A . 
C 3 HOH 11  411 11  HOH TIP A . 
C 3 HOH 12  412 12  HOH TIP A . 
C 3 HOH 13  413 13  HOH TIP A . 
C 3 HOH 14  414 14  HOH TIP A . 
C 3 HOH 15  415 18  HOH TIP A . 
C 3 HOH 16  416 19  HOH TIP A . 
C 3 HOH 17  417 20  HOH TIP A . 
C 3 HOH 18  418 22  HOH TIP A . 
C 3 HOH 19  419 24  HOH TIP A . 
C 3 HOH 20  420 25  HOH TIP A . 
C 3 HOH 21  421 26  HOH TIP A . 
C 3 HOH 22  422 27  HOH TIP A . 
C 3 HOH 23  423 29  HOH TIP A . 
C 3 HOH 24  424 30  HOH TIP A . 
C 3 HOH 25  425 31  HOH TIP A . 
C 3 HOH 26  426 32  HOH TIP A . 
C 3 HOH 27  427 33  HOH TIP A . 
C 3 HOH 28  428 34  HOH TIP A . 
C 3 HOH 29  429 35  HOH TIP A . 
C 3 HOH 30  430 36  HOH TIP A . 
C 3 HOH 31  431 37  HOH TIP A . 
C 3 HOH 32  432 38  HOH TIP A . 
C 3 HOH 33  433 39  HOH TIP A . 
C 3 HOH 34  434 40  HOH TIP A . 
C 3 HOH 35  435 41  HOH TIP A . 
C 3 HOH 36  436 42  HOH TIP A . 
C 3 HOH 37  437 43  HOH TIP A . 
C 3 HOH 38  438 44  HOH TIP A . 
C 3 HOH 39  439 46  HOH TIP A . 
C 3 HOH 40  440 47  HOH TIP A . 
C 3 HOH 41  441 49  HOH TIP A . 
C 3 HOH 42  442 51  HOH TIP A . 
C 3 HOH 43  443 52  HOH TIP A . 
C 3 HOH 44  444 55  HOH TIP A . 
C 3 HOH 45  445 57  HOH TIP A . 
C 3 HOH 46  446 58  HOH TIP A . 
C 3 HOH 47  447 63  HOH TIP A . 
C 3 HOH 48  448 64  HOH TIP A . 
C 3 HOH 49  449 66  HOH TIP A . 
C 3 HOH 50  450 67  HOH TIP A . 
C 3 HOH 51  451 68  HOH TIP A . 
C 3 HOH 52  452 69  HOH TIP A . 
C 3 HOH 53  453 71  HOH TIP A . 
C 3 HOH 54  454 74  HOH TIP A . 
C 3 HOH 55  455 77  HOH TIP A . 
C 3 HOH 56  456 78  HOH TIP A . 
C 3 HOH 57  457 79  HOH TIP A . 
C 3 HOH 58  458 80  HOH TIP A . 
C 3 HOH 59  459 81  HOH TIP A . 
C 3 HOH 60  460 82  HOH TIP A . 
C 3 HOH 61  461 83  HOH TIP A . 
C 3 HOH 62  462 84  HOH TIP A . 
C 3 HOH 63  463 85  HOH TIP A . 
C 3 HOH 64  464 87  HOH TIP A . 
C 3 HOH 65  465 88  HOH TIP A . 
C 3 HOH 66  466 89  HOH TIP A . 
C 3 HOH 67  467 91  HOH TIP A . 
C 3 HOH 68  468 94  HOH TIP A . 
C 3 HOH 69  469 97  HOH TIP A . 
C 3 HOH 70  470 99  HOH TIP A . 
C 3 HOH 71  471 104 HOH TIP A . 
C 3 HOH 72  472 105 HOH TIP A . 
C 3 HOH 73  473 106 HOH TIP A . 
C 3 HOH 74  474 108 HOH TIP A . 
C 3 HOH 75  475 109 HOH TIP A . 
C 3 HOH 76  476 110 HOH TIP A . 
C 3 HOH 77  477 111 HOH TIP A . 
C 3 HOH 78  478 114 HOH TIP A . 
C 3 HOH 79  479 116 HOH TIP A . 
C 3 HOH 80  480 117 HOH TIP A . 
C 3 HOH 81  481 119 HOH TIP A . 
C 3 HOH 82  482 120 HOH TIP A . 
C 3 HOH 83  483 121 HOH TIP A . 
C 3 HOH 84  484 123 HOH TIP A . 
C 3 HOH 85  485 124 HOH TIP A . 
C 3 HOH 86  486 125 HOH TIP A . 
C 3 HOH 87  487 127 HOH TIP A . 
C 3 HOH 88  488 130 HOH TIP A . 
C 3 HOH 89  489 131 HOH TIP A . 
C 3 HOH 90  490 132 HOH TIP A . 
C 3 HOH 91  491 134 HOH TIP A . 
C 3 HOH 92  492 135 HOH TIP A . 
C 3 HOH 93  493 136 HOH TIP A . 
C 3 HOH 94  494 138 HOH TIP A . 
C 3 HOH 95  495 139 HOH TIP A . 
C 3 HOH 96  496 143 HOH TIP A . 
C 3 HOH 97  497 145 HOH TIP A . 
C 3 HOH 98  498 146 HOH TIP A . 
C 3 HOH 99  499 149 HOH TIP A . 
C 3 HOH 100 500 150 HOH TIP A . 
C 3 HOH 101 501 151 HOH TIP A . 
C 3 HOH 102 502 152 HOH TIP A . 
C 3 HOH 103 503 153 HOH TIP A . 
C 3 HOH 104 504 154 HOH TIP A . 
C 3 HOH 105 505 155 HOH TIP A . 
C 3 HOH 106 506 156 HOH TIP A . 
C 3 HOH 107 507 157 HOH TIP A . 
C 3 HOH 108 508 158 HOH TIP A . 
C 3 HOH 109 509 159 HOH TIP A . 
C 3 HOH 110 510 160 HOH TIP A . 
C 3 HOH 111 511 161 HOH TIP A . 
C 3 HOH 112 512 164 HOH TIP A . 
C 3 HOH 113 513 166 HOH TIP A . 
C 3 HOH 114 514 168 HOH TIP A . 
C 3 HOH 115 515 169 HOH TIP A . 
C 3 HOH 116 516 170 HOH TIP A . 
C 3 HOH 117 517 171 HOH TIP A . 
C 3 HOH 118 518 172 HOH TIP A . 
C 3 HOH 119 519 173 HOH TIP A . 
C 3 HOH 120 520 174 HOH TIP A . 
C 3 HOH 121 521 175 HOH TIP A . 
C 3 HOH 122 522 176 HOH TIP A . 
C 3 HOH 123 523 178 HOH TIP A . 
C 3 HOH 124 524 179 HOH TIP A . 
C 3 HOH 125 525 180 HOH TIP A . 
C 3 HOH 126 526 181 HOH TIP A . 
C 3 HOH 127 527 182 HOH TIP A . 
C 3 HOH 128 528 183 HOH TIP A . 
C 3 HOH 129 529 184 HOH TIP A . 
C 3 HOH 130 530 185 HOH TIP A . 
C 3 HOH 131 531 186 HOH TIP A . 
C 3 HOH 132 532 189 HOH TIP A . 
C 3 HOH 133 533 190 HOH TIP A . 
C 3 HOH 134 534 191 HOH TIP A . 
C 3 HOH 135 535 193 HOH TIP A . 
C 3 HOH 136 536 194 HOH TIP A . 
C 3 HOH 137 537 195 HOH TIP A . 
C 3 HOH 138 538 196 HOH TIP A . 
C 3 HOH 139 539 197 HOH TIP A . 
C 3 HOH 140 540 199 HOH TIP A . 
C 3 HOH 141 541 200 HOH TIP A . 
C 3 HOH 142 542 201 HOH TIP A . 
C 3 HOH 143 543 203 HOH TIP A . 
C 3 HOH 144 544 204 HOH TIP A . 
C 3 HOH 145 545 205 HOH TIP A . 
C 3 HOH 146 546 206 HOH TIP A . 
C 3 HOH 147 547 208 HOH TIP A . 
C 3 HOH 148 548 209 HOH TIP A . 
C 3 HOH 149 549 210 HOH TIP A . 
C 3 HOH 150 550 211 HOH TIP A . 
C 3 HOH 151 551 212 HOH TIP A . 
C 3 HOH 152 552 213 HOH TIP A . 
C 3 HOH 153 553 214 HOH TIP A . 
C 3 HOH 154 554 215 HOH TIP A . 
C 3 HOH 155 555 216 HOH TIP A . 
C 3 HOH 156 556 217 HOH TIP A . 
C 3 HOH 157 557 219 HOH TIP A . 
C 3 HOH 158 558 220 HOH TIP A . 
C 3 HOH 159 559 221 HOH TIP A . 
C 3 HOH 160 560 222 HOH TIP A . 
C 3 HOH 161 561 223 HOH TIP A . 
C 3 HOH 162 562 227 HOH TIP A . 
C 3 HOH 163 563 229 HOH TIP A . 
C 3 HOH 164 564 230 HOH TIP A . 
C 3 HOH 165 565 232 HOH TIP A . 
C 3 HOH 166 566 233 HOH TIP A . 
C 3 HOH 167 567 234 HOH TIP A . 
C 3 HOH 168 568 235 HOH TIP A . 
C 3 HOH 169 569 238 HOH TIP A . 
C 3 HOH 170 570 240 HOH TIP A . 
C 3 HOH 171 571 243 HOH TIP A . 
C 3 HOH 172 572 244 HOH TIP A . 
C 3 HOH 173 573 246 HOH TIP A . 
C 3 HOH 174 574 247 HOH TIP A . 
C 3 HOH 175 575 248 HOH TIP A . 
C 3 HOH 176 576 249 HOH TIP A . 
C 3 HOH 177 577 250 HOH TIP A . 
C 3 HOH 178 578 251 HOH TIP A . 
C 3 HOH 179 579 252 HOH TIP A . 
C 3 HOH 180 580 253 HOH TIP A . 
C 3 HOH 181 581 254 HOH TIP A . 
C 3 HOH 182 582 256 HOH TIP A . 
C 3 HOH 183 583 257 HOH TIP A . 
C 3 HOH 184 584 258 HOH TIP A . 
C 3 HOH 185 585 260 HOH TIP A . 
C 3 HOH 186 586 261 HOH TIP A . 
C 3 HOH 187 587 262 HOH TIP A . 
C 3 HOH 188 588 263 HOH TIP A . 
C 3 HOH 189 589 264 HOH TIP A . 
C 3 HOH 190 590 265 HOH TIP A . 
C 3 HOH 191 591 266 HOH TIP A . 
C 3 HOH 192 592 267 HOH TIP A . 
C 3 HOH 193 593 268 HOH TIP A . 
C 3 HOH 194 594 269 HOH TIP A . 
C 3 HOH 195 595 270 HOH TIP A . 
C 3 HOH 196 596 271 HOH TIP A . 
C 3 HOH 197 597 272 HOH TIP A . 
C 3 HOH 198 598 273 HOH TIP A . 
C 3 HOH 199 599 274 HOH TIP A . 
C 3 HOH 200 600 275 HOH TIP A . 
C 3 HOH 201 601 276 HOH TIP A . 
C 3 HOH 202 602 277 HOH TIP A . 
C 3 HOH 203 603 279 HOH TIP A . 
C 3 HOH 204 604 280 HOH TIP A . 
C 3 HOH 205 605 282 HOH TIP A . 
C 3 HOH 206 606 283 HOH TIP A . 
C 3 HOH 207 607 284 HOH TIP A . 
C 3 HOH 208 608 285 HOH TIP A . 
C 3 HOH 209 609 286 HOH TIP A . 
C 3 HOH 210 610 287 HOH TIP A . 
C 3 HOH 211 611 288 HOH TIP A . 
C 3 HOH 212 612 289 HOH TIP A . 
C 3 HOH 213 613 290 HOH TIP A . 
C 3 HOH 214 614 292 HOH TIP A . 
# 
loop_
_software.name 
_software.classification 
_software.version 
_software.citation_id 
_software.pdbx_ordinal 
MxCuBE 'data collection' . ? 1 
CNS    refinement        . ? 2 
MOSFLM 'data reduction'  . ? 3 
SCALA  'data scaling'    . ? 4 
CNS    phasing           . ? 5 
# 
_cell.entry_id           4MZI 
_cell.length_a           44.707 
_cell.length_b           62.428 
_cell.length_c           73.701 
_cell.angle_alpha        90.00 
_cell.angle_beta         90.00 
_cell.angle_gamma        90.00 
_cell.Z_PDB              4 
_cell.pdbx_unique_axis   ? 
_cell.length_a_esd       ? 
_cell.length_b_esd       ? 
_cell.length_c_esd       ? 
_cell.angle_alpha_esd    ? 
_cell.angle_beta_esd     ? 
_cell.angle_gamma_esd    ? 
# 
_symmetry.entry_id                         4MZI 
_symmetry.space_group_name_H-M             'P 21 21 21' 
_symmetry.pdbx_full_space_group_name_H-M   ? 
_symmetry.cell_setting                     ? 
_symmetry.Int_Tables_number                19 
_symmetry.space_group_name_Hall            ? 
# 
_exptl.entry_id          4MZI 
_exptl.method            'X-RAY DIFFRACTION' 
_exptl.crystals_number   ? 
# 
_exptl_crystal.id                    1 
_exptl_crystal.density_meas          ? 
_exptl_crystal.density_Matthews      2.28 
_exptl_crystal.density_percent_sol   46.11 
_exptl_crystal.description           ? 
_exptl_crystal.F_000                 ? 
_exptl_crystal.preparation           ? 
# 
_exptl_crystal_grow.crystal_id      1 
_exptl_crystal_grow.method          'VAPOR DIFFUSION, HANGING DROP' 
_exptl_crystal_grow.temp            278 
_exptl_crystal_grow.temp_details    ? 
_exptl_crystal_grow.pH              6.8 
_exptl_crystal_grow.pdbx_details    'pH 6.8, VAPOR DIFFUSION, HANGING DROP, temperature 278K' 
_exptl_crystal_grow.pdbx_pH_range   ? 
# 
_diffrn.id                     1 
_diffrn.ambient_temp           85 
_diffrn.ambient_temp_details   ? 
_diffrn.crystal_id             1 
# 
_diffrn_detector.diffrn_id              1 
_diffrn_detector.detector               PIXEL 
_diffrn_detector.type                   'DECTRIS PILATUS 6M' 
_diffrn_detector.pdbx_collection_date   2013-04-29 
_diffrn_detector.details                ? 
# 
_diffrn_radiation.diffrn_id                        1 
_diffrn_radiation.wavelength_id                    1 
_diffrn_radiation.pdbx_monochromatic_or_laue_m_l   M 
_diffrn_radiation.monochromator                    'Pt coated Si mirror' 
_diffrn_radiation.pdbx_diffrn_protocol             'SINGLE WAVELENGTH' 
_diffrn_radiation.pdbx_scattering_type             x-ray 
# 
_diffrn_radiation_wavelength.id           1 
_diffrn_radiation_wavelength.wavelength   0.93340 
_diffrn_radiation_wavelength.wt           1.0 
# 
_diffrn_source.diffrn_id                   1 
_diffrn_source.source                      SYNCHROTRON 
_diffrn_source.type                        'ESRF BEAMLINE ID29' 
_diffrn_source.pdbx_synchrotron_site       ESRF 
_diffrn_source.pdbx_synchrotron_beamline   ID29 
_diffrn_source.pdbx_wavelength             ? 
_diffrn_source.pdbx_wavelength_list        0.93340 
# 
_reflns.entry_id                     4MZI 
_reflns.observed_criterion_sigma_I   0 
_reflns.observed_criterion_sigma_F   0 
_reflns.d_resolution_low             30 
_reflns.d_resolution_high            1.25 
_reflns.number_obs                   8315 
_reflns.number_all                   ? 
_reflns.percent_possible_obs         98.9 
_reflns.pdbx_Rmerge_I_obs            ? 
_reflns.pdbx_Rsym_value              ? 
_reflns.pdbx_netI_over_sigmaI        ? 
_reflns.B_iso_Wilson_estimate        ? 
_reflns.pdbx_redundancy              ? 
_reflns.R_free_details               ? 
_reflns.limit_h_max                  ? 
_reflns.limit_h_min                  ? 
_reflns.limit_k_max                  ? 
_reflns.limit_k_min                  ? 
_reflns.limit_l_max                  ? 
_reflns.limit_l_min                  ? 
_reflns.observed_criterion_F_max     ? 
_reflns.observed_criterion_F_min     ? 
_reflns.pdbx_chi_squared             ? 
_reflns.pdbx_scaling_rejects         ? 
_reflns.pdbx_ordinal                 1 
_reflns.pdbx_diffrn_id               1 
# 
_refine.entry_id                                 4MZI 
_refine.ls_number_reflns_obs                     8315 
_refine.ls_number_reflns_all                     ? 
_refine.pdbx_ls_sigma_I                          ? 
_refine.pdbx_ls_sigma_F                          0 
_refine.pdbx_data_cutoff_high_absF               ? 
_refine.pdbx_data_cutoff_low_absF                ? 
_refine.pdbx_data_cutoff_high_rms_absF           ? 
_refine.ls_d_res_low                             30.0 
_refine.ls_d_res_high                            1.25 
_refine.ls_percent_reflns_obs                    ? 
_refine.ls_R_factor_obs                          0.198 
_refine.ls_R_factor_all                          ? 
_refine.ls_R_factor_R_work                       0.198 
_refine.ls_R_factor_R_free                       0.201 
_refine.ls_R_factor_R_free_error                 ? 
_refine.ls_R_factor_R_free_error_details         ? 
_refine.ls_percent_reflns_R_free                 ? 
_refine.ls_number_reflns_R_free                  57048 
_refine.ls_number_parameters                     ? 
_refine.ls_number_restraints                     ? 
_refine.occupancy_min                            ? 
_refine.occupancy_max                            ? 
_refine.correlation_coeff_Fo_to_Fc               ? 
_refine.correlation_coeff_Fo_to_Fc_free          ? 
_refine.B_iso_mean                               ? 
_refine.aniso_B[1][1]                            ? 
_refine.aniso_B[2][2]                            ? 
_refine.aniso_B[3][3]                            ? 
_refine.aniso_B[1][2]                            ? 
_refine.aniso_B[1][3]                            ? 
_refine.aniso_B[2][3]                            ? 
_refine.solvent_model_details                    ? 
_refine.solvent_model_param_ksol                 ? 
_refine.solvent_model_param_bsol                 ? 
_refine.pdbx_solvent_vdw_probe_radii             ? 
_refine.pdbx_solvent_ion_probe_radii             ? 
_refine.pdbx_solvent_shrinkage_radii             ? 
_refine.pdbx_ls_cross_valid_method               ? 
_refine.details                                  ? 
_refine.pdbx_starting_model                      ? 
_refine.pdbx_method_to_determine_struct          'MOLECULAR REPLACEMENT' 
_refine.pdbx_isotropic_thermal_model             ? 
_refine.pdbx_stereochemistry_target_values       'Engh & Huber' 
_refine.pdbx_stereochem_target_val_spec_case     ? 
_refine.pdbx_R_Free_selection_details            random 
_refine.pdbx_overall_ESU_R                       ? 
_refine.pdbx_overall_ESU_R_Free                  ? 
_refine.overall_SU_ML                            ? 
_refine.pdbx_overall_phase_error                 ? 
_refine.overall_SU_B                             ? 
_refine.overall_SU_R_Cruickshank_DPI             ? 
_refine.ls_redundancy_reflns_obs                 ? 
_refine.B_iso_min                                ? 
_refine.B_iso_max                                ? 
_refine.overall_SU_R_free                        ? 
_refine.ls_wR_factor_R_free                      ? 
_refine.ls_wR_factor_R_work                      ? 
_refine.overall_FOM_free_R_set                   ? 
_refine.overall_FOM_work_R_set                   ? 
_refine.pdbx_diffrn_id                           1 
_refine.pdbx_refine_id                           'X-RAY DIFFRACTION' 
_refine.pdbx_TLS_residual_ADP_flag               ? 
_refine.pdbx_overall_SU_R_free_Cruickshank_DPI   ? 
_refine.pdbx_overall_SU_R_Blow_DPI               ? 
_refine.pdbx_overall_SU_R_free_Blow_DPI          ? 
# 
_refine_hist.pdbx_refine_id                   'X-RAY DIFFRACTION' 
_refine_hist.cycle_id                         LAST 
_refine_hist.pdbx_number_atoms_protein        1518 
_refine_hist.pdbx_number_atoms_nucleic_acid   0 
_refine_hist.pdbx_number_atoms_ligand         1 
_refine_hist.number_atoms_solvent             214 
_refine_hist.number_atoms_total               1733 
_refine_hist.d_res_high                       1.25 
_refine_hist.d_res_low                        30.0 
# 
_refine_ls_restr.type                      'rmsd bonds' 
_refine_ls_restr.dev_ideal                 0.004 
_refine_ls_restr.dev_ideal_target          ? 
_refine_ls_restr.weight                    ? 
_refine_ls_restr.number                    ? 
_refine_ls_restr.pdbx_restraint_function   ? 
_refine_ls_restr.pdbx_refine_id            'X-RAY DIFFRACTION' 
# 
_struct.entry_id                  4MZI 
_struct.title                     'Crystal structure of a human mutant p53' 
_struct.pdbx_model_details        ? 
_struct.pdbx_CASP_flag            ? 
_struct.pdbx_model_type_details   ? 
# 
_struct_keywords.entry_id        4MZI 
_struct_keywords.pdbx_keywords   'ANTITUMOR PROTEIN' 
_struct_keywords.text            'loop L1, tumor suppressor, antitumour protein, dna binding, ANTITUMOR PROTEIN' 
# 
loop_
_struct_asym.id 
_struct_asym.pdbx_blank_PDB_chainid_flag 
_struct_asym.pdbx_modified 
_struct_asym.entity_id 
_struct_asym.details 
A N N 1 ? 
B N N 2 ? 
C N N 3 ? 
# 
_struct_ref.id                         1 
_struct_ref.db_name                    UNP 
_struct_ref.db_code                    P53_HUMAN 
_struct_ref.pdbx_db_accession          P04637 
_struct_ref.entity_id                  1 
_struct_ref.pdbx_seq_one_letter_code   
;SSSVPSQKTYQGSYGFRLGFLHSGTAKSVTCTYSPALNKMFCQLAKTCPVQLWVDSTPPPGTRVRAMAIYKQSQHMTEVV
RRCPHHERCSDSDGLAPPQHLIRVEGNLRVEYLDDRNTFRHSVVVPYEPPEVGSDCTTIHYNYMCNSSCMGGMNRRPILT
IITLEDSSGNLLGRNSFEVRVCACPGRDRRTEEENLRKK
;
_struct_ref.pdbx_align_begin           94 
_struct_ref.pdbx_db_isoform            ? 
# 
_struct_ref_seq.align_id                      1 
_struct_ref_seq.ref_id                        1 
_struct_ref_seq.pdbx_PDB_id_code              4MZI 
_struct_ref_seq.pdbx_strand_id                A 
_struct_ref_seq.seq_align_beg                 2 
_struct_ref_seq.pdbx_seq_align_beg_ins_code   ? 
_struct_ref_seq.seq_align_end                 200 
_struct_ref_seq.pdbx_seq_align_end_ins_code   ? 
_struct_ref_seq.pdbx_db_accession             P04637 
_struct_ref_seq.db_align_beg                  94 
_struct_ref_seq.pdbx_db_align_beg_ins_code    ? 
_struct_ref_seq.db_align_end                  292 
_struct_ref_seq.pdbx_db_align_end_ins_code    ? 
_struct_ref_seq.pdbx_auth_seq_align_beg       94 
_struct_ref_seq.pdbx_auth_seq_align_end       292 
# 
loop_
_struct_ref_seq_dif.align_id 
_struct_ref_seq_dif.pdbx_pdb_id_code 
_struct_ref_seq_dif.mon_id 
_struct_ref_seq_dif.pdbx_pdb_strand_id 
_struct_ref_seq_dif.seq_num 
_struct_ref_seq_dif.pdbx_pdb_ins_code 
_struct_ref_seq_dif.pdbx_seq_db_name 
_struct_ref_seq_dif.pdbx_seq_db_accession_code 
_struct_ref_seq_dif.db_mon_id 
_struct_ref_seq_dif.pdbx_seq_db_seq_num 
_struct_ref_seq_dif.details 
_struct_ref_seq_dif.pdbx_auth_seq_num 
_struct_ref_seq_dif.pdbx_ordinal 
1 4MZI MET A 1   ? UNP P04637 ?   ?   'initiating methionine' 93  1  
1 4MZI PHE A 29  ? UNP P04637 SER 121 'engineered mutation'   121 2  
1 4MZI GLY A 30  ? UNP P04637 VAL 122 'engineered mutation'   122 3  
1 4MZI VAL A 43  ? UNP P04637 CYS 135 conflict                135 4  
1 4MZI VAL A 49  ? UNP P04637 CYS 141 conflict                141 5  
1 4MZI TYR A 54  ? UNP P04637 TRP 146 conflict                146 6  
1 4MZI SER A 90  ? UNP P04637 CYS 182 variant                 182 7  
1 4MZI ALA A 111 ? UNP P04637 VAL 203 variant                 203 8  
1 4MZI PRO A 117 ? UNP P04637 ARG 209 conflict                209 9  
1 4MZI TYR A 137 ? UNP P04637 CYS 229 variant                 229 10 
1 4MZI TYR A 141 ? UNP P04637 HIS 233 variant                 233 11 
1 4MZI PHE A 142 ? UNP P04637 TYR 234 variant                 234 12 
1 4MZI LYS A 143 ? UNP P04637 ASN 235 conflict                235 13 
1 4MZI PHE A 144 ? UNP P04637 TYR 236 variant                 236 14 
1 4MZI VAL A 161 ? UNP P04637 THR 253 conflict                253 15 
1 4MZI ASP A 176 ? UNP P04637 ASN 268 conflict                268 16 
# 
_pdbx_struct_assembly.id                   1 
_pdbx_struct_assembly.details              author_and_software_defined_assembly 
_pdbx_struct_assembly.method_details       PISA 
_pdbx_struct_assembly.oligomeric_details   monomeric 
_pdbx_struct_assembly.oligomeric_count     1 
# 
_pdbx_struct_assembly_gen.assembly_id       1 
_pdbx_struct_assembly_gen.oper_expression   1 
_pdbx_struct_assembly_gen.asym_id_list      A,B,C 
# 
_pdbx_struct_oper_list.id                   1 
_pdbx_struct_oper_list.type                 'identity operation' 
_pdbx_struct_oper_list.name                 1_555 
_pdbx_struct_oper_list.symmetry_operation   x,y,z 
_pdbx_struct_oper_list.matrix[1][1]         1.0000000000 
_pdbx_struct_oper_list.matrix[1][2]         0.0000000000 
_pdbx_struct_oper_list.matrix[1][3]         0.0000000000 
_pdbx_struct_oper_list.vector[1]            0.0000000000 
_pdbx_struct_oper_list.matrix[2][1]         0.0000000000 
_pdbx_struct_oper_list.matrix[2][2]         1.0000000000 
_pdbx_struct_oper_list.matrix[2][3]         0.0000000000 
_pdbx_struct_oper_list.vector[2]            0.0000000000 
_pdbx_struct_oper_list.matrix[3][1]         0.0000000000 
_pdbx_struct_oper_list.matrix[3][2]         0.0000000000 
_pdbx_struct_oper_list.matrix[3][3]         1.0000000000 
_pdbx_struct_oper_list.vector[3]            0.0000000000 
# 
_struct_biol.id        1 
_struct_biol.details   ? 
# 
loop_
_struct_conf.conf_type_id 
_struct_conf.id 
_struct_conf.pdbx_PDB_helix_id 
_struct_conf.beg_label_comp_id 
_struct_conf.beg_label_asym_id 
_struct_conf.beg_label_seq_id 
_struct_conf.pdbx_beg_PDB_ins_code 
_struct_conf.end_label_comp_id 
_struct_conf.end_label_asym_id 
_struct_conf.end_label_seq_id 
_struct_conf.pdbx_end_PDB_ins_code 
_struct_conf.beg_auth_comp_id 
_struct_conf.beg_auth_asym_id 
_struct_conf.beg_auth_seq_id 
_struct_conf.end_auth_comp_id 
_struct_conf.end_auth_asym_id 
_struct_conf.end_auth_seq_id 
_struct_conf.pdbx_PDB_helix_class 
_struct_conf.details 
_struct_conf.pdbx_PDB_helix_length 
HELX_P HELX_P1 1 GLN A 73  ? MET A 77  ? GLN A 165 MET A 169 5 ? 5  
HELX_P HELX_P2 2 CYS A 84  ? ARG A 89  ? CYS A 176 ARG A 181 1 ? 6  
HELX_P HELX_P3 3 CYS A 185 ? ASN A 196 ? CYS A 277 ASN A 288 1 ? 12 
# 
_struct_conf_type.id          HELX_P 
_struct_conf_type.criteria    ? 
_struct_conf_type.reference   ? 
# 
loop_
_struct_conn.id 
_struct_conn.conn_type_id 
_struct_conn.pdbx_leaving_atom_flag 
_struct_conn.pdbx_PDB_id 
_struct_conn.ptnr1_label_asym_id 
_struct_conn.ptnr1_label_comp_id 
_struct_conn.ptnr1_label_seq_id 
_struct_conn.ptnr1_label_atom_id 
_struct_conn.pdbx_ptnr1_label_alt_id 
_struct_conn.pdbx_ptnr1_PDB_ins_code 
_struct_conn.pdbx_ptnr1_standard_comp_id 
_struct_conn.ptnr1_symmetry 
_struct_conn.ptnr2_label_asym_id 
_struct_conn.ptnr2_label_comp_id 
_struct_conn.ptnr2_label_seq_id 
_struct_conn.ptnr2_label_atom_id 
_struct_conn.pdbx_ptnr2_label_alt_id 
_struct_conn.pdbx_ptnr2_PDB_ins_code 
_struct_conn.ptnr1_auth_asym_id 
_struct_conn.ptnr1_auth_comp_id 
_struct_conn.ptnr1_auth_seq_id 
_struct_conn.ptnr2_auth_asym_id 
_struct_conn.ptnr2_auth_comp_id 
_struct_conn.ptnr2_auth_seq_id 
_struct_conn.ptnr2_symmetry 
_struct_conn.pdbx_ptnr3_label_atom_id 
_struct_conn.pdbx_ptnr3_label_seq_id 
_struct_conn.pdbx_ptnr3_label_comp_id 
_struct_conn.pdbx_ptnr3_label_asym_id 
_struct_conn.pdbx_ptnr3_label_alt_id 
_struct_conn.pdbx_ptnr3_PDB_ins_code 
_struct_conn.details 
_struct_conn.pdbx_dist_value 
_struct_conn.pdbx_value_order 
_struct_conn.pdbx_role 
metalc1 metalc ? ? A CYS 84  SG ? ? ? 1_555 B ZN . ZN ? ? A CYS 176 A ZN 301 1_555 ? ? ? ? ? ? ? 2.341 ? ? 
metalc2 metalc ? ? A CYS 146 SG ? ? ? 1_555 B ZN . ZN ? ? A CYS 238 A ZN 301 1_555 ? ? ? ? ? ? ? 2.369 ? ? 
metalc3 metalc ? ? A CYS 150 SG ? ? ? 1_555 B ZN . ZN ? ? A CYS 242 A ZN 301 1_555 ? ? ? ? ? ? ? 2.372 ? ? 
# 
_struct_conn_type.id          metalc 
_struct_conn_type.criteria    ? 
_struct_conn_type.reference   ? 
# 
loop_
_pdbx_struct_conn_angle.id 
_pdbx_struct_conn_angle.ptnr1_label_atom_id 
_pdbx_struct_conn_angle.ptnr1_label_alt_id 
_pdbx_struct_conn_angle.ptnr1_label_asym_id 
_pdbx_struct_conn_angle.ptnr1_label_comp_id 
_pdbx_struct_conn_angle.ptnr1_label_seq_id 
_pdbx_struct_conn_angle.ptnr1_auth_atom_id 
_pdbx_struct_conn_angle.ptnr1_auth_asym_id 
_pdbx_struct_conn_angle.ptnr1_auth_comp_id 
_pdbx_struct_conn_angle.ptnr1_auth_seq_id 
_pdbx_struct_conn_angle.ptnr1_PDB_ins_code 
_pdbx_struct_conn_angle.ptnr1_symmetry 
_pdbx_struct_conn_angle.ptnr2_label_atom_id 
_pdbx_struct_conn_angle.ptnr2_label_alt_id 
_pdbx_struct_conn_angle.ptnr2_label_asym_id 
_pdbx_struct_conn_angle.ptnr2_label_comp_id 
_pdbx_struct_conn_angle.ptnr2_label_seq_id 
_pdbx_struct_conn_angle.ptnr2_auth_atom_id 
_pdbx_struct_conn_angle.ptnr2_auth_asym_id 
_pdbx_struct_conn_angle.ptnr2_auth_comp_id 
_pdbx_struct_conn_angle.ptnr2_auth_seq_id 
_pdbx_struct_conn_angle.ptnr2_PDB_ins_code 
_pdbx_struct_conn_angle.ptnr2_symmetry 
_pdbx_struct_conn_angle.ptnr3_label_atom_id 
_pdbx_struct_conn_angle.ptnr3_label_alt_id 
_pdbx_struct_conn_angle.ptnr3_label_asym_id 
_pdbx_struct_conn_angle.ptnr3_label_comp_id 
_pdbx_struct_conn_angle.ptnr3_label_seq_id 
_pdbx_struct_conn_angle.ptnr3_auth_atom_id 
_pdbx_struct_conn_angle.ptnr3_auth_asym_id 
_pdbx_struct_conn_angle.ptnr3_auth_comp_id 
_pdbx_struct_conn_angle.ptnr3_auth_seq_id 
_pdbx_struct_conn_angle.ptnr3_PDB_ins_code 
_pdbx_struct_conn_angle.ptnr3_symmetry 
_pdbx_struct_conn_angle.value 
_pdbx_struct_conn_angle.value_esd 
1 SG ? A CYS 84  ? A CYS 176 ? 1_555 ZN ? B ZN . ? A ZN 301 ? 1_555 SG ? A CYS 146 ? A CYS 238 ? 1_555 111.6 ? 
2 SG ? A CYS 84  ? A CYS 176 ? 1_555 ZN ? B ZN . ? A ZN 301 ? 1_555 SG ? A CYS 150 ? A CYS 242 ? 1_555 112.3 ? 
3 SG ? A CYS 146 ? A CYS 238 ? 1_555 ZN ? B ZN . ? A ZN 301 ? 1_555 SG ? A CYS 150 ? A CYS 242 ? 1_555 114.9 ? 
# 
loop_
_struct_sheet.id 
_struct_sheet.type 
_struct_sheet.number_strands 
_struct_sheet.details 
A ? 4 ? 
B ? 7 ? 
# 
loop_
_struct_sheet_order.sheet_id 
_struct_sheet_order.range_id_1 
_struct_sheet_order.range_id_2 
_struct_sheet_order.offset 
_struct_sheet_order.sense 
A 1 2 ? anti-parallel 
A 2 3 ? anti-parallel 
A 3 4 ? anti-parallel 
B 1 2 ? anti-parallel 
B 2 3 ? parallel      
B 3 4 ? anti-parallel 
B 4 5 ? anti-parallel 
B 5 6 ? anti-parallel 
B 6 7 ? anti-parallel 
# 
loop_
_struct_sheet_range.sheet_id 
_struct_sheet_range.id 
_struct_sheet_range.beg_label_comp_id 
_struct_sheet_range.beg_label_asym_id 
_struct_sheet_range.beg_label_seq_id 
_struct_sheet_range.pdbx_beg_PDB_ins_code 
_struct_sheet_range.end_label_comp_id 
_struct_sheet_range.end_label_asym_id 
_struct_sheet_range.end_label_seq_id 
_struct_sheet_range.pdbx_end_PDB_ins_code 
_struct_sheet_range.beg_auth_comp_id 
_struct_sheet_range.beg_auth_asym_id 
_struct_sheet_range.beg_auth_seq_id 
_struct_sheet_range.end_auth_comp_id 
_struct_sheet_range.end_auth_asym_id 
_struct_sheet_range.end_auth_seq_id 
A 1 ARG A 18  ? GLY A 20  ? ARG A 110 GLY A 112 
A 2 VAL A 49  ? TYR A 54  ? VAL A 141 TYR A 146 
A 3 THR A 138 ? PHE A 144 ? THR A 230 PHE A 236 
A 4 ILE A 103 ? GLU A 106 ? ILE A 195 GLU A 198 
B 1 CYS A 32  ? SER A 35  ? CYS A 124 SER A 127 
B 2 LYS A 40  ? VAL A 43  ? LYS A 132 VAL A 135 
B 3 LEU A 172 ? VAL A 182 ? LEU A 264 VAL A 274 
B 4 ILE A 159 ? GLU A 166 ? ILE A 251 GLU A 258 
B 5 ARG A 64  ? TYR A 71  ? ARG A 156 TYR A 163 
B 6 HIS A 122 ? PRO A 127 ? HIS A 214 PRO A 219 
B 7 GLU A 112 ? ASP A 115 ? GLU A 204 ASP A 207 
# 
loop_
_pdbx_struct_sheet_hbond.sheet_id 
_pdbx_struct_sheet_hbond.range_id_1 
_pdbx_struct_sheet_hbond.range_id_2 
_pdbx_struct_sheet_hbond.range_1_label_atom_id 
_pdbx_struct_sheet_hbond.range_1_label_comp_id 
_pdbx_struct_sheet_hbond.range_1_label_asym_id 
_pdbx_struct_sheet_hbond.range_1_label_seq_id 
_pdbx_struct_sheet_hbond.range_1_PDB_ins_code 
_pdbx_struct_sheet_hbond.range_1_auth_atom_id 
_pdbx_struct_sheet_hbond.range_1_auth_comp_id 
_pdbx_struct_sheet_hbond.range_1_auth_asym_id 
_pdbx_struct_sheet_hbond.range_1_auth_seq_id 
_pdbx_struct_sheet_hbond.range_2_label_atom_id 
_pdbx_struct_sheet_hbond.range_2_label_comp_id 
_pdbx_struct_sheet_hbond.range_2_label_asym_id 
_pdbx_struct_sheet_hbond.range_2_label_seq_id 
_pdbx_struct_sheet_hbond.range_2_PDB_ins_code 
_pdbx_struct_sheet_hbond.range_2_auth_atom_id 
_pdbx_struct_sheet_hbond.range_2_auth_comp_id 
_pdbx_struct_sheet_hbond.range_2_auth_asym_id 
_pdbx_struct_sheet_hbond.range_2_auth_seq_id 
A 1 2 N GLY A 20  ? N GLY A 112 O GLN A 52  ? O GLN A 144 
A 2 3 N LEU A 53  ? N LEU A 145 O THR A 138 ? O THR A 230 
A 3 4 O TYR A 141 ? O TYR A 233 N GLU A 106 ? N GLU A 198 
B 1 2 N SER A 35  ? N SER A 127 O LYS A 40  ? O LYS A 132 
B 2 3 N MET A 41  ? N MET A 133 O GLU A 179 ? O GLU A 271 
B 3 4 O PHE A 178 ? O PHE A 270 N VAL A 161 ? N VAL A 253 
B 4 5 O ILE A 162 ? O ILE A 254 N MET A 68  ? N MET A 160 
B 5 6 N VAL A 65  ? N VAL A 157 O VAL A 126 ? O VAL A 218 
B 6 7 O VAL A 125 ? O VAL A 217 N GLU A 112 ? N GLU A 204 
# 
_struct_site.id                   AC1 
_struct_site.pdbx_evidence_code   Software 
_struct_site.pdbx_auth_asym_id    A 
_struct_site.pdbx_auth_comp_id    ZN 
_struct_site.pdbx_auth_seq_id     301 
_struct_site.pdbx_auth_ins_code   ? 
_struct_site.pdbx_num_residues    4 
_struct_site.details              'BINDING SITE FOR RESIDUE ZN A 301' 
# 
loop_
_struct_site_gen.id 
_struct_site_gen.site_id 
_struct_site_gen.pdbx_num_res 
_struct_site_gen.label_comp_id 
_struct_site_gen.label_asym_id 
_struct_site_gen.label_seq_id 
_struct_site_gen.pdbx_auth_ins_code 
_struct_site_gen.auth_comp_id 
_struct_site_gen.auth_asym_id 
_struct_site_gen.auth_seq_id 
_struct_site_gen.label_atom_id 
_struct_site_gen.label_alt_id 
_struct_site_gen.symmetry 
_struct_site_gen.details 
1 AC1 4 CYS A 84  ? CYS A 176 . ? 1_555 ? 
2 AC1 4 HIS A 87  ? HIS A 179 . ? 1_555 ? 
3 AC1 4 CYS A 146 ? CYS A 238 . ? 1_555 ? 
4 AC1 4 CYS A 150 ? CYS A 242 . ? 1_555 ? 
# 
_pdbx_validate_torsion.id              1 
_pdbx_validate_torsion.PDB_model_num   1 
_pdbx_validate_torsion.auth_comp_id    LEU 
_pdbx_validate_torsion.auth_asym_id    A 
_pdbx_validate_torsion.auth_seq_id     188 
_pdbx_validate_torsion.PDB_ins_code    ? 
_pdbx_validate_torsion.label_alt_id    ? 
_pdbx_validate_torsion.phi             -71.80 
_pdbx_validate_torsion.psi             -83.51 
# 
loop_
_pdbx_unobs_or_zero_occ_residues.id 
_pdbx_unobs_or_zero_occ_residues.PDB_model_num 
_pdbx_unobs_or_zero_occ_residues.polymer_flag 
_pdbx_unobs_or_zero_occ_residues.occupancy_flag 
_pdbx_unobs_or_zero_occ_residues.auth_asym_id 
_pdbx_unobs_or_zero_occ_residues.auth_comp_id 
_pdbx_unobs_or_zero_occ_residues.auth_seq_id 
_pdbx_unobs_or_zero_occ_residues.PDB_ins_code 
_pdbx_unobs_or_zero_occ_residues.label_asym_id 
_pdbx_unobs_or_zero_occ_residues.label_comp_id 
_pdbx_unobs_or_zero_occ_residues.label_seq_id 
1 1 Y 1 A MET 93  ? A MET 1   
2 1 Y 1 A SER 94  ? A SER 2   
3 1 Y 1 A SER 95  ? A SER 3   
4 1 Y 1 A LEU 289 ? A LEU 197 
5 1 Y 1 A ARG 290 ? A ARG 198 
6 1 Y 1 A LYS 291 ? A LYS 199 
7 1 Y 1 A LYS 292 ? A LYS 200 
# 
loop_
_chem_comp_atom.comp_id 
_chem_comp_atom.atom_id 
_chem_comp_atom.type_symbol 
_chem_comp_atom.pdbx_aromatic_flag 
_chem_comp_atom.pdbx_stereo_config 
_chem_comp_atom.pdbx_ordinal 
ALA N    N  N N 1   
ALA CA   C  N S 2   
ALA C    C  N N 3   
ALA O    O  N N 4   
ALA CB   C  N N 5   
ALA OXT  O  N N 6   
ALA H    H  N N 7   
ALA H2   H  N N 8   
ALA HA   H  N N 9   
ALA HB1  H  N N 10  
ALA HB2  H  N N 11  
ALA HB3  H  N N 12  
ALA HXT  H  N N 13  
ARG N    N  N N 14  
ARG CA   C  N S 15  
ARG C    C  N N 16  
ARG O    O  N N 17  
ARG CB   C  N N 18  
ARG CG   C  N N 19  
ARG CD   C  N N 20  
ARG NE   N  N N 21  
ARG CZ   C  N N 22  
ARG NH1  N  N N 23  
ARG NH2  N  N N 24  
ARG OXT  O  N N 25  
ARG H    H  N N 26  
ARG H2   H  N N 27  
ARG HA   H  N N 28  
ARG HB2  H  N N 29  
ARG HB3  H  N N 30  
ARG HG2  H  N N 31  
ARG HG3  H  N N 32  
ARG HD2  H  N N 33  
ARG HD3  H  N N 34  
ARG HE   H  N N 35  
ARG HH11 H  N N 36  
ARG HH12 H  N N 37  
ARG HH21 H  N N 38  
ARG HH22 H  N N 39  
ARG HXT  H  N N 40  
ASN N    N  N N 41  
ASN CA   C  N S 42  
ASN C    C  N N 43  
ASN O    O  N N 44  
ASN CB   C  N N 45  
ASN CG   C  N N 46  
ASN OD1  O  N N 47  
ASN ND2  N  N N 48  
ASN OXT  O  N N 49  
ASN H    H  N N 50  
ASN H2   H  N N 51  
ASN HA   H  N N 52  
ASN HB2  H  N N 53  
ASN HB3  H  N N 54  
ASN HD21 H  N N 55  
ASN HD22 H  N N 56  
ASN HXT  H  N N 57  
ASP N    N  N N 58  
ASP CA   C  N S 59  
ASP C    C  N N 60  
ASP O    O  N N 61  
ASP CB   C  N N 62  
ASP CG   C  N N 63  
ASP OD1  O  N N 64  
ASP OD2  O  N N 65  
ASP OXT  O  N N 66  
ASP H    H  N N 67  
ASP H2   H  N N 68  
ASP HA   H  N N 69  
ASP HB2  H  N N 70  
ASP HB3  H  N N 71  
ASP HD2  H  N N 72  
ASP HXT  H  N N 73  
CYS N    N  N N 74  
CYS CA   C  N R 75  
CYS C    C  N N 76  
CYS O    O  N N 77  
CYS CB   C  N N 78  
CYS SG   S  N N 79  
CYS OXT  O  N N 80  
CYS H    H  N N 81  
CYS H2   H  N N 82  
CYS HA   H  N N 83  
CYS HB2  H  N N 84  
CYS HB3  H  N N 85  
CYS HG   H  N N 86  
CYS HXT  H  N N 87  
GLN N    N  N N 88  
GLN CA   C  N S 89  
GLN C    C  N N 90  
GLN O    O  N N 91  
GLN CB   C  N N 92  
GLN CG   C  N N 93  
GLN CD   C  N N 94  
GLN OE1  O  N N 95  
GLN NE2  N  N N 96  
GLN OXT  O  N N 97  
GLN H    H  N N 98  
GLN H2   H  N N 99  
GLN HA   H  N N 100 
GLN HB2  H  N N 101 
GLN HB3  H  N N 102 
GLN HG2  H  N N 103 
GLN HG3  H  N N 104 
GLN HE21 H  N N 105 
GLN HE22 H  N N 106 
GLN HXT  H  N N 107 
GLU N    N  N N 108 
GLU CA   C  N S 109 
GLU C    C  N N 110 
GLU O    O  N N 111 
GLU CB   C  N N 112 
GLU CG   C  N N 113 
GLU CD   C  N N 114 
GLU OE1  O  N N 115 
GLU OE2  O  N N 116 
GLU OXT  O  N N 117 
GLU H    H  N N 118 
GLU H2   H  N N 119 
GLU HA   H  N N 120 
GLU HB2  H  N N 121 
GLU HB3  H  N N 122 
GLU HG2  H  N N 123 
GLU HG3  H  N N 124 
GLU HE2  H  N N 125 
GLU HXT  H  N N 126 
GLY N    N  N N 127 
GLY CA   C  N N 128 
GLY C    C  N N 129 
GLY O    O  N N 130 
GLY OXT  O  N N 131 
GLY H    H  N N 132 
GLY H2   H  N N 133 
GLY HA2  H  N N 134 
GLY HA3  H  N N 135 
GLY HXT  H  N N 136 
HIS N    N  N N 137 
HIS CA   C  N S 138 
HIS C    C  N N 139 
HIS O    O  N N 140 
HIS CB   C  N N 141 
HIS CG   C  Y N 142 
HIS ND1  N  Y N 143 
HIS CD2  C  Y N 144 
HIS CE1  C  Y N 145 
HIS NE2  N  Y N 146 
HIS OXT  O  N N 147 
HIS H    H  N N 148 
HIS H2   H  N N 149 
HIS HA   H  N N 150 
HIS HB2  H  N N 151 
HIS HB3  H  N N 152 
HIS HD1  H  N N 153 
HIS HD2  H  N N 154 
HIS HE1  H  N N 155 
HIS HE2  H  N N 156 
HIS HXT  H  N N 157 
HOH O    O  N N 158 
HOH H1   H  N N 159 
HOH H2   H  N N 160 
ILE N    N  N N 161 
ILE CA   C  N S 162 
ILE C    C  N N 163 
ILE O    O  N N 164 
ILE CB   C  N S 165 
ILE CG1  C  N N 166 
ILE CG2  C  N N 167 
ILE CD1  C  N N 168 
ILE OXT  O  N N 169 
ILE H    H  N N 170 
ILE H2   H  N N 171 
ILE HA   H  N N 172 
ILE HB   H  N N 173 
ILE HG12 H  N N 174 
ILE HG13 H  N N 175 
ILE HG21 H  N N 176 
ILE HG22 H  N N 177 
ILE HG23 H  N N 178 
ILE HD11 H  N N 179 
ILE HD12 H  N N 180 
ILE HD13 H  N N 181 
ILE HXT  H  N N 182 
LEU N    N  N N 183 
LEU CA   C  N S 184 
LEU C    C  N N 185 
LEU O    O  N N 186 
LEU CB   C  N N 187 
LEU CG   C  N N 188 
LEU CD1  C  N N 189 
LEU CD2  C  N N 190 
LEU OXT  O  N N 191 
LEU H    H  N N 192 
LEU H2   H  N N 193 
LEU HA   H  N N 194 
LEU HB2  H  N N 195 
LEU HB3  H  N N 196 
LEU HG   H  N N 197 
LEU HD11 H  N N 198 
LEU HD12 H  N N 199 
LEU HD13 H  N N 200 
LEU HD21 H  N N 201 
LEU HD22 H  N N 202 
LEU HD23 H  N N 203 
LEU HXT  H  N N 204 
LYS N    N  N N 205 
LYS CA   C  N S 206 
LYS C    C  N N 207 
LYS O    O  N N 208 
LYS CB   C  N N 209 
LYS CG   C  N N 210 
LYS CD   C  N N 211 
LYS CE   C  N N 212 
LYS NZ   N  N N 213 
LYS OXT  O  N N 214 
LYS H    H  N N 215 
LYS H2   H  N N 216 
LYS HA   H  N N 217 
LYS HB2  H  N N 218 
LYS HB3  H  N N 219 
LYS HG2  H  N N 220 
LYS HG3  H  N N 221 
LYS HD2  H  N N 222 
LYS HD3  H  N N 223 
LYS HE2  H  N N 224 
LYS HE3  H  N N 225 
LYS HZ1  H  N N 226 
LYS HZ2  H  N N 227 
LYS HZ3  H  N N 228 
LYS HXT  H  N N 229 
MET N    N  N N 230 
MET CA   C  N S 231 
MET C    C  N N 232 
MET O    O  N N 233 
MET CB   C  N N 234 
MET CG   C  N N 235 
MET SD   S  N N 236 
MET CE   C  N N 237 
MET OXT  O  N N 238 
MET H    H  N N 239 
MET H2   H  N N 240 
MET HA   H  N N 241 
MET HB2  H  N N 242 
MET HB3  H  N N 243 
MET HG2  H  N N 244 
MET HG3  H  N N 245 
MET HE1  H  N N 246 
MET HE2  H  N N 247 
MET HE3  H  N N 248 
MET HXT  H  N N 249 
PHE N    N  N N 250 
PHE CA   C  N S 251 
PHE C    C  N N 252 
PHE O    O  N N 253 
PHE CB   C  N N 254 
PHE CG   C  Y N 255 
PHE CD1  C  Y N 256 
PHE CD2  C  Y N 257 
PHE CE1  C  Y N 258 
PHE CE2  C  Y N 259 
PHE CZ   C  Y N 260 
PHE OXT  O  N N 261 
PHE H    H  N N 262 
PHE H2   H  N N 263 
PHE HA   H  N N 264 
PHE HB2  H  N N 265 
PHE HB3  H  N N 266 
PHE HD1  H  N N 267 
PHE HD2  H  N N 268 
PHE HE1  H  N N 269 
PHE HE2  H  N N 270 
PHE HZ   H  N N 271 
PHE HXT  H  N N 272 
PRO N    N  N N 273 
PRO CA   C  N S 274 
PRO C    C  N N 275 
PRO O    O  N N 276 
PRO CB   C  N N 277 
PRO CG   C  N N 278 
PRO CD   C  N N 279 
PRO OXT  O  N N 280 
PRO H    H  N N 281 
PRO HA   H  N N 282 
PRO HB2  H  N N 283 
PRO HB3  H  N N 284 
PRO HG2  H  N N 285 
PRO HG3  H  N N 286 
PRO HD2  H  N N 287 
PRO HD3  H  N N 288 
PRO HXT  H  N N 289 
SER N    N  N N 290 
SER CA   C  N S 291 
SER C    C  N N 292 
SER O    O  N N 293 
SER CB   C  N N 294 
SER OG   O  N N 295 
SER OXT  O  N N 296 
SER H    H  N N 297 
SER H2   H  N N 298 
SER HA   H  N N 299 
SER HB2  H  N N 300 
SER HB3  H  N N 301 
SER HG   H  N N 302 
SER HXT  H  N N 303 
THR N    N  N N 304 
THR CA   C  N S 305 
THR C    C  N N 306 
THR O    O  N N 307 
THR CB   C  N R 308 
THR OG1  O  N N 309 
THR CG2  C  N N 310 
THR OXT  O  N N 311 
THR H    H  N N 312 
THR H2   H  N N 313 
THR HA   H  N N 314 
THR HB   H  N N 315 
THR HG1  H  N N 316 
THR HG21 H  N N 317 
THR HG22 H  N N 318 
THR HG23 H  N N 319 
THR HXT  H  N N 320 
TRP N    N  N N 321 
TRP CA   C  N S 322 
TRP C    C  N N 323 
TRP O    O  N N 324 
TRP CB   C  N N 325 
TRP CG   C  Y N 326 
TRP CD1  C  Y N 327 
TRP CD2  C  Y N 328 
TRP NE1  N  Y N 329 
TRP CE2  C  Y N 330 
TRP CE3  C  Y N 331 
TRP CZ2  C  Y N 332 
TRP CZ3  C  Y N 333 
TRP CH2  C  Y N 334 
TRP OXT  O  N N 335 
TRP H    H  N N 336 
TRP H2   H  N N 337 
TRP HA   H  N N 338 
TRP HB2  H  N N 339 
TRP HB3  H  N N 340 
TRP HD1  H  N N 341 
TRP HE1  H  N N 342 
TRP HE3  H  N N 343 
TRP HZ2  H  N N 344 
TRP HZ3  H  N N 345 
TRP HH2  H  N N 346 
TRP HXT  H  N N 347 
TYR N    N  N N 348 
TYR CA   C  N S 349 
TYR C    C  N N 350 
TYR O    O  N N 351 
TYR CB   C  N N 352 
TYR CG   C  Y N 353 
TYR CD1  C  Y N 354 
TYR CD2  C  Y N 355 
TYR CE1  C  Y N 356 
TYR CE2  C  Y N 357 
TYR CZ   C  Y N 358 
TYR OH   O  N N 359 
TYR OXT  O  N N 360 
TYR H    H  N N 361 
TYR H2   H  N N 362 
TYR HA   H  N N 363 
TYR HB2  H  N N 364 
TYR HB3  H  N N 365 
TYR HD1  H  N N 366 
TYR HD2  H  N N 367 
TYR HE1  H  N N 368 
TYR HE2  H  N N 369 
TYR HH   H  N N 370 
TYR HXT  H  N N 371 
VAL N    N  N N 372 
VAL CA   C  N S 373 
VAL C    C  N N 374 
VAL O    O  N N 375 
VAL CB   C  N N 376 
VAL CG1  C  N N 377 
VAL CG2  C  N N 378 
VAL OXT  O  N N 379 
VAL H    H  N N 380 
VAL H2   H  N N 381 
VAL HA   H  N N 382 
VAL HB   H  N N 383 
VAL HG11 H  N N 384 
VAL HG12 H  N N 385 
VAL HG13 H  N N 386 
VAL HG21 H  N N 387 
VAL HG22 H  N N 388 
VAL HG23 H  N N 389 
VAL HXT  H  N N 390 
ZN  ZN   ZN N N 391 
# 
loop_
_chem_comp_bond.comp_id 
_chem_comp_bond.atom_id_1 
_chem_comp_bond.atom_id_2 
_chem_comp_bond.value_order 
_chem_comp_bond.pdbx_aromatic_flag 
_chem_comp_bond.pdbx_stereo_config 
_chem_comp_bond.pdbx_ordinal 
ALA N   CA   sing N N 1   
ALA N   H    sing N N 2   
ALA N   H2   sing N N 3   
ALA CA  C    sing N N 4   
ALA CA  CB   sing N N 5   
ALA CA  HA   sing N N 6   
ALA C   O    doub N N 7   
ALA C   OXT  sing N N 8   
ALA CB  HB1  sing N N 9   
ALA CB  HB2  sing N N 10  
ALA CB  HB3  sing N N 11  
ALA OXT HXT  sing N N 12  
ARG N   CA   sing N N 13  
ARG N   H    sing N N 14  
ARG N   H2   sing N N 15  
ARG CA  C    sing N N 16  
ARG CA  CB   sing N N 17  
ARG CA  HA   sing N N 18  
ARG C   O    doub N N 19  
ARG C   OXT  sing N N 20  
ARG CB  CG   sing N N 21  
ARG CB  HB2  sing N N 22  
ARG CB  HB3  sing N N 23  
ARG CG  CD   sing N N 24  
ARG CG  HG2  sing N N 25  
ARG CG  HG3  sing N N 26  
ARG CD  NE   sing N N 27  
ARG CD  HD2  sing N N 28  
ARG CD  HD3  sing N N 29  
ARG NE  CZ   sing N N 30  
ARG NE  HE   sing N N 31  
ARG CZ  NH1  sing N N 32  
ARG CZ  NH2  doub N N 33  
ARG NH1 HH11 sing N N 34  
ARG NH1 HH12 sing N N 35  
ARG NH2 HH21 sing N N 36  
ARG NH2 HH22 sing N N 37  
ARG OXT HXT  sing N N 38  
ASN N   CA   sing N N 39  
ASN N   H    sing N N 40  
ASN N   H2   sing N N 41  
ASN CA  C    sing N N 42  
ASN CA  CB   sing N N 43  
ASN CA  HA   sing N N 44  
ASN C   O    doub N N 45  
ASN C   OXT  sing N N 46  
ASN CB  CG   sing N N 47  
ASN CB  HB2  sing N N 48  
ASN CB  HB3  sing N N 49  
ASN CG  OD1  doub N N 50  
ASN CG  ND2  sing N N 51  
ASN ND2 HD21 sing N N 52  
ASN ND2 HD22 sing N N 53  
ASN OXT HXT  sing N N 54  
ASP N   CA   sing N N 55  
ASP N   H    sing N N 56  
ASP N   H2   sing N N 57  
ASP CA  C    sing N N 58  
ASP CA  CB   sing N N 59  
ASP CA  HA   sing N N 60  
ASP C   O    doub N N 61  
ASP C   OXT  sing N N 62  
ASP CB  CG   sing N N 63  
ASP CB  HB2  sing N N 64  
ASP CB  HB3  sing N N 65  
ASP CG  OD1  doub N N 66  
ASP CG  OD2  sing N N 67  
ASP OD2 HD2  sing N N 68  
ASP OXT HXT  sing N N 69  
CYS N   CA   sing N N 70  
CYS N   H    sing N N 71  
CYS N   H2   sing N N 72  
CYS CA  C    sing N N 73  
CYS CA  CB   sing N N 74  
CYS CA  HA   sing N N 75  
CYS C   O    doub N N 76  
CYS C   OXT  sing N N 77  
CYS CB  SG   sing N N 78  
CYS CB  HB2  sing N N 79  
CYS CB  HB3  sing N N 80  
CYS SG  HG   sing N N 81  
CYS OXT HXT  sing N N 82  
GLN N   CA   sing N N 83  
GLN N   H    sing N N 84  
GLN N   H2   sing N N 85  
GLN CA  C    sing N N 86  
GLN CA  CB   sing N N 87  
GLN CA  HA   sing N N 88  
GLN C   O    doub N N 89  
GLN C   OXT  sing N N 90  
GLN CB  CG   sing N N 91  
GLN CB  HB2  sing N N 92  
GLN CB  HB3  sing N N 93  
GLN CG  CD   sing N N 94  
GLN CG  HG2  sing N N 95  
GLN CG  HG3  sing N N 96  
GLN CD  OE1  doub N N 97  
GLN CD  NE2  sing N N 98  
GLN NE2 HE21 sing N N 99  
GLN NE2 HE22 sing N N 100 
GLN OXT HXT  sing N N 101 
GLU N   CA   sing N N 102 
GLU N   H    sing N N 103 
GLU N   H2   sing N N 104 
GLU CA  C    sing N N 105 
GLU CA  CB   sing N N 106 
GLU CA  HA   sing N N 107 
GLU C   O    doub N N 108 
GLU C   OXT  sing N N 109 
GLU CB  CG   sing N N 110 
GLU CB  HB2  sing N N 111 
GLU CB  HB3  sing N N 112 
GLU CG  CD   sing N N 113 
GLU CG  HG2  sing N N 114 
GLU CG  HG3  sing N N 115 
GLU CD  OE1  doub N N 116 
GLU CD  OE2  sing N N 117 
GLU OE2 HE2  sing N N 118 
GLU OXT HXT  sing N N 119 
GLY N   CA   sing N N 120 
GLY N   H    sing N N 121 
GLY N   H2   sing N N 122 
GLY CA  C    sing N N 123 
GLY CA  HA2  sing N N 124 
GLY CA  HA3  sing N N 125 
GLY C   O    doub N N 126 
GLY C   OXT  sing N N 127 
GLY OXT HXT  sing N N 128 
HIS N   CA   sing N N 129 
HIS N   H    sing N N 130 
HIS N   H2   sing N N 131 
HIS CA  C    sing N N 132 
HIS CA  CB   sing N N 133 
HIS CA  HA   sing N N 134 
HIS C   O    doub N N 135 
HIS C   OXT  sing N N 136 
HIS CB  CG   sing N N 137 
HIS CB  HB2  sing N N 138 
HIS CB  HB3  sing N N 139 
HIS CG  ND1  sing Y N 140 
HIS CG  CD2  doub Y N 141 
HIS ND1 CE1  doub Y N 142 
HIS ND1 HD1  sing N N 143 
HIS CD2 NE2  sing Y N 144 
HIS CD2 HD2  sing N N 145 
HIS CE1 NE2  sing Y N 146 
HIS CE1 HE1  sing N N 147 
HIS NE2 HE2  sing N N 148 
HIS OXT HXT  sing N N 149 
HOH O   H1   sing N N 150 
HOH O   H2   sing N N 151 
ILE N   CA   sing N N 152 
ILE N   H    sing N N 153 
ILE N   H2   sing N N 154 
ILE CA  C    sing N N 155 
ILE CA  CB   sing N N 156 
ILE CA  HA   sing N N 157 
ILE C   O    doub N N 158 
ILE C   OXT  sing N N 159 
ILE CB  CG1  sing N N 160 
ILE CB  CG2  sing N N 161 
ILE CB  HB   sing N N 162 
ILE CG1 CD1  sing N N 163 
ILE CG1 HG12 sing N N 164 
ILE CG1 HG13 sing N N 165 
ILE CG2 HG21 sing N N 166 
ILE CG2 HG22 sing N N 167 
ILE CG2 HG23 sing N N 168 
ILE CD1 HD11 sing N N 169 
ILE CD1 HD12 sing N N 170 
ILE CD1 HD13 sing N N 171 
ILE OXT HXT  sing N N 172 
LEU N   CA   sing N N 173 
LEU N   H    sing N N 174 
LEU N   H2   sing N N 175 
LEU CA  C    sing N N 176 
LEU CA  CB   sing N N 177 
LEU CA  HA   sing N N 178 
LEU C   O    doub N N 179 
LEU C   OXT  sing N N 180 
LEU CB  CG   sing N N 181 
LEU CB  HB2  sing N N 182 
LEU CB  HB3  sing N N 183 
LEU CG  CD1  sing N N 184 
LEU CG  CD2  sing N N 185 
LEU CG  HG   sing N N 186 
LEU CD1 HD11 sing N N 187 
LEU CD1 HD12 sing N N 188 
LEU CD1 HD13 sing N N 189 
LEU CD2 HD21 sing N N 190 
LEU CD2 HD22 sing N N 191 
LEU CD2 HD23 sing N N 192 
LEU OXT HXT  sing N N 193 
LYS N   CA   sing N N 194 
LYS N   H    sing N N 195 
LYS N   H2   sing N N 196 
LYS CA  C    sing N N 197 
LYS CA  CB   sing N N 198 
LYS CA  HA   sing N N 199 
LYS C   O    doub N N 200 
LYS C   OXT  sing N N 201 
LYS CB  CG   sing N N 202 
LYS CB  HB2  sing N N 203 
LYS CB  HB3  sing N N 204 
LYS CG  CD   sing N N 205 
LYS CG  HG2  sing N N 206 
LYS CG  HG3  sing N N 207 
LYS CD  CE   sing N N 208 
LYS CD  HD2  sing N N 209 
LYS CD  HD3  sing N N 210 
LYS CE  NZ   sing N N 211 
LYS CE  HE2  sing N N 212 
LYS CE  HE3  sing N N 213 
LYS NZ  HZ1  sing N N 214 
LYS NZ  HZ2  sing N N 215 
LYS NZ  HZ3  sing N N 216 
LYS OXT HXT  sing N N 217 
MET N   CA   sing N N 218 
MET N   H    sing N N 219 
MET N   H2   sing N N 220 
MET CA  C    sing N N 221 
MET CA  CB   sing N N 222 
MET CA  HA   sing N N 223 
MET C   O    doub N N 224 
MET C   OXT  sing N N 225 
MET CB  CG   sing N N 226 
MET CB  HB2  sing N N 227 
MET CB  HB3  sing N N 228 
MET CG  SD   sing N N 229 
MET CG  HG2  sing N N 230 
MET CG  HG3  sing N N 231 
MET SD  CE   sing N N 232 
MET CE  HE1  sing N N 233 
MET CE  HE2  sing N N 234 
MET CE  HE3  sing N N 235 
MET OXT HXT  sing N N 236 
PHE N   CA   sing N N 237 
PHE N   H    sing N N 238 
PHE N   H2   sing N N 239 
PHE CA  C    sing N N 240 
PHE CA  CB   sing N N 241 
PHE CA  HA   sing N N 242 
PHE C   O    doub N N 243 
PHE C   OXT  sing N N 244 
PHE CB  CG   sing N N 245 
PHE CB  HB2  sing N N 246 
PHE CB  HB3  sing N N 247 
PHE CG  CD1  doub Y N 248 
PHE CG  CD2  sing Y N 249 
PHE CD1 CE1  sing Y N 250 
PHE CD1 HD1  sing N N 251 
PHE CD2 CE2  doub Y N 252 
PHE CD2 HD2  sing N N 253 
PHE CE1 CZ   doub Y N 254 
PHE CE1 HE1  sing N N 255 
PHE CE2 CZ   sing Y N 256 
PHE CE2 HE2  sing N N 257 
PHE CZ  HZ   sing N N 258 
PHE OXT HXT  sing N N 259 
PRO N   CA   sing N N 260 
PRO N   CD   sing N N 261 
PRO N   H    sing N N 262 
PRO CA  C    sing N N 263 
PRO CA  CB   sing N N 264 
PRO CA  HA   sing N N 265 
PRO C   O    doub N N 266 
PRO C   OXT  sing N N 267 
PRO CB  CG   sing N N 268 
PRO CB  HB2  sing N N 269 
PRO CB  HB3  sing N N 270 
PRO CG  CD   sing N N 271 
PRO CG  HG2  sing N N 272 
PRO CG  HG3  sing N N 273 
PRO CD  HD2  sing N N 274 
PRO CD  HD3  sing N N 275 
PRO OXT HXT  sing N N 276 
SER N   CA   sing N N 277 
SER N   H    sing N N 278 
SER N   H2   sing N N 279 
SER CA  C    sing N N 280 
SER CA  CB   sing N N 281 
SER CA  HA   sing N N 282 
SER C   O    doub N N 283 
SER C   OXT  sing N N 284 
SER CB  OG   sing N N 285 
SER CB  HB2  sing N N 286 
SER CB  HB3  sing N N 287 
SER OG  HG   sing N N 288 
SER OXT HXT  sing N N 289 
THR N   CA   sing N N 290 
THR N   H    sing N N 291 
THR N   H2   sing N N 292 
THR CA  C    sing N N 293 
THR CA  CB   sing N N 294 
THR CA  HA   sing N N 295 
THR C   O    doub N N 296 
THR C   OXT  sing N N 297 
THR CB  OG1  sing N N 298 
THR CB  CG2  sing N N 299 
THR CB  HB   sing N N 300 
THR OG1 HG1  sing N N 301 
THR CG2 HG21 sing N N 302 
THR CG2 HG22 sing N N 303 
THR CG2 HG23 sing N N 304 
THR OXT HXT  sing N N 305 
TRP N   CA   sing N N 306 
TRP N   H    sing N N 307 
TRP N   H2   sing N N 308 
TRP CA  C    sing N N 309 
TRP CA  CB   sing N N 310 
TRP CA  HA   sing N N 311 
TRP C   O    doub N N 312 
TRP C   OXT  sing N N 313 
TRP CB  CG   sing N N 314 
TRP CB  HB2  sing N N 315 
TRP CB  HB3  sing N N 316 
TRP CG  CD1  doub Y N 317 
TRP CG  CD2  sing Y N 318 
TRP CD1 NE1  sing Y N 319 
TRP CD1 HD1  sing N N 320 
TRP CD2 CE2  doub Y N 321 
TRP CD2 CE3  sing Y N 322 
TRP NE1 CE2  sing Y N 323 
TRP NE1 HE1  sing N N 324 
TRP CE2 CZ2  sing Y N 325 
TRP CE3 CZ3  doub Y N 326 
TRP CE3 HE3  sing N N 327 
TRP CZ2 CH2  doub Y N 328 
TRP CZ2 HZ2  sing N N 329 
TRP CZ3 CH2  sing Y N 330 
TRP CZ3 HZ3  sing N N 331 
TRP CH2 HH2  sing N N 332 
TRP OXT HXT  sing N N 333 
TYR N   CA   sing N N 334 
TYR N   H    sing N N 335 
TYR N   H2   sing N N 336 
TYR CA  C    sing N N 337 
TYR CA  CB   sing N N 338 
TYR CA  HA   sing N N 339 
TYR C   O    doub N N 340 
TYR C   OXT  sing N N 341 
TYR CB  CG   sing N N 342 
TYR CB  HB2  sing N N 343 
TYR CB  HB3  sing N N 344 
TYR CG  CD1  doub Y N 345 
TYR CG  CD2  sing Y N 346 
TYR CD1 CE1  sing Y N 347 
TYR CD1 HD1  sing N N 348 
TYR CD2 CE2  doub Y N 349 
TYR CD2 HD2  sing N N 350 
TYR CE1 CZ   doub Y N 351 
TYR CE1 HE1  sing N N 352 
TYR CE2 CZ   sing Y N 353 
TYR CE2 HE2  sing N N 354 
TYR CZ  OH   sing N N 355 
TYR OH  HH   sing N N 356 
TYR OXT HXT  sing N N 357 
VAL N   CA   sing N N 358 
VAL N   H    sing N N 359 
VAL N   H2   sing N N 360 
VAL CA  C    sing N N 361 
VAL CA  CB   sing N N 362 
VAL CA  HA   sing N N 363 
VAL C   O    doub N N 364 
VAL C   OXT  sing N N 365 
VAL CB  CG1  sing N N 366 
VAL CB  CG2  sing N N 367 
VAL CB  HB   sing N N 368 
VAL CG1 HG11 sing N N 369 
VAL CG1 HG12 sing N N 370 
VAL CG1 HG13 sing N N 371 
VAL CG2 HG21 sing N N 372 
VAL CG2 HG22 sing N N 373 
VAL CG2 HG23 sing N N 374 
VAL OXT HXT  sing N N 375 
# 
_atom_sites.entry_id                    4MZI 
_atom_sites.fract_transf_matrix[1][1]   0.01507805 
_atom_sites.fract_transf_matrix[1][2]   -0.00983235 
_atom_sites.fract_transf_matrix[1][3]   -0.01327797 
_atom_sites.fract_transf_matrix[2][1]   0.00254771 
_atom_sites.fract_transf_matrix[2][2]   -0.01118724 
_atom_sites.fract_transf_matrix[2][3]   0.01117726 
_atom_sites.fract_transf_matrix[3][1]   -0.00978689 
_atom_sites.fract_transf_matrix[3][2]   -0.00766310 
_atom_sites.fract_transf_matrix[3][3]   -0.00543915 
_atom_sites.fract_transf_vector[1]      -0.430650 
_atom_sites.fract_transf_vector[2]      -0.085185 
_atom_sites.fract_transf_vector[3]      0.109636 
# 
loop_
_atom_type.symbol 
C  
N  
O  
S  
ZN 
# 
loop_
_atom_site.group_PDB 
_atom_site.id 
_atom_site.type_symbol 
_atom_site.label_atom_id 
_atom_site.label_alt_id 
_atom_site.label_comp_id 
_atom_site.label_asym_id 
_atom_site.label_entity_id 
_atom_site.label_seq_id 
_atom_site.pdbx_PDB_ins_code 
_atom_site.Cartn_x 
_atom_site.Cartn_y 
_atom_site.Cartn_z 
_atom_site.occupancy 
_atom_site.B_iso_or_equiv 
_atom_site.pdbx_formal_charge 
_atom_site.auth_seq_id 
_atom_site.auth_comp_id 
_atom_site.auth_asym_id 
_atom_site.auth_atom_id 
_atom_site.pdbx_PDB_model_num 
ATOM   1    N  N   . SER A 1 4   ? 1.133   3.912   -19.381 1.00 32.05 ? 96  SER A N   1 
ATOM   2    C  CA  . SER A 1 4   ? 2.209   4.560   -18.577 1.00 30.12 ? 96  SER A CA  1 
ATOM   3    C  C   . SER A 1 4   ? 2.328   3.896   -17.209 1.00 27.78 ? 96  SER A C   1 
ATOM   4    O  O   . SER A 1 4   ? 2.198   4.554   -16.175 1.00 30.42 ? 96  SER A O   1 
ATOM   5    C  CB  . SER A 1 4   ? 1.907   6.052   -18.404 1.00 32.80 ? 96  SER A CB  1 
ATOM   6    O  OG  . SER A 1 4   ? 2.941   6.704   -17.687 1.00 36.21 ? 96  SER A OG  1 
ATOM   7    N  N   . VAL A 1 5   ? 2.576   2.590   -17.213 1.00 22.23 ? 97  VAL A N   1 
ATOM   8    C  CA  . VAL A 1 5   ? 2.712   1.820   -15.979 1.00 17.19 ? 97  VAL A CA  1 
ATOM   9    C  C   . VAL A 1 5   ? 3.727   2.457   -15.037 1.00 14.58 ? 97  VAL A C   1 
ATOM   10   O  O   . VAL A 1 5   ? 4.871   2.705   -15.416 1.00 15.50 ? 97  VAL A O   1 
ATOM   11   C  CB  . VAL A 1 5   ? 3.172   0.372   -16.269 1.00 15.11 ? 97  VAL A CB  1 
ATOM   12   C  CG1 . VAL A 1 5   ? 3.192   -0.435  -14.980 1.00 16.09 ? 97  VAL A CG1 1 
ATOM   13   C  CG2 . VAL A 1 5   ? 2.254   -0.274  -17.294 1.00 15.16 ? 97  VAL A CG2 1 
ATOM   14   N  N   . PRO A 1 6   ? 3.320   2.729   -13.787 1.00 12.87 ? 98  PRO A N   1 
ATOM   15   C  CA  . PRO A 1 6   ? 4.238   3.339   -12.823 1.00 11.59 ? 98  PRO A CA  1 
ATOM   16   C  C   . PRO A 1 6   ? 5.456   2.469   -12.547 1.00 10.44 ? 98  PRO A C   1 
ATOM   17   O  O   . PRO A 1 6   ? 5.383   1.242   -12.565 1.00 10.33 ? 98  PRO A O   1 
ATOM   18   C  CB  . PRO A 1 6   ? 3.367   3.531   -11.583 1.00 14.11 ? 98  PRO A CB  1 
ATOM   19   C  CG  . PRO A 1 6   ? 2.344   2.461   -11.714 1.00 21.56 ? 98  PRO A CG  1 
ATOM   20   C  CD  . PRO A 1 6   ? 2.001   2.498   -13.178 1.00 15.10 ? 98  PRO A CD  1 
ATOM   21   N  N   . SER A 1 7   ? 6.580   3.124   -12.301 1.00 9.20  ? 99  SER A N   1 
ATOM   22   C  CA  . SER A 1 7   ? 7.824   2.434   -12.014 1.00 8.50  ? 99  SER A CA  1 
ATOM   23   C  C   . SER A 1 7   ? 7.762   1.729   -10.668 1.00 7.96  ? 99  SER A C   1 
ATOM   24   O  O   . SER A 1 7   ? 7.096   2.191   -9.740  1.00 8.99  ? 99  SER A O   1 
ATOM   25   C  CB  . SER A 1 7   ? 8.975   3.439   -12.000 1.00 9.54  ? 99  SER A CB  1 
ATOM   26   O  OG  . SER A 1 7   ? 10.167  2.838   -11.529 1.00 9.79  ? 99  SER A OG  1 
ATOM   27   N  N   . GLN A 1 8   ? 8.456   0.603   -10.567 1.00 8.83  ? 100 GLN A N   1 
ATOM   28   C  CA  . GLN A 1 8   ? 8.515   -0.135  -9.316  1.00 8.06  ? 100 GLN A CA  1 
ATOM   29   C  C   . GLN A 1 8   ? 9.979   -0.286  -8.905  1.00 8.31  ? 100 GLN A C   1 
ATOM   30   O  O   . GLN A 1 8   ? 10.309  -1.086  -8.037  1.00 9.07  ? 100 GLN A O   1 
ATOM   31   C  CB  . GLN A 1 8   ? 7.862   -1.511  -9.465  1.00 9.71  ? 100 GLN A CB  1 
ATOM   32   C  CG  . GLN A 1 8   ? 8.563   -2.438  -10.436 1.00 10.66 ? 100 GLN A CG  1 
ATOM   33   C  CD  . GLN A 1 8   ? 7.839   -3.759  -10.592 1.00 12.03 ? 100 GLN A CD  1 
ATOM   34   O  OE1 . GLN A 1 8   ? 6.846   -3.856  -11.315 1.00 13.53 ? 100 GLN A OE1 1 
ATOM   35   N  NE2 . GLN A 1 8   ? 8.323   -4.782  -9.899  1.00 13.53 ? 100 GLN A NE2 1 
ATOM   36   N  N   . LYS A 1 9   ? 10.858  0.499   -9.525  1.00 7.21  ? 101 LYS A N   1 
ATOM   37   C  CA  . LYS A 1 9   ? 12.281  0.423   -9.216  1.00 6.78  ? 101 LYS A CA  1 
ATOM   38   C  C   . LYS A 1 9   ? 12.599  0.936   -7.818  1.00 6.01  ? 101 LYS A C   1 
ATOM   39   O  O   . LYS A 1 9   ? 12.288  2.076   -7.471  1.00 6.98  ? 101 LYS A O   1 
ATOM   40   C  CB  . LYS A 1 9   ? 13.096  1.233   -10.231 1.00 7.27  ? 101 LYS A CB  1 
ATOM   41   C  CG  . LYS A 1 9   ? 14.605  1.084   -10.069 1.00 8.54  ? 101 LYS A CG  1 
ATOM   42   C  CD  . LYS A 1 9   ? 15.069  -0.304  -10.476 1.00 10.47 ? 101 LYS A CD  1 
ATOM   43   C  CE  . LYS A 1 9   ? 16.557  -0.485  -10.226 1.00 13.92 ? 101 LYS A CE  1 
ATOM   44   N  NZ  . LYS A 1 9   ? 17.027  -1.809  -10.717 1.00 13.44 ? 101 LYS A NZ  1 
ATOM   45   N  N   . THR A 1 10  ? 13.231  0.092   -7.012  1.00 5.79  ? 102 THR A N   1 
ATOM   46   C  CA  . THR A 1 10  ? 13.608  0.493   -5.668  1.00 7.18  ? 102 THR A CA  1 
ATOM   47   C  C   . THR A 1 10  ? 14.626  1.624   -5.787  1.00 6.57  ? 102 THR A C   1 
ATOM   48   O  O   . THR A 1 10  ? 15.585  1.531   -6.558  1.00 7.13  ? 102 THR A O   1 
ATOM   49   C  CB  . THR A 1 10  ? 14.202  -0.692  -4.908  1.00 7.30  ? 102 THR A CB  1 
ATOM   50   O  OG1 . THR A 1 10  ? 13.229  -1.744  -4.868  1.00 9.58  ? 102 THR A OG1 1 
ATOM   51   C  CG2 . THR A 1 10  ? 14.564  -0.295  -3.486  1.00 9.41  ? 102 THR A CG2 1 
ATOM   52   N  N   . TYR A 1 11  ? 14.412  2.687   -5.019  1.00 6.27  ? 103 TYR A N   1 
ATOM   53   C  CA  . TYR A 1 11  ? 15.272  3.866   -5.056  1.00 5.64  ? 103 TYR A CA  1 
ATOM   54   C  C   . TYR A 1 11  ? 15.352  4.457   -3.655  1.00 5.44  ? 103 TYR A C   1 
ATOM   55   O  O   . TYR A 1 11  ? 14.424  5.120   -3.199  1.00 6.16  ? 103 TYR A O   1 
ATOM   56   C  CB  . TYR A 1 11  ? 14.671  4.879   -6.041  1.00 6.74  ? 103 TYR A CB  1 
ATOM   57   C  CG  . TYR A 1 11  ? 15.353  6.229   -6.107  1.00 5.61  ? 103 TYR A CG  1 
ATOM   58   C  CD1 . TYR A 1 11  ? 16.714  6.341   -6.383  1.00 5.62  ? 103 TYR A CD1 1 
ATOM   59   C  CD2 . TYR A 1 11  ? 14.616  7.403   -5.944  1.00 6.08  ? 103 TYR A CD2 1 
ATOM   60   C  CE1 . TYR A 1 11  ? 17.321  7.592   -6.500  1.00 6.34  ? 103 TYR A CE1 1 
ATOM   61   C  CE2 . TYR A 1 11  ? 15.213  8.653   -6.058  1.00 6.52  ? 103 TYR A CE2 1 
ATOM   62   C  CZ  . TYR A 1 11  ? 16.565  8.742   -6.338  1.00 6.05  ? 103 TYR A CZ  1 
ATOM   63   O  OH  . TYR A 1 11  ? 17.153  9.977   -6.469  1.00 7.19  ? 103 TYR A OH  1 
ATOM   64   N  N   . GLN A 1 12  ? 16.455  4.215   -2.960  1.00 6.18  ? 104 GLN A N   1 
ATOM   65   C  CA  . GLN A 1 12  ? 16.580  4.734   -1.609  1.00 6.61  ? 104 GLN A CA  1 
ATOM   66   C  C   . GLN A 1 12  ? 16.738  6.246   -1.600  1.00 6.72  ? 104 GLN A C   1 
ATOM   67   O  O   . GLN A 1 12  ? 16.303  6.916   -0.663  1.00 7.74  ? 104 GLN A O   1 
ATOM   68   C  CB  . GLN A 1 12  ? 17.729  4.030   -0.882  1.00 8.39  ? 104 GLN A CB  1 
ATOM   69   C  CG  . GLN A 1 12  ? 17.383  2.570   -0.611  1.00 9.55  ? 104 GLN A CG  1 
ATOM   70   C  CD  . GLN A 1 12  ? 18.369  1.857   0.293   1.00 12.96 ? 104 GLN A CD  1 
ATOM   71   O  OE1 . GLN A 1 12  ? 18.088  0.761   0.777   1.00 18.20 ? 104 GLN A OE1 1 
ATOM   72   N  NE2 . GLN A 1 12  ? 19.527  2.465   0.519   1.00 13.44 ? 104 GLN A NE2 1 
ATOM   73   N  N   . GLY A 1 13  ? 17.344  6.784   -2.654  1.00 6.78  ? 105 GLY A N   1 
ATOM   74   C  CA  . GLY A 1 13  ? 17.501  8.222   -2.762  1.00 7.84  ? 105 GLY A CA  1 
ATOM   75   C  C   . GLY A 1 13  ? 18.374  8.883   -1.717  1.00 6.55  ? 105 GLY A C   1 
ATOM   76   O  O   . GLY A 1 13  ? 19.064  8.223   -0.944  1.00 8.23  ? 105 GLY A O   1 
ATOM   77   N  N   . SER A 1 14  ? 18.318  10.208  -1.684  1.00 6.50  ? 106 SER A N   1 
ATOM   78   C  CA  . SER A 1 14  ? 19.134  10.987  -0.766  1.00 6.52  ? 106 SER A CA  1 
ATOM   79   C  C   . SER A 1 14  ? 18.846  10.776  0.708   1.00 6.31  ? 106 SER A C   1 
ATOM   80   O  O   . SER A 1 14  ? 19.726  10.980  1.544   1.00 7.43  ? 106 SER A O   1 
ATOM   81   C  CB  . SER A 1 14  ? 19.003  12.474  -1.088  1.00 6.34  ? 106 SER A CB  1 
ATOM   82   O  OG  . SER A 1 14  ? 19.490  12.739  -2.389  1.00 8.18  ? 106 SER A OG  1 
ATOM   83   N  N   . TYR A 1 15  ? 17.627  10.361  1.033   1.00 6.51  ? 107 TYR A N   1 
ATOM   84   C  CA  . TYR A 1 15  ? 17.247  10.173  2.426   1.00 6.56  ? 107 TYR A CA  1 
ATOM   85   C  C   . TYR A 1 15  ? 17.339  8.739   2.932   1.00 7.30  ? 107 TYR A C   1 
ATOM   86   O  O   . TYR A 1 15  ? 17.037  8.473   4.093   1.00 8.64  ? 107 TYR A O   1 
ATOM   87   C  CB  . TYR A 1 15  ? 15.842  10.747  2.638   1.00 6.73  ? 107 TYR A CB  1 
ATOM   88   C  CG  . TYR A 1 15  ? 15.798  12.212  2.286   1.00 6.88  ? 107 TYR A CG  1 
ATOM   89   C  CD1 . TYR A 1 15  ? 16.335  13.169  3.148   1.00 7.93  ? 107 TYR A CD1 1 
ATOM   90   C  CD2 . TYR A 1 15  ? 15.331  12.638  1.043   1.00 8.95  ? 107 TYR A CD2 1 
ATOM   91   C  CE1 . TYR A 1 15  ? 16.417  14.507  2.782   1.00 9.78  ? 107 TYR A CE1 1 
ATOM   92   C  CE2 . TYR A 1 15  ? 15.409  13.978  0.665   1.00 10.20 ? 107 TYR A CE2 1 
ATOM   93   C  CZ  . TYR A 1 15  ? 15.956  14.905  1.539   1.00 9.19  ? 107 TYR A CZ  1 
ATOM   94   O  OH  . TYR A 1 15  ? 16.059  16.225  1.162   1.00 12.12 ? 107 TYR A OH  1 
ATOM   95   N  N   . GLY A 1 16  ? 17.777  7.823   2.074   1.00 6.92  ? 108 GLY A N   1 
ATOM   96   C  CA  . GLY A 1 16  ? 17.903  6.431   2.482   1.00 7.67  ? 108 GLY A CA  1 
ATOM   97   C  C   . GLY A 1 16  ? 16.558  5.833   2.850   1.00 7.89  ? 108 GLY A C   1 
ATOM   98   O  O   . GLY A 1 16  ? 16.407  5.156   3.867   1.00 8.72  ? 108 GLY A O   1 
ATOM   99   N  N   . PHE A 1 17  ? 15.582  6.081   1.987   1.00 7.26  ? 109 PHE A N   1 
ATOM   100  C  CA  . PHE A 1 17  ? 14.215  5.619   2.176   1.00 7.22  ? 109 PHE A CA  1 
ATOM   101  C  C   . PHE A 1 17  ? 14.003  4.139   1.875   1.00 7.31  ? 109 PHE A C   1 
ATOM   102  O  O   . PHE A 1 17  ? 14.427  3.644   0.833   1.00 7.65  ? 109 PHE A O   1 
ATOM   103  C  CB  . PHE A 1 17  ? 13.291  6.450   1.281   1.00 7.06  ? 109 PHE A CB  1 
ATOM   104  C  CG  . PHE A 1 17  ? 11.849  6.047   1.351   1.00 6.87  ? 109 PHE A CG  1 
ATOM   105  C  CD1 . PHE A 1 17  ? 11.092  6.327   2.483   1.00 8.01  ? 109 PHE A CD1 1 
ATOM   106  C  CD2 . PHE A 1 17  ? 11.244  5.386   0.283   1.00 7.50  ? 109 PHE A CD2 1 
ATOM   107  C  CE1 . PHE A 1 17  ? 9.751   5.956   2.554   1.00 9.91  ? 109 PHE A CE1 1 
ATOM   108  C  CE2 . PHE A 1 17  ? 9.903   5.010   0.344   1.00 9.32  ? 109 PHE A CE2 1 
ATOM   109  C  CZ  . PHE A 1 17  ? 9.156   5.297   1.482   1.00 9.41  ? 109 PHE A CZ  1 
ATOM   110  N  N   . ARG A 1 18  ? 13.344  3.437   2.793   1.00 7.96  ? 110 ARG A N   1 
ATOM   111  C  CA  . ARG A 1 18  ? 13.020  2.029   2.599   1.00 7.21  ? 110 ARG A CA  1 
ATOM   112  C  C   . ARG A 1 18  ? 11.914  1.621   3.564   1.00 7.27  ? 110 ARG A C   1 
ATOM   113  O  O   . ARG A 1 18  ? 11.671  2.297   4.563   1.00 8.41  ? 110 ARG A O   1 
ATOM   114  C  CB  . ARG A 1 18  ? 14.249  1.125   2.787   1.00 9.60  ? 110 ARG A CB  1 
ATOM   115  C  CG  . ARG A 1 18  ? 14.689  0.892   4.221   1.00 10.99 ? 110 ARG A CG  1 
ATOM   116  C  CD  . ARG A 1 18  ? 15.526  2.034   4.751   1.00 11.93 ? 110 ARG A CD  1 
ATOM   117  N  NE  . ARG A 1 18  ? 16.070  1.726   6.068   1.00 11.23 ? 110 ARG A NE  1 
ATOM   118  C  CZ  . ARG A 1 18  ? 16.724  2.602   6.822   1.00 11.86 ? 110 ARG A CZ  1 
ATOM   119  N  NH1 . ARG A 1 18  ? 16.916  3.839   6.385   1.00 10.46 ? 110 ARG A NH1 1 
ATOM   120  N  NH2 . ARG A 1 18  ? 17.174  2.245   8.017   1.00 12.69 ? 110 ARG A NH2 1 
ATOM   121  N  N   . LEU A 1 19  ? 11.241  0.522   3.250   1.00 7.15  ? 111 LEU A N   1 
ATOM   122  C  CA  . LEU A 1 19  ? 10.152  0.016   4.072   1.00 7.66  ? 111 LEU A CA  1 
ATOM   123  C  C   . LEU A 1 19  ? 10.599  -1.118  4.971   1.00 7.50  ? 111 LEU A C   1 
ATOM   124  O  O   . LEU A 1 19  ? 11.605  -1.775  4.714   1.00 9.65  ? 111 LEU A O   1 
ATOM   125  C  CB  . LEU A 1 19  ? 9.019   -0.498  3.190   1.00 7.37  ? 111 LEU A CB  1 
ATOM   126  C  CG  . LEU A 1 19  ? 8.458   0.473   2.157   1.00 7.23  ? 111 LEU A CG  1 
ATOM   127  C  CD1 . LEU A 1 19  ? 7.481   -0.259  1.251   1.00 8.69  ? 111 LEU A CD1 1 
ATOM   128  C  CD2 . LEU A 1 19  ? 7.789   1.642   2.858   1.00 8.23  ? 111 LEU A CD2 1 
ATOM   129  N  N   . GLY A 1 20  ? 9.820   -1.337  6.021   1.00 8.17  ? 112 GLY A N   1 
ATOM   130  C  CA  . GLY A 1 20  ? 10.083  -2.410  6.958   1.00 9.50  ? 112 GLY A CA  1 
ATOM   131  C  C   . GLY A 1 20  ? 8.740   -2.946  7.407   1.00 8.69  ? 112 GLY A C   1 
ATOM   132  O  O   . GLY A 1 20  ? 7.742   -2.225  7.372   1.00 9.04  ? 112 GLY A O   1 
ATOM   133  N  N   . PHE A 1 21  ? 8.702   -4.207  7.824   1.00 9.62  ? 113 PHE A N   1 
ATOM   134  C  CA  . PHE A 1 21  ? 7.456   -4.816  8.272   1.00 10.30 ? 113 PHE A CA  1 
ATOM   135  C  C   . PHE A 1 21  ? 7.717   -5.620  9.539   1.00 11.90 ? 113 PHE A C   1 
ATOM   136  O  O   . PHE A 1 21  ? 7.129   -6.681  9.746   1.00 13.49 ? 113 PHE A O   1 
ATOM   137  C  CB  . PHE A 1 21  ? 6.896   -5.730  7.176   1.00 10.42 ? 113 PHE A CB  1 
ATOM   138  C  CG  . PHE A 1 21  ? 6.881   -5.097  5.810   1.00 9.22  ? 113 PHE A CG  1 
ATOM   139  C  CD1 . PHE A 1 21  ? 8.029   -5.076  5.024   1.00 9.61  ? 113 PHE A CD1 1 
ATOM   140  C  CD2 . PHE A 1 21  ? 5.728   -4.491  5.322   1.00 11.72 ? 113 PHE A CD2 1 
ATOM   141  C  CE1 . PHE A 1 21  ? 8.029   -4.459  3.772   1.00 9.48  ? 113 PHE A CE1 1 
ATOM   142  C  CE2 . PHE A 1 21  ? 5.719   -3.871  4.072   1.00 10.24 ? 113 PHE A CE2 1 
ATOM   143  C  CZ  . PHE A 1 21  ? 6.871   -3.856  3.298   1.00 10.40 ? 113 PHE A CZ  1 
ATOM   144  N  N   . LEU A 1 22  ? 8.593   -5.094  10.390  1.00 13.07 ? 114 LEU A N   1 
ATOM   145  C  CA  . LEU A 1 22  ? 8.978   -5.761  11.630  1.00 15.43 ? 114 LEU A CA  1 
ATOM   146  C  C   . LEU A 1 22  ? 8.091   -5.476  12.839  1.00 16.70 ? 114 LEU A C   1 
ATOM   147  O  O   . LEU A 1 22  ? 8.132   -6.216  13.824  1.00 18.59 ? 114 LEU A O   1 
ATOM   148  C  CB  . LEU A 1 22  ? 10.421  -5.386  11.983  1.00 15.80 ? 114 LEU A CB  1 
ATOM   149  C  CG  . LEU A 1 22  ? 11.499  -5.646  10.928  1.00 17.37 ? 114 LEU A CG  1 
ATOM   150  C  CD1 . LEU A 1 22  ? 12.815  -5.038  11.386  1.00 21.25 ? 114 LEU A CD1 1 
ATOM   151  C  CD2 . LEU A 1 22  ? 11.645  -7.144  10.694  1.00 19.39 ? 114 LEU A CD2 1 
ATOM   152  N  N   . HIS A 1 23  ? 7.290   -4.420  12.774  1.00 14.97 ? 115 HIS A N   1 
ATOM   153  C  CA  . HIS A 1 23  ? 6.442   -4.055  13.903  1.00 15.20 ? 115 HIS A CA  1 
ATOM   154  C  C   . HIS A 1 23  ? 4.958   -4.092  13.564  1.00 16.73 ? 115 HIS A C   1 
ATOM   155  O  O   . HIS A 1 23  ? 4.497   -3.396  12.658  1.00 17.10 ? 115 HIS A O   1 
ATOM   156  C  CB  . HIS A 1 23  ? 6.858   -2.671  14.397  1.00 16.16 ? 115 HIS A CB  1 
ATOM   157  C  CG  . HIS A 1 23  ? 8.326   -2.557  14.662  1.00 17.58 ? 115 HIS A CG  1 
ATOM   158  N  ND1 . HIS A 1 23  ? 8.938   -3.173  15.732  1.00 20.63 ? 115 HIS A ND1 1 
ATOM   159  C  CD2 . HIS A 1 23  ? 9.314   -1.949  13.964  1.00 16.98 ? 115 HIS A CD2 1 
ATOM   160  C  CE1 . HIS A 1 23  ? 10.239  -2.951  15.681  1.00 19.36 ? 115 HIS A CE1 1 
ATOM   161  N  NE2 . HIS A 1 23  ? 10.494  -2.210  14.618  1.00 20.17 ? 115 HIS A NE2 1 
ATOM   162  N  N   . SER A 1 24  ? 4.215   -4.908  14.308  1.00 15.42 ? 116 SER A N   1 
ATOM   163  C  CA  . SER A 1 24  ? 2.784   -5.079  14.083  1.00 15.33 ? 116 SER A CA  1 
ATOM   164  C  C   . SER A 1 24  ? 1.900   -4.001  14.700  1.00 13.91 ? 116 SER A C   1 
ATOM   165  O  O   . SER A 1 24  ? 0.721   -3.896  14.363  1.00 15.58 ? 116 SER A O   1 
ATOM   166  C  CB  . SER A 1 24  ? 2.342   -6.452  14.595  1.00 17.66 ? 116 SER A CB  1 
ATOM   167  O  OG  . SER A 1 24  ? 2.641   -6.599  15.971  1.00 19.44 ? 116 SER A OG  1 
ATOM   168  N  N   . GLY A 1 25  ? 2.459   -3.204  15.604  1.00 16.51 ? 117 GLY A N   1 
ATOM   169  C  CA  . GLY A 1 25  ? 1.677   -2.154  16.234  1.00 17.49 ? 117 GLY A CA  1 
ATOM   170  C  C   . GLY A 1 25  ? 0.386   -2.664  16.849  1.00 16.74 ? 117 GLY A C   1 
ATOM   171  O  O   . GLY A 1 25  ? 0.407   -3.572  17.681  1.00 18.06 ? 117 GLY A O   1 
ATOM   172  N  N   . THR A 1 26  ? -0.739  -2.088  16.436  1.00 16.86 ? 118 THR A N   1 
ATOM   173  C  CA  . THR A 1 26  ? -2.042  -2.482  16.964  1.00 17.15 ? 118 THR A CA  1 
ATOM   174  C  C   . THR A 1 26  ? -2.733  -3.573  16.149  1.00 16.08 ? 118 THR A C   1 
ATOM   175  O  O   . THR A 1 26  ? -3.836  -3.998  16.490  1.00 18.02 ? 118 THR A O   1 
ATOM   176  C  CB  . THR A 1 26  ? -2.998  -1.273  17.053  1.00 18.39 ? 118 THR A CB  1 
ATOM   177  O  OG1 . THR A 1 26  ? -3.184  -0.710  15.749  1.00 21.72 ? 118 THR A OG1 1 
ATOM   178  C  CG2 . THR A 1 26  ? -2.432  -0.213  17.987  1.00 20.97 ? 118 THR A CG2 1 
ATOM   179  N  N   . ALA A 1 27  ? -2.092  -4.022  15.075  1.00 15.51 ? 119 ALA A N   1 
ATOM   180  C  CA  . ALA A 1 27  ? -2.671  -5.066  14.235  1.00 15.82 ? 119 ALA A CA  1 
ATOM   181  C  C   . ALA A 1 27  ? -2.795  -6.360  15.029  1.00 15.82 ? 119 ALA A C   1 
ATOM   182  O  O   . ALA A 1 27  ? -1.820  -6.838  15.608  1.00 17.63 ? 119 ALA A O   1 
ATOM   183  C  CB  . ALA A 1 27  ? -1.807  -5.286  13.000  1.00 16.79 ? 119 ALA A CB  1 
ATOM   184  N  N   . LYS A 1 28  ? -3.999  -6.922  15.053  1.00 15.95 ? 120 LYS A N   1 
ATOM   185  C  CA  . LYS A 1 28  ? -4.260  -8.155  15.786  1.00 18.52 ? 120 LYS A CA  1 
ATOM   186  C  C   . LYS A 1 28  ? -3.699  -9.391  15.091  1.00 16.00 ? 120 LYS A C   1 
ATOM   187  O  O   . LYS A 1 28  ? -3.689  -9.486  13.862  1.00 15.49 ? 120 LYS A O   1 
ATOM   188  C  CB  . LYS A 1 28  ? -5.766  -8.328  15.998  1.00 21.25 ? 120 LYS A CB  1 
ATOM   189  C  CG  . LYS A 1 28  ? -6.416  -7.218  16.812  1.00 25.87 ? 120 LYS A CG  1 
ATOM   190  C  CD  . LYS A 1 28  ? -5.867  -7.170  18.230  1.00 30.65 ? 120 LYS A CD  1 
ATOM   191  C  CE  . LYS A 1 28  ? -6.490  -6.032  19.024  1.00 33.44 ? 120 LYS A CE  1 
ATOM   192  N  NZ  . LYS A 1 28  ? -6.201  -4.705  18.408  1.00 35.93 ? 120 LYS A NZ  1 
ATOM   193  N  N   . PHE A 1 29  ? -3.234  -10.338 15.897  1.00 17.06 ? 121 PHE A N   1 
ATOM   194  C  CA  . PHE A 1 29  ? -2.674  -11.586 15.394  1.00 14.84 ? 121 PHE A CA  1 
ATOM   195  C  C   . PHE A 1 29  ? -3.687  -12.298 14.499  1.00 15.50 ? 121 PHE A C   1 
ATOM   196  O  O   . PHE A 1 29  ? -4.853  -12.439 14.863  1.00 16.49 ? 121 PHE A O   1 
ATOM   197  C  CB  . PHE A 1 29  ? -2.289  -12.482 16.576  1.00 16.52 ? 121 PHE A CB  1 
ATOM   198  C  CG  . PHE A 1 29  ? -1.854  -13.865 16.183  1.00 15.46 ? 121 PHE A CG  1 
ATOM   199  C  CD1 . PHE A 1 29  ? -0.756  -14.059 15.351  1.00 16.87 ? 121 PHE A CD1 1 
ATOM   200  C  CD2 . PHE A 1 29  ? -2.537  -14.978 16.659  1.00 16.52 ? 121 PHE A CD2 1 
ATOM   201  C  CE1 . PHE A 1 29  ? -0.346  -15.342 14.999  1.00 18.22 ? 121 PHE A CE1 1 
ATOM   202  C  CE2 . PHE A 1 29  ? -2.136  -16.266 16.314  1.00 17.40 ? 121 PHE A CE2 1 
ATOM   203  C  CZ  . PHE A 1 29  ? -1.040  -16.449 15.482  1.00 17.59 ? 121 PHE A CZ  1 
ATOM   204  N  N   . GLY A 1 30  ? -3.235  -12.728 13.325  1.00 14.87 ? 122 GLY A N   1 
ATOM   205  C  CA  . GLY A 1 30  ? -4.107  -13.426 12.397  1.00 14.66 ? 122 GLY A CA  1 
ATOM   206  C  C   . GLY A 1 30  ? -4.637  -12.572 11.259  1.00 13.56 ? 122 GLY A C   1 
ATOM   207  O  O   . GLY A 1 30  ? -5.097  -13.099 10.245  1.00 16.55 ? 122 GLY A O   1 
ATOM   208  N  N   . THR A 1 31  ? -4.567  -11.253 11.410  1.00 12.55 ? 123 THR A N   1 
ATOM   209  C  CA  . THR A 1 31  ? -5.071  -10.353 10.380  1.00 11.23 ? 123 THR A CA  1 
ATOM   210  C  C   . THR A 1 31  ? -4.090  -10.083 9.244   1.00 9.75  ? 123 THR A C   1 
ATOM   211  O  O   . THR A 1 31  ? -4.499  -9.703  8.147   1.00 9.93  ? 123 THR A O   1 
ATOM   212  C  CB  . THR A 1 31  ? -5.496  -8.998  10.978  1.00 10.31 ? 123 THR A CB  1 
ATOM   213  O  OG1 . THR A 1 31  ? -4.352  -8.338  11.535  1.00 12.09 ? 123 THR A OG1 1 
ATOM   214  C  CG2 . THR A 1 31  ? -6.539  -9.203  12.066  1.00 14.13 ? 123 THR A CG2 1 
ATOM   215  N  N   . CYS A 1 32  ? -2.800  -10.270 9.501   1.00 9.70  ? 124 CYS A N   1 
ATOM   216  C  CA  . CYS A 1 32  ? -1.791  -10.028 8.476   1.00 8.93  ? 124 CYS A CA  1 
ATOM   217  C  C   . CYS A 1 32  ? -0.460  -10.670 8.828   1.00 8.92  ? 124 CYS A C   1 
ATOM   218  O  O   . CYS A 1 32  ? -0.185  -10.950 9.993   1.00 11.42 ? 124 CYS A O   1 
ATOM   219  C  CB  . CYS A 1 32  ? -1.589  -8.519  8.281   1.00 8.69  ? 124 CYS A CB  1 
ATOM   220  S  SG  . CYS A 1 32  ? -1.143  -7.599  9.783   1.00 14.69 ? 124 CYS A SG  1 
ATOM   221  N  N   . THR A 1 33  ? 0.358   -10.915 7.810   1.00 8.51  ? 125 THR A N   1 
ATOM   222  C  CA  . THR A 1 33  ? 1.678   -11.492 8.008   1.00 8.60  ? 125 THR A CA  1 
ATOM   223  C  C   . THR A 1 33  ? 2.522   -11.193 6.779   1.00 7.71  ? 125 THR A C   1 
ATOM   224  O  O   . THR A 1 33  ? 2.044   -11.267 5.648   1.00 8.90  ? 125 THR A O   1 
ATOM   225  C  CB  . THR A 1 33  ? 1.610   -13.019 8.258   1.00 8.26  ? 125 THR A CB  1 
ATOM   226  O  OG1 . THR A 1 33  ? 2.922   -13.505 8.569   1.00 10.36 ? 125 THR A OG1 1 
ATOM   227  C  CG2 . THR A 1 33  ? 1.079   -13.752 7.034   1.00 10.90 ? 125 THR A CG2 1 
ATOM   228  N  N   . TYR A 1 34  ? 3.779   -10.842 7.014   1.00 8.47  ? 126 TYR A N   1 
ATOM   229  C  CA  . TYR A 1 34  ? 4.699   -10.498 5.939   1.00 8.32  ? 126 TYR A CA  1 
ATOM   230  C  C   . TYR A 1 34  ? 5.758   -11.569 5.717   1.00 7.38  ? 126 TYR A C   1 
ATOM   231  O  O   . TYR A 1 34  ? 6.353   -12.076 6.669   1.00 9.72  ? 126 TYR A O   1 
ATOM   232  C  CB  . TYR A 1 34  ? 5.388   -9.169  6.263   1.00 9.19  ? 126 TYR A CB  1 
ATOM   233  C  CG  . TYR A 1 34  ? 6.486   -8.780  5.300   1.00 8.90  ? 126 TYR A CG  1 
ATOM   234  C  CD1 . TYR A 1 34  ? 6.191   -8.294  4.029   1.00 8.63  ? 126 TYR A CD1 1 
ATOM   235  C  CD2 . TYR A 1 34  ? 7.826   -8.891  5.668   1.00 9.80  ? 126 TYR A CD2 1 
ATOM   236  C  CE1 . TYR A 1 34  ? 7.205   -7.924  3.149   1.00 9.42  ? 126 TYR A CE1 1 
ATOM   237  C  CE2 . TYR A 1 34  ? 8.845   -8.528  4.797   1.00 10.30 ? 126 TYR A CE2 1 
ATOM   238  C  CZ  . TYR A 1 34  ? 8.531   -8.043  3.541   1.00 8.94  ? 126 TYR A CZ  1 
ATOM   239  O  OH  . TYR A 1 34  ? 9.546   -7.663  2.689   1.00 9.87  ? 126 TYR A OH  1 
ATOM   240  N  N   . SER A 1 35  ? 5.991   -11.901 4.455   1.00 8.17  ? 127 SER A N   1 
ATOM   241  C  CA  . SER A 1 35  ? 6.998   -12.888 4.091   1.00 8.46  ? 127 SER A CA  1 
ATOM   242  C  C   . SER A 1 35  ? 8.241   -12.178 3.565   1.00 8.79  ? 127 SER A C   1 
ATOM   243  O  O   . SER A 1 35  ? 8.221   -11.606 2.476   1.00 9.15  ? 127 SER A O   1 
ATOM   244  C  CB  . SER A 1 35  ? 6.470   -13.821 3.004   1.00 9.48  ? 127 SER A CB  1 
ATOM   245  O  OG  . SER A 1 35  ? 7.523   -14.605 2.469   1.00 9.53  ? 127 SER A OG  1 
ATOM   246  N  N   . PRO A 1 36  ? 9.338   -12.196 4.338   1.00 10.05 ? 128 PRO A N   1 
ATOM   247  C  CA  . PRO A 1 36  ? 10.558  -11.533 3.875   1.00 10.44 ? 128 PRO A CA  1 
ATOM   248  C  C   . PRO A 1 36  ? 11.103  -12.201 2.612   1.00 10.60 ? 128 PRO A C   1 
ATOM   249  O  O   . PRO A 1 36  ? 11.597  -11.532 1.707   1.00 12.19 ? 128 PRO A O   1 
ATOM   250  C  CB  . PRO A 1 36  ? 11.510  -11.692 5.058   1.00 14.25 ? 128 PRO A CB  1 
ATOM   251  C  CG  . PRO A 1 36  ? 10.587  -11.733 6.238   1.00 15.57 ? 128 PRO A CG  1 
ATOM   252  C  CD  . PRO A 1 36  ? 9.467   -12.617 5.744   1.00 12.58 ? 128 PRO A CD  1 
ATOM   253  N  N   . ALA A 1 37  ? 11.000  -13.524 2.555   1.00 11.45 ? 129 ALA A N   1 
ATOM   254  C  CA  . ALA A 1 37  ? 11.503  -14.276 1.410   1.00 11.27 ? 129 ALA A CA  1 
ATOM   255  C  C   . ALA A 1 37  ? 10.796  -13.914 0.106   1.00 11.20 ? 129 ALA A C   1 
ATOM   256  O  O   . ALA A 1 37  ? 11.410  -13.917 -0.959  1.00 14.01 ? 129 ALA A O   1 
ATOM   257  C  CB  . ALA A 1 37  ? 11.378  -15.773 1.676   1.00 13.35 ? 129 ALA A CB  1 
ATOM   258  N  N   . LEU A 1 38  ? 9.506   -13.608 0.193   1.00 10.78 ? 130 LEU A N   1 
ATOM   259  C  CA  . LEU A 1 38  ? 8.717   -13.247 -0.980  1.00 10.13 ? 130 LEU A CA  1 
ATOM   260  C  C   . LEU A 1 38  ? 8.496   -11.738 -1.085  1.00 8.44  ? 130 LEU A C   1 
ATOM   261  O  O   . LEU A 1 38  ? 7.990   -11.261 -2.101  1.00 10.52 ? 130 LEU A O   1 
ATOM   262  C  CB  . LEU A 1 38  ? 7.337   -13.916 -0.909  1.00 9.90  ? 130 LEU A CB  1 
ATOM   263  C  CG  . LEU A 1 38  ? 7.209   -15.436 -0.795  1.00 10.44 ? 130 LEU A CG  1 
ATOM   264  C  CD1 . LEU A 1 38  ? 5.764   -15.805 -0.471  1.00 11.58 ? 130 LEU A CD1 1 
ATOM   265  C  CD2 . LEU A 1 38  ? 7.661   -16.088 -2.092  1.00 12.90 ? 130 LEU A CD2 1 
ATOM   266  N  N   . ASN A 1 39  ? 8.886   -10.999 -0.047  1.00 8.94  ? 131 ASN A N   1 
ATOM   267  C  CA  . ASN A 1 39  ? 8.645   -9.552  0.031   1.00 7.51  ? 131 ASN A CA  1 
ATOM   268  C  C   . ASN A 1 39  ? 7.172   -9.360  -0.301  1.00 7.59  ? 131 ASN A C   1 
ATOM   269  O  O   . ASN A 1 39  ? 6.793   -8.559  -1.161  1.00 8.28  ? 131 ASN A O   1 
ATOM   270  C  CB  . ASN A 1 39  ? 9.508   -8.743  -0.944  1.00 9.32  ? 131 ASN A CB  1 
ATOM   271  C  CG  . ASN A 1 39  ? 9.258   -7.242  -0.819  1.00 7.79  ? 131 ASN A CG  1 
ATOM   272  O  OD1 . ASN A 1 39  ? 9.041   -6.733  0.279   1.00 8.94  ? 131 ASN A OD1 1 
ATOM   273  N  ND2 . ASN A 1 39  ? 9.296   -6.531  -1.940  1.00 9.60  ? 131 ASN A ND2 1 
ATOM   274  N  N   . LYS A 1 40  ? 6.342   -10.108 0.414   1.00 7.41  ? 132 LYS A N   1 
ATOM   275  C  CA  . LYS A 1 40  ? 4.911   -10.086 0.192   1.00 6.93  ? 132 LYS A CA  1 
ATOM   276  C  C   . LYS A 1 40  ? 4.130   -10.042 1.493   1.00 7.80  ? 132 LYS A C   1 
ATOM   277  O  O   . LYS A 1 40  ? 4.396   -10.806 2.423   1.00 7.43  ? 132 LYS A O   1 
ATOM   278  C  CB  . LYS A 1 40  ? 4.511   -11.323 -0.617  1.00 8.33  ? 132 LYS A CB  1 
ATOM   279  C  CG  . LYS A 1 40  ? 3.042   -11.402 -0.972  1.00 7.70  ? 132 LYS A CG  1 
ATOM   280  C  CD  . LYS A 1 40  ? 2.810   -12.464 -2.032  1.00 8.01  ? 132 LYS A CD  1 
ATOM   281  C  CE  . LYS A 1 40  ? 1.362   -12.498 -2.485  1.00 8.53  ? 132 LYS A CE  1 
ATOM   282  N  NZ  . LYS A 1 40  ? 1.183   -13.405 -3.652  1.00 10.54 ? 132 LYS A NZ  1 
ATOM   283  N  N   . MET A 1 41  ? 3.169   -9.127  1.547   1.00 6.73  ? 133 MET A N   1 
ATOM   284  C  CA  . MET A 1 41  ? 2.307   -8.967  2.706   1.00 7.13  ? 133 MET A CA  1 
ATOM   285  C  C   . MET A 1 41  ? 0.986   -9.668  2.416   1.00 7.20  ? 133 MET A C   1 
ATOM   286  O  O   . MET A 1 41  ? 0.406   -9.490  1.342   1.00 8.20  ? 133 MET A O   1 
ATOM   287  C  CB  . MET A 1 41  ? 2.044   -7.482  2.966   1.00 8.57  ? 133 MET A CB  1 
ATOM   288  C  CG  . MET A 1 41  ? 1.067   -7.194  4.098   1.00 10.14 ? 133 MET A CG  1 
ATOM   289  S  SD  . MET A 1 41  ? 1.692   -7.652  5.725   1.00 10.95 ? 133 MET A SD  1 
ATOM   290  C  CE  . MET A 1 41  ? 2.761   -6.250  6.076   1.00 11.36 ? 133 MET A CE  1 
ATOM   291  N  N   . PHE A 1 42  ? 0.530   -10.475 3.371   1.00 6.72  ? 134 PHE A N   1 
ATOM   292  C  CA  . PHE A 1 42  ? -0.737  -11.191 3.260   1.00 6.31  ? 134 PHE A CA  1 
ATOM   293  C  C   . PHE A 1 42  ? -1.633  -10.558 4.318   1.00 6.20  ? 134 PHE A C   1 
ATOM   294  O  O   . PHE A 1 42  ? -1.241  -10.442 5.478   1.00 7.24  ? 134 PHE A O   1 
ATOM   295  C  CB  . PHE A 1 42  ? -0.544  -12.689 3.536   1.00 7.11  ? 134 PHE A CB  1 
ATOM   296  C  CG  . PHE A 1 42  ? 0.357   -13.381 2.548   1.00 7.33  ? 134 PHE A CG  1 
ATOM   297  C  CD1 . PHE A 1 42  ? 1.738   -13.240 2.628   1.00 6.94  ? 134 PHE A CD1 1 
ATOM   298  C  CD2 . PHE A 1 42  ? -0.179  -14.157 1.525   1.00 7.36  ? 134 PHE A CD2 1 
ATOM   299  C  CE1 . PHE A 1 42  ? 2.577   -13.863 1.703   1.00 7.23  ? 134 PHE A CE1 1 
ATOM   300  C  CE2 . PHE A 1 42  ? 0.650   -14.785 0.593   1.00 7.55  ? 134 PHE A CE2 1 
ATOM   301  C  CZ  . PHE A 1 42  ? 2.030   -14.635 0.685   1.00 7.43  ? 134 PHE A CZ  1 
ATOM   302  N  N   . VAL A 1 43  ? -2.830  -10.145 3.921   1.00 7.10  ? 135 VAL A N   1 
ATOM   303  C  CA  . VAL A 1 43  ? -3.729  -9.477  4.854   1.00 6.96  ? 135 VAL A CA  1 
ATOM   304  C  C   . VAL A 1 43  ? -5.195  -9.802  4.614   1.00 6.89  ? 135 VAL A C   1 
ATOM   305  O  O   . VAL A 1 43  ? -5.583  -10.184 3.513   1.00 8.46  ? 135 VAL A O   1 
ATOM   306  C  CB  . VAL A 1 43  ? -3.542  -7.938  4.771   1.00 8.41  ? 135 VAL A CB  1 
ATOM   307  C  CG1 . VAL A 1 43  ? -3.927  -7.440  3.382   1.00 11.43 ? 135 VAL A CG1 1 
ATOM   308  C  CG2 . VAL A 1 43  ? -4.367  -7.254  5.843   1.00 14.13 ? 135 VAL A CG2 1 
ATOM   309  N  N   . GLN A 1 44  ? -6.005  -9.651  5.656   1.00 7.07  ? 136 GLN A N   1 
ATOM   310  C  CA  . GLN A 1 44  ? -7.435  -9.900  5.544   1.00 6.88  ? 136 GLN A CA  1 
ATOM   311  C  C   . GLN A 1 44  ? -8.155  -8.654  5.053   1.00 6.77  ? 136 GLN A C   1 
ATOM   312  O  O   . GLN A 1 44  ? -7.712  -7.525  5.278   1.00 7.49  ? 136 GLN A O   1 
ATOM   313  C  CB  . GLN A 1 44  ? -8.021  -10.324 6.891   1.00 8.09  ? 136 GLN A CB  1 
ATOM   314  C  CG  . GLN A 1 44  ? -7.483  -11.652 7.382   1.00 8.62  ? 136 GLN A CG  1 
ATOM   315  C  CD  . GLN A 1 44  ? -8.045  -12.052 8.725   1.00 8.83  ? 136 GLN A CD  1 
ATOM   316  O  OE1 . GLN A 1 44  ? -8.250  -11.212 9.601   1.00 10.50 ? 136 GLN A OE1 1 
ATOM   317  N  NE2 . GLN A 1 44  ? -8.278  -13.349 8.903   1.00 10.07 ? 136 GLN A NE2 1 
ATOM   318  N  N   . LEU A 1 45  ? -9.278  -8.879  4.386   1.00 7.96  ? 137 LEU A N   1 
ATOM   319  C  CA  . LEU A 1 45  ? -10.098 -7.811  3.845   1.00 8.21  ? 137 LEU A CA  1 
ATOM   320  C  C   . LEU A 1 45  ? -10.466 -6.764  4.891   1.00 9.35  ? 137 LEU A C   1 
ATOM   321  O  O   . LEU A 1 45  ? -10.975 -7.093  5.963   1.00 9.29  ? 137 LEU A O   1 
ATOM   322  C  CB  . LEU A 1 45  ? -11.382 -8.405  3.259   1.00 10.41 ? 137 LEU A CB  1 
ATOM   323  C  CG  . LEU A 1 45  ? -12.430 -7.425  2.730   1.00 10.17 ? 137 LEU A CG  1 
ATOM   324  C  CD1 . LEU A 1 45  ? -11.884 -6.701  1.515   1.00 11.58 ? 137 LEU A CD1 1 
ATOM   325  C  CD2 . LEU A 1 45  ? -13.700 -8.182  2.370   1.00 12.43 ? 137 LEU A CD2 1 
ATOM   326  N  N   . ALA A 1 46  ? -10.194 -5.503  4.564   1.00 8.71  ? 138 ALA A N   1 
ATOM   327  C  CA  . ALA A 1 46  ? -10.524 -4.368  5.417   1.00 9.84  ? 138 ALA A CA  1 
ATOM   328  C  C   . ALA A 1 46  ? -9.880  -4.311  6.801   1.00 10.24 ? 138 ALA A C   1 
ATOM   329  O  O   . ALA A 1 46  ? -10.318 -3.538  7.654   1.00 15.68 ? 138 ALA A O   1 
ATOM   330  C  CB  . ALA A 1 46  ? -12.045 -4.258  5.548   1.00 11.50 ? 138 ALA A CB  1 
ATOM   331  N  N   . LYS A 1 47  ? -8.849  -5.116  7.037   1.00 9.00  ? 139 LYS A N   1 
ATOM   332  C  CA  . LYS A 1 47  ? -8.166  -5.091  8.328   1.00 9.58  ? 139 LYS A CA  1 
ATOM   333  C  C   . LYS A 1 47  ? -6.962  -4.162  8.246   1.00 9.29  ? 139 LYS A C   1 
ATOM   334  O  O   . LYS A 1 47  ? -6.292  -4.089  7.214   1.00 10.56 ? 139 LYS A O   1 
ATOM   335  C  CB  . LYS A 1 47  ? -7.702  -6.495  8.725   1.00 8.74  ? 139 LYS A CB  1 
ATOM   336  C  CG  . LYS A 1 47  ? -8.832  -7.492  8.949   1.00 11.47 ? 139 LYS A CG  1 
ATOM   337  C  CD  . LYS A 1 47  ? -9.761  -7.058  10.074  1.00 15.48 ? 139 LYS A CD  1 
ATOM   338  C  CE  . LYS A 1 47  ? -10.853 -8.093  10.311  1.00 20.37 ? 139 LYS A CE  1 
ATOM   339  N  NZ  . LYS A 1 47  ? -11.763 -7.704  11.424  1.00 24.43 ? 139 LYS A NZ  1 
ATOM   340  N  N   . THR A 1 48  ? -6.684  -3.448  9.331   1.00 9.99  ? 140 THR A N   1 
ATOM   341  C  CA  . THR A 1 48  ? -5.556  -2.525  9.356   1.00 11.18 ? 140 THR A CA  1 
ATOM   342  C  C   . THR A 1 48  ? -4.229  -3.275  9.267   1.00 10.71 ? 140 THR A C   1 
ATOM   343  O  O   . THR A 1 48  ? -4.029  -4.294  9.931   1.00 12.90 ? 140 THR A O   1 
ATOM   344  C  CB  . THR A 1 48  ? -5.570  -1.665  10.630  1.00 15.24 ? 140 THR A CB  1 
ATOM   345  O  OG1 . THR A 1 48  ? -5.497  -2.511  11.783  1.00 19.39 ? 140 THR A OG1 1 
ATOM   346  C  CG2 . THR A 1 48  ? -6.843  -0.838  10.694  1.00 18.66 ? 140 THR A CG2 1 
ATOM   347  N  N   . VAL A 1 49  ? -3.326  -2.764  8.438   1.00 10.52 ? 141 VAL A N   1 
ATOM   348  C  CA  . VAL A 1 49  ? -2.023  -3.388  8.238   1.00 13.00 ? 141 VAL A CA  1 
ATOM   349  C  C   . VAL A 1 49  ? -0.934  -2.337  8.391   1.00 10.32 ? 141 VAL A C   1 
ATOM   350  O  O   . VAL A 1 49  ? -0.878  -1.379  7.625   1.00 9.57  ? 141 VAL A O   1 
ATOM   351  C  CB  . VAL A 1 49  ? -1.900  -3.983  6.822   1.00 17.11 ? 141 VAL A CB  1 
ATOM   352  C  CG1 . VAL A 1 49  ? -0.953  -5.170  6.842   1.00 21.49 ? 141 VAL A CG1 1 
ATOM   353  C  CG2 . VAL A 1 49  ? -3.269  -4.369  6.295   1.00 21.19 ? 141 VAL A CG2 1 
ATOM   354  N  N   . PRO A 1 50  ? -0.044  -2.503  9.378   1.00 9.07  ? 142 PRO A N   1 
ATOM   355  C  CA  . PRO A 1 50  ? 1.019   -1.518  9.563   1.00 9.60  ? 142 PRO A CA  1 
ATOM   356  C  C   . PRO A 1 50  ? 2.226   -1.741  8.663   1.00 8.81  ? 142 PRO A C   1 
ATOM   357  O  O   . PRO A 1 50  ? 2.675   -2.870  8.466   1.00 9.69  ? 142 PRO A O   1 
ATOM   358  C  CB  . PRO A 1 50  ? 1.367   -1.675  11.036  1.00 11.34 ? 142 PRO A CB  1 
ATOM   359  C  CG  . PRO A 1 50  ? 1.224   -3.147  11.230  1.00 13.82 ? 142 PRO A CG  1 
ATOM   360  C  CD  . PRO A 1 50  ? -0.071  -3.463  10.497  1.00 11.31 ? 142 PRO A CD  1 
ATOM   361  N  N   . VAL A 1 51  ? 2.731   -0.648  8.109   1.00 7.96  ? 143 VAL A N   1 
ATOM   362  C  CA  . VAL A 1 51  ? 3.912   -0.676  7.263   1.00 8.39  ? 143 VAL A CA  1 
ATOM   363  C  C   . VAL A 1 51  ? 4.812   0.415   7.824   1.00 7.99  ? 143 VAL A C   1 
ATOM   364  O  O   . VAL A 1 51  ? 4.347   1.517   8.123   1.00 8.78  ? 143 VAL A O   1 
ATOM   365  C  CB  . VAL A 1 51  ? 3.573   -0.356  5.791   1.00 9.60  ? 143 VAL A CB  1 
ATOM   366  C  CG1 . VAL A 1 51  ? 4.853   -0.264  4.970   1.00 11.96 ? 143 VAL A CG1 1 
ATOM   367  C  CG2 . VAL A 1 51  ? 2.657   -1.433  5.222   1.00 10.69 ? 143 VAL A CG2 1 
ATOM   368  N  N   . GLN A 1 52  ? 6.091   0.105   7.995   1.00 7.78  ? 144 GLN A N   1 
ATOM   369  C  CA  . GLN A 1 52  ? 7.026   1.084   8.527   1.00 8.06  ? 144 GLN A CA  1 
ATOM   370  C  C   . GLN A 1 52  ? 7.878   1.740   7.459   1.00 6.99  ? 144 GLN A C   1 
ATOM   371  O  O   . GLN A 1 52  ? 8.314   1.088   6.504   1.00 8.46  ? 144 GLN A O   1 
ATOM   372  C  CB  . GLN A 1 52  ? 7.963   0.451   9.559   1.00 9.53  ? 144 GLN A CB  1 
ATOM   373  C  CG  . GLN A 1 52  ? 7.367   0.258   10.938  1.00 11.62 ? 144 GLN A CG  1 
ATOM   374  C  CD  . GLN A 1 52  ? 6.526   -0.993  11.050  1.00 11.86 ? 144 GLN A CD  1 
ATOM   375  O  OE1 . GLN A 1 52  ? 6.986   -2.093  10.740  1.00 11.73 ? 144 GLN A OE1 1 
ATOM   376  N  NE2 . GLN A 1 52  ? 5.287   -0.837  11.507  1.00 13.74 ? 144 GLN A NE2 1 
ATOM   377  N  N   . LEU A 1 53  ? 8.094   3.040   7.636   1.00 7.65  ? 145 LEU A N   1 
ATOM   378  C  CA  . LEU A 1 53  ? 8.936   3.827   6.751   1.00 6.75  ? 145 LEU A CA  1 
ATOM   379  C  C   . LEU A 1 53  ? 10.201  4.132   7.540   1.00 8.29  ? 145 LEU A C   1 
ATOM   380  O  O   . LEU A 1 53  ? 10.135  4.472   8.724   1.00 8.51  ? 145 LEU A O   1 
ATOM   381  C  CB  . LEU A 1 53  ? 8.282   5.161   6.393   1.00 8.48  ? 145 LEU A CB  1 
ATOM   382  C  CG  . LEU A 1 53  ? 6.836   5.214   5.904   1.00 11.96 ? 145 LEU A CG  1 
ATOM   383  C  CD1 . LEU A 1 53  ? 6.472   6.659   5.584   1.00 12.26 ? 145 LEU A CD1 1 
ATOM   384  C  CD2 . LEU A 1 53  ? 6.667   4.342   4.681   1.00 12.38 ? 145 LEU A CD2 1 
ATOM   385  N  N   . TYR A 1 54  ? 11.345  3.997   6.883   1.00 6.72  ? 146 TYR A N   1 
ATOM   386  C  CA  . TYR A 1 54  ? 12.631  4.295   7.496   1.00 7.67  ? 146 TYR A CA  1 
ATOM   387  C  C   . TYR A 1 54  ? 13.405  5.230   6.589   1.00 7.95  ? 146 TYR A C   1 
ATOM   388  O  O   . TYR A 1 54  ? 13.372  5.087   5.362   1.00 8.05  ? 146 TYR A O   1 
ATOM   389  C  CB  . TYR A 1 54  ? 13.494  3.041   7.666   1.00 9.26  ? 146 TYR A CB  1 
ATOM   390  C  CG  . TYR A 1 54  ? 12.989  2.019   8.649   1.00 8.10  ? 146 TYR A CG  1 
ATOM   391  C  CD1 . TYR A 1 54  ? 11.980  1.129   8.298   1.00 9.09  ? 146 TYR A CD1 1 
ATOM   392  C  CD2 . TYR A 1 54  ? 13.549  1.917   9.924   1.00 9.21  ? 146 TYR A CD2 1 
ATOM   393  C  CE1 . TYR A 1 54  ? 11.541  0.158   9.186   1.00 10.10 ? 146 TYR A CE1 1 
ATOM   394  C  CE2 . TYR A 1 54  ? 13.117  0.950   10.823  1.00 11.29 ? 146 TYR A CE2 1 
ATOM   395  C  CZ  . TYR A 1 54  ? 12.113  0.073   10.444  1.00 10.25 ? 146 TYR A CZ  1 
ATOM   396  O  OH  . TYR A 1 54  ? 11.676  -0.891  11.321  1.00 12.02 ? 146 TYR A OH  1 
ATOM   397  N  N   . VAL A 1 55  ? 14.090  6.192   7.194   1.00 7.39  ? 147 VAL A N   1 
ATOM   398  C  CA  . VAL A 1 55  ? 14.955  7.099   6.450   1.00 8.09  ? 147 VAL A CA  1 
ATOM   399  C  C   . VAL A 1 55  ? 16.236  7.255   7.256   1.00 8.52  ? 147 VAL A C   1 
ATOM   400  O  O   . VAL A 1 55  ? 16.221  7.149   8.484   1.00 10.60 ? 147 VAL A O   1 
ATOM   401  C  CB  . VAL A 1 55  ? 14.340  8.506   6.227   1.00 7.46  ? 147 VAL A CB  1 
ATOM   402  C  CG1 . VAL A 1 55  ? 13.151  8.412   5.287   1.00 9.55  ? 147 VAL A CG1 1 
ATOM   403  C  CG2 . VAL A 1 55  ? 13.947  9.135   7.554   1.00 9.31  ? 147 VAL A CG2 1 
ATOM   404  N  N   . ASP A 1 56  ? 17.345  7.476   6.560   1.00 8.77  ? 148 ASP A N   1 
ATOM   405  C  CA  . ASP A 1 56  ? 18.635  7.675   7.212   1.00 8.49  ? 148 ASP A CA  1 
ATOM   406  C  C   . ASP A 1 56  ? 18.699  9.116   7.702   1.00 9.85  ? 148 ASP A C   1 
ATOM   407  O  O   . ASP A 1 56  ? 19.373  9.422   8.686   1.00 11.98 ? 148 ASP A O   1 
ATOM   408  C  CB  . ASP A 1 56  ? 19.777  7.431   6.224   1.00 10.63 ? 148 ASP A CB  1 
ATOM   409  C  CG  . ASP A 1 56  ? 19.964  5.966   5.889   1.00 10.82 ? 148 ASP A CG  1 
ATOM   410  O  OD1 . ASP A 1 56  ? 20.628  5.680   4.871   1.00 14.17 ? 148 ASP A OD1 1 
ATOM   411  O  OD2 . ASP A 1 56  ? 19.465  5.102   6.641   1.00 11.87 ? 148 ASP A OD2 1 
ATOM   412  N  N   . SER A 1 57  ? 17.997  9.996   6.996   1.00 9.55  ? 149 SER A N   1 
ATOM   413  C  CA  . SER A 1 57  ? 17.945  11.414  7.331   1.00 10.83 ? 149 SER A CA  1 
ATOM   414  C  C   . SER A 1 57  ? 16.528  11.917  7.079   1.00 10.40 ? 149 SER A C   1 
ATOM   415  O  O   . SER A 1 57  ? 15.903  11.544  6.091   1.00 10.30 ? 149 SER A O   1 
ATOM   416  C  CB  . SER A 1 57  ? 18.929  12.204  6.464   1.00 13.02 ? 149 SER A CB  1 
ATOM   417  O  OG  . SER A 1 57  ? 20.265  11.795  6.695   1.00 22.79 ? 149 SER A OG  1 
ATOM   418  N  N   . THR A 1 58  ? 16.029  12.768  7.966   1.00 10.44 ? 150 THR A N   1 
ATOM   419  C  CA  . THR A 1 58  ? 14.674  13.302  7.840   1.00 11.10 ? 150 THR A CA  1 
ATOM   420  C  C   . THR A 1 58  ? 14.512  14.209  6.623   1.00 11.13 ? 150 THR A C   1 
ATOM   421  O  O   . THR A 1 58  ? 15.278  15.153  6.438   1.00 12.03 ? 150 THR A O   1 
ATOM   422  C  CB  . THR A 1 58  ? 14.283  14.105  9.096   1.00 12.85 ? 150 THR A CB  1 
ATOM   423  O  OG1 . THR A 1 58  ? 14.480  13.293  10.260  1.00 15.32 ? 150 THR A OG1 1 
ATOM   424  C  CG2 . THR A 1 58  ? 12.824  14.527  9.024   1.00 15.46 ? 150 THR A CG2 1 
ATOM   425  N  N   . PRO A 1 59  ? 13.504  13.937  5.777   1.00 10.46 ? 151 PRO A N   1 
ATOM   426  C  CA  . PRO A 1 59  ? 13.274  14.760  4.587   1.00 10.62 ? 151 PRO A CA  1 
ATOM   427  C  C   . PRO A 1 59  ? 12.707  16.144  4.928   1.00 10.71 ? 151 PRO A C   1 
ATOM   428  O  O   . PRO A 1 59  ? 12.247  16.376  6.046   1.00 12.54 ? 151 PRO A O   1 
ATOM   429  C  CB  . PRO A 1 59  ? 12.322  13.903  3.757   1.00 10.76 ? 151 PRO A CB  1 
ATOM   430  C  CG  . PRO A 1 59  ? 11.534  13.186  4.791   1.00 12.68 ? 151 PRO A CG  1 
ATOM   431  C  CD  . PRO A 1 59  ? 12.584  12.785  5.805   1.00 10.93 ? 151 PRO A CD  1 
ATOM   432  N  N   . PRO A 1 60  ? 12.732  17.074  3.959   1.00 10.89 ? 152 PRO A N   1 
ATOM   433  C  CA  . PRO A 1 60  ? 12.245  18.451  4.113   1.00 11.45 ? 152 PRO A CA  1 
ATOM   434  C  C   . PRO A 1 60  ? 10.752  18.622  4.362   1.00 12.83 ? 152 PRO A C   1 
ATOM   435  O  O   . PRO A 1 60  ? 9.959   17.697  4.167   1.00 10.95 ? 152 PRO A O   1 
ATOM   436  C  CB  . PRO A 1 60  ? 12.651  19.117  2.796   1.00 14.77 ? 152 PRO A CB  1 
ATOM   437  C  CG  . PRO A 1 60  ? 13.782  18.277  2.297   1.00 13.07 ? 152 PRO A CG  1 
ATOM   438  C  CD  . PRO A 1 60  ? 13.320  16.888  2.623   1.00 10.56 ? 152 PRO A CD  1 
ATOM   439  N  N   . PRO A 1 61  ? 10.349  19.823  4.808   1.00 13.57 ? 153 PRO A N   1 
ATOM   440  C  CA  . PRO A 1 61  ? 8.932   20.083  5.059   1.00 12.67 ? 153 PRO A CA  1 
ATOM   441  C  C   . PRO A 1 61  ? 8.193   19.923  3.738   1.00 12.05 ? 153 PRO A C   1 
ATOM   442  O  O   . PRO A 1 61  ? 8.730   20.238  2.674   1.00 12.04 ? 153 PRO A O   1 
ATOM   443  C  CB  . PRO A 1 61  ? 8.930   21.528  5.545   1.00 15.17 ? 153 PRO A CB  1 
ATOM   444  C  CG  . PRO A 1 61  ? 10.239  21.636  6.257   1.00 15.55 ? 153 PRO A CG  1 
ATOM   445  C  CD  . PRO A 1 61  ? 11.181  20.935  5.304   1.00 14.94 ? 153 PRO A CD  1 
ATOM   446  N  N   . GLY A 1 62  ? 6.966   19.424  3.806   1.00 10.50 ? 154 GLY A N   1 
ATOM   447  C  CA  . GLY A 1 62  ? 6.191   19.239  2.596   1.00 10.61 ? 154 GLY A CA  1 
ATOM   448  C  C   . GLY A 1 62  ? 6.395   17.889  1.934   1.00 8.26  ? 154 GLY A C   1 
ATOM   449  O  O   . GLY A 1 62  ? 5.799   17.620  0.893   1.00 8.93  ? 154 GLY A O   1 
ATOM   450  N  N   . THR A 1 63  ? 7.244   17.044  2.510   1.00 7.75  ? 155 THR A N   1 
ATOM   451  C  CA  . THR A 1 63  ? 7.471   15.723  1.939   1.00 7.14  ? 155 THR A CA  1 
ATOM   452  C  C   . THR A 1 63  ? 6.179   14.925  2.081   1.00 6.25  ? 155 THR A C   1 
ATOM   453  O  O   . THR A 1 63  ? 5.472   15.046  3.086   1.00 7.48  ? 155 THR A O   1 
ATOM   454  C  CB  . THR A 1 63  ? 8.643   15.009  2.638   1.00 6.46  ? 155 THR A CB  1 
ATOM   455  O  OG1 . THR A 1 63  ? 9.849   15.743  2.391   1.00 8.22  ? 155 THR A OG1 1 
ATOM   456  C  CG2 . THR A 1 63  ? 8.815   13.599  2.098   1.00 7.35  ? 155 THR A CG2 1 
ATOM   457  N  N   . ARG A 1 64  ? 5.875   14.129  1.062   1.00 6.50  ? 156 ARG A N   1 
ATOM   458  C  CA  . ARG A 1 64  ? 4.653   13.335  1.017   1.00 6.02  ? 156 ARG A CA  1 
ATOM   459  C  C   . ARG A 1 64  ? 4.953   11.863  0.772   1.00 5.73  ? 156 ARG A C   1 
ATOM   460  O  O   . ARG A 1 64  ? 6.010   11.515  0.241   1.00 6.89  ? 156 ARG A O   1 
ATOM   461  C  CB  . ARG A 1 64  ? 3.746   13.874  -0.097  1.00 6.87  ? 156 ARG A CB  1 
ATOM   462  C  CG  . ARG A 1 64  ? 3.198   15.274  0.185   1.00 7.22  ? 156 ARG A CG  1 
ATOM   463  C  CD  . ARG A 1 64  ? 2.919   16.071  -1.090  1.00 7.79  ? 156 ARG A CD  1 
ATOM   464  N  NE  . ARG A 1 64  ? 1.847   15.531  -1.925  1.00 7.90  ? 156 ARG A NE  1 
ATOM   465  C  CZ  . ARG A 1 64  ? 0.548   15.613  -1.646  1.00 6.68  ? 156 ARG A CZ  1 
ATOM   466  N  NH1 . ARG A 1 64  ? 0.131   16.210  -0.538  1.00 8.42  ? 156 ARG A NH1 1 
ATOM   467  N  NH2 . ARG A 1 64  ? -0.341  15.121  -2.498  1.00 8.24  ? 156 ARG A NH2 1 
ATOM   468  N  N   . VAL A 1 65  ? 4.010   11.010  1.155   1.00 5.51  ? 157 VAL A N   1 
ATOM   469  C  CA  . VAL A 1 65  ? 4.137   9.569   0.987   1.00 6.06  ? 157 VAL A CA  1 
ATOM   470  C  C   . VAL A 1 65  ? 2.926   9.084   0.203   1.00 5.59  ? 157 VAL A C   1 
ATOM   471  O  O   . VAL A 1 65  ? 1.784   9.292   0.620   1.00 6.09  ? 157 VAL A O   1 
ATOM   472  C  CB  . VAL A 1 65  ? 4.151   8.842   2.345   1.00 6.04  ? 157 VAL A CB  1 
ATOM   473  C  CG1 . VAL A 1 65  ? 4.334   7.349   2.129   1.00 8.00  ? 157 VAL A CG1 1 
ATOM   474  C  CG2 . VAL A 1 65  ? 5.255   9.401   3.229   1.00 7.39  ? 157 VAL A CG2 1 
ATOM   475  N  N   . ARG A 1 66  ? 3.176   8.436   -0.928  1.00 5.02  ? 158 ARG A N   1 
ATOM   476  C  CA  . ARG A 1 66  ? 2.105   7.931   -1.776  1.00 5.02  ? 158 ARG A CA  1 
ATOM   477  C  C   . ARG A 1 66  ? 2.099   6.417   -1.838  1.00 5.15  ? 158 ARG A C   1 
ATOM   478  O  O   . ARG A 1 66  ? 3.158   5.789   -1.882  1.00 6.07  ? 158 ARG A O   1 
ATOM   479  C  CB  . ARG A 1 66  ? 2.264   8.470   -3.204  1.00 5.81  ? 158 ARG A CB  1 
ATOM   480  C  CG  . ARG A 1 66  ? 1.163   8.048   -4.173  1.00 6.10  ? 158 ARG A CG  1 
ATOM   481  C  CD  . ARG A 1 66  ? 1.531   8.393   -5.613  1.00 6.91  ? 158 ARG A CD  1 
ATOM   482  N  NE  . ARG A 1 66  ? 1.870   9.804   -5.784  1.00 7.09  ? 158 ARG A NE  1 
ATOM   483  C  CZ  . ARG A 1 66  ? 0.987   10.776  -5.991  1.00 7.14  ? 158 ARG A CZ  1 
ATOM   484  N  NH1 . ARG A 1 66  ? -0.311  10.506  -6.061  1.00 8.11  ? 158 ARG A NH1 1 
ATOM   485  N  NH2 . ARG A 1 66  ? 1.402   12.029  -6.134  1.00 8.66  ? 158 ARG A NH2 1 
ATOM   486  N  N   . ALA A 1 67  ? 0.903   5.837   -1.831  1.00 5.82  ? 159 ALA A N   1 
ATOM   487  C  CA  . ALA A 1 67  ? 0.743   4.396   -1.962  1.00 5.47  ? 159 ALA A CA  1 
ATOM   488  C  C   . ALA A 1 67  ? -0.129  4.162   -3.193  1.00 6.42  ? 159 ALA A C   1 
ATOM   489  O  O   . ALA A 1 67  ? -1.195  4.771   -3.345  1.00 7.15  ? 159 ALA A O   1 
ATOM   490  C  CB  . ALA A 1 67  ? 0.083   3.805   -0.724  1.00 7.35  ? 159 ALA A CB  1 
ATOM   491  N  N   . MET A 1 68  ? 0.337   3.296   -4.084  1.00 6.42  ? 160 MET A N   1 
ATOM   492  C  CA  . MET A 1 68  ? -0.396  2.978   -5.301  1.00 7.85  ? 160 MET A CA  1 
ATOM   493  C  C   . MET A 1 68  ? -0.204  1.511   -5.636  1.00 7.43  ? 160 MET A C   1 
ATOM   494  O  O   . MET A 1 68  ? 0.891   0.968   -5.501  1.00 9.49  ? 160 MET A O   1 
ATOM   495  C  CB  . MET A 1 68  ? 0.104   3.825   -6.475  1.00 12.08 ? 160 MET A CB  1 
ATOM   496  C  CG  . MET A 1 68  ? -0.626  3.550   -7.790  1.00 14.39 ? 160 MET A CG  1 
ATOM   497  S  SD  . MET A 1 68  ? 0.140   4.350   -9.213  1.00 16.18 ? 160 MET A SD  1 
ATOM   498  C  CE  . MET A 1 68  ? -0.402  6.030   -8.975  1.00 17.67 ? 160 MET A CE  1 
ATOM   499  N  N   . ALA A 1 69  ? -1.273  0.871   -6.082  1.00 7.33  ? 161 ALA A N   1 
ATOM   500  C  CA  . ALA A 1 69  ? -1.199  -0.532  -6.443  1.00 6.94  ? 161 ALA A CA  1 
ATOM   501  C  C   . ALA A 1 69  ? -1.189  -0.703  -7.953  1.00 7.14  ? 161 ALA A C   1 
ATOM   502  O  O   . ALA A 1 69  ? -1.817  0.067   -8.680  1.00 8.21  ? 161 ALA A O   1 
ATOM   503  C  CB  . ALA A 1 69  ? -2.389  -1.281  -5.852  1.00 10.53 ? 161 ALA A CB  1 
ATOM   504  N  N   . ILE A 1 70  ? -0.443  -1.698  -8.418  1.00 7.28  ? 162 ILE A N   1 
ATOM   505  C  CA  . ILE A 1 70  ? -0.405  -2.041  -9.835  1.00 7.06  ? 162 ILE A CA  1 
ATOM   506  C  C   . ILE A 1 70  ? -0.398  -3.558  -9.909  1.00 8.11  ? 162 ILE A C   1 
ATOM   507  O  O   . ILE A 1 70  ? -0.051  -4.231  -8.935  1.00 7.73  ? 162 ILE A O   1 
ATOM   508  C  CB  . ILE A 1 70  ? 0.860   -1.523  -10.571 1.00 8.75  ? 162 ILE A CB  1 
ATOM   509  C  CG1 . ILE A 1 70  ? 2.122   -2.197  -10.027 1.00 10.26 ? 162 ILE A CG1 1 
ATOM   510  C  CG2 . ILE A 1 70  ? 0.942   -0.021  -10.455 1.00 10.14 ? 162 ILE A CG2 1 
ATOM   511  C  CD1 . ILE A 1 70  ? 3.350   -1.976  -10.898 1.00 13.59 ? 162 ILE A CD1 1 
ATOM   512  N  N   . TYR A 1 71  ? -0.802  -4.102  -11.050 1.00 7.45  ? 163 TYR A N   1 
ATOM   513  C  CA  . TYR A 1 71  ? -0.781  -5.546  -11.217 1.00 8.80  ? 163 TYR A CA  1 
ATOM   514  C  C   . TYR A 1 71  ? 0.662   -5.953  -11.469 1.00 8.76  ? 163 TYR A C   1 
ATOM   515  O  O   . TYR A 1 71  ? 1.394   -5.275  -12.189 1.00 10.11 ? 163 TYR A O   1 
ATOM   516  C  CB  . TYR A 1 71  ? -1.694  -5.965  -12.373 1.00 8.85  ? 163 TYR A CB  1 
ATOM   517  C  CG  . TYR A 1 71  ? -3.151  -5.904  -11.986 1.00 8.36  ? 163 TYR A CG  1 
ATOM   518  C  CD1 . TYR A 1 71  ? -3.644  -6.712  -10.963 1.00 8.68  ? 163 TYR A CD1 1 
ATOM   519  C  CD2 . TYR A 1 71  ? -4.021  -4.997  -12.586 1.00 8.31  ? 163 TYR A CD2 1 
ATOM   520  C  CE1 . TYR A 1 71  ? -4.961  -6.615  -10.541 1.00 9.13  ? 163 TYR A CE1 1 
ATOM   521  C  CE2 . TYR A 1 71  ? -5.351  -4.893  -12.170 1.00 9.17  ? 163 TYR A CE2 1 
ATOM   522  C  CZ  . TYR A 1 71  ? -5.811  -5.704  -11.143 1.00 8.45  ? 163 TYR A CZ  1 
ATOM   523  O  OH  . TYR A 1 71  ? -7.108  -5.596  -10.690 1.00 10.28 ? 163 TYR A OH  1 
ATOM   524  N  N   . LYS A 1 72  ? 1.072   -7.055  -10.851 1.00 9.43  ? 164 LYS A N   1 
ATOM   525  C  CA  . LYS A 1 72  ? 2.438   -7.548  -10.970 1.00 10.70 ? 164 LYS A CA  1 
ATOM   526  C  C   . LYS A 1 72  ? 2.773   -8.182  -12.320 1.00 11.36 ? 164 LYS A C   1 
ATOM   527  O  O   . LYS A 1 72  ? 3.875   -8.005  -12.842 1.00 11.56 ? 164 LYS A O   1 
ATOM   528  C  CB  . LYS A 1 72  ? 2.706   -8.562  -9.855  1.00 11.45 ? 164 LYS A CB  1 
ATOM   529  C  CG  . LYS A 1 72  ? 4.099   -9.169  -9.881  1.00 13.69 ? 164 LYS A CG  1 
ATOM   530  C  CD  . LYS A 1 72  ? 4.253   -10.249 -8.819  1.00 15.25 ? 164 LYS A CD  1 
ATOM   531  C  CE  . LYS A 1 72  ? 5.654   -10.842 -8.841  1.00 19.28 ? 164 LYS A CE  1 
ATOM   532  N  NZ  . LYS A 1 72  ? 5.822   -11.928 -7.837  1.00 18.84 ? 164 LYS A NZ  1 
ATOM   533  N  N   . GLN A 1 73  ? 1.821   -8.919  -12.882 1.00 11.97 ? 165 GLN A N   1 
ATOM   534  C  CA  . GLN A 1 73  ? 2.029   -9.604  -14.153 1.00 12.76 ? 165 GLN A CA  1 
ATOM   535  C  C   . GLN A 1 73  ? 2.062   -8.677  -15.358 1.00 13.27 ? 165 GLN A C   1 
ATOM   536  O  O   . GLN A 1 73  ? 1.216   -7.799  -15.510 1.00 12.91 ? 165 GLN A O   1 
ATOM   537  C  CB  . GLN A 1 73  ? 0.947   -10.666 -14.345 1.00 13.21 ? 165 GLN A CB  1 
ATOM   538  C  CG  . GLN A 1 73  ? 1.021   -11.786 -13.322 1.00 16.66 ? 165 GLN A CG  1 
ATOM   539  C  CD  . GLN A 1 73  ? -0.244  -12.613 -13.275 1.00 17.45 ? 165 GLN A CD  1 
ATOM   540  O  OE1 . GLN A 1 73  ? -1.307  -12.118 -12.898 1.00 16.56 ? 165 GLN A OE1 1 
ATOM   541  N  NE2 . GLN A 1 73  ? -0.140  -13.879 -13.663 1.00 21.10 ? 165 GLN A NE2 1 
ATOM   542  N  N   . SER A 1 74  ? 3.047   -8.901  -16.222 1.00 15.45 ? 166 SER A N   1 
ATOM   543  C  CA  . SER A 1 74  ? 3.239   -8.101  -17.423 1.00 17.81 ? 166 SER A CA  1 
ATOM   544  C  C   . SER A 1 74  ? 1.978   -7.880  -18.252 1.00 15.87 ? 166 SER A C   1 
ATOM   545  O  O   . SER A 1 74  ? 1.714   -6.763  -18.694 1.00 18.68 ? 166 SER A O   1 
ATOM   546  C  CB  . SER A 1 74  ? 4.319   -8.742  -18.304 1.00 19.39 ? 166 SER A CB  1 
ATOM   547  O  OG  . SER A 1 74  ? 4.507   -8.005  -19.500 1.00 28.24 ? 166 SER A OG  1 
ATOM   548  N  N   . GLN A 1 75  ? 1.197   -8.937  -18.458 1.00 16.98 ? 167 GLN A N   1 
ATOM   549  C  CA  . GLN A 1 75  ? -0.016  -8.834  -19.263 1.00 18.83 ? 167 GLN A CA  1 
ATOM   550  C  C   . GLN A 1 75  ? -1.170  -8.079  -18.608 1.00 17.22 ? 167 GLN A C   1 
ATOM   551  O  O   . GLN A 1 75  ? -2.209  -7.871  -19.234 1.00 18.00 ? 167 GLN A O   1 
ATOM   552  C  CB  . GLN A 1 75  ? -0.500  -10.230 -19.682 1.00 20.64 ? 167 GLN A CB  1 
ATOM   553  C  CG  . GLN A 1 75  ? -0.885  -11.158 -18.535 1.00 25.08 ? 167 GLN A CG  1 
ATOM   554  C  CD  . GLN A 1 75  ? 0.309   -11.837 -17.888 1.00 24.97 ? 167 GLN A CD  1 
ATOM   555  O  OE1 . GLN A 1 75  ? 0.151   -12.645 -16.972 1.00 32.50 ? 167 GLN A OE1 1 
ATOM   556  N  NE2 . GLN A 1 75  ? 1.507   -11.518 -18.362 1.00 30.33 ? 167 GLN A NE2 1 
ATOM   557  N  N   . HIS A 1 76  ? -0.993  -7.663  -17.358 1.00 15.11 ? 168 HIS A N   1 
ATOM   558  C  CA  . HIS A 1 76  ? -2.044  -6.937  -16.649 1.00 12.70 ? 168 HIS A CA  1 
ATOM   559  C  C   . HIS A 1 76  ? -1.597  -5.575  -16.133 1.00 12.33 ? 168 HIS A C   1 
ATOM   560  O  O   . HIS A 1 76  ? -2.411  -4.800  -15.632 1.00 12.01 ? 168 HIS A O   1 
ATOM   561  C  CB  . HIS A 1 76  ? -2.554  -7.777  -15.475 1.00 13.82 ? 168 HIS A CB  1 
ATOM   562  C  CG  . HIS A 1 76  ? -3.234  -9.042  -15.893 1.00 14.48 ? 168 HIS A CG  1 
ATOM   563  N  ND1 . HIS A 1 76  ? -2.877  -10.279 -15.402 1.00 19.01 ? 168 HIS A ND1 1 
ATOM   564  C  CD2 . HIS A 1 76  ? -4.251  -9.258  -16.760 1.00 16.55 ? 168 HIS A CD2 1 
ATOM   565  C  CE1 . HIS A 1 76  ? -3.645  -11.205 -15.950 1.00 15.55 ? 168 HIS A CE1 1 
ATOM   566  N  NE2 . HIS A 1 76  ? -4.486  -10.612 -16.776 1.00 18.30 ? 168 HIS A NE2 1 
ATOM   567  N  N   . MET A 1 77  ? -0.308  -5.281  -16.270 1.00 12.87 ? 169 MET A N   1 
ATOM   568  C  CA  . MET A 1 77  ? 0.259   -4.025  -15.788 1.00 13.11 ? 169 MET A CA  1 
ATOM   569  C  C   . MET A 1 77  ? -0.436  -2.741  -16.223 1.00 12.20 ? 169 MET A C   1 
ATOM   570  O  O   . MET A 1 77  ? -0.512  -1.788  -15.448 1.00 11.42 ? 169 MET A O   1 
ATOM   571  C  CB  . MET A 1 77  ? 1.729   -3.920  -16.188 1.00 15.65 ? 169 MET A CB  1 
ATOM   572  C  CG  . MET A 1 77  ? 2.634   -4.949  -15.559 1.00 18.50 ? 169 MET A CG  1 
ATOM   573  S  SD  . MET A 1 77  ? 4.342   -4.574  -15.958 1.00 18.42 ? 169 MET A SD  1 
ATOM   574  C  CE  . MET A 1 77  ? 4.420   -5.086  -17.667 1.00 27.02 ? 169 MET A CE  1 
ATOM   575  N  N   . THR A 1 78  ? -0.927  -2.700  -17.457 1.00 13.03 ? 170 THR A N   1 
ATOM   576  C  CA  . THR A 1 78  ? -1.576  -1.495  -17.956 1.00 13.41 ? 170 THR A CA  1 
ATOM   577  C  C   . THR A 1 78  ? -2.994  -1.297  -17.444 1.00 12.64 ? 170 THR A C   1 
ATOM   578  O  O   . THR A 1 78  ? -3.606  -0.258  -17.694 1.00 14.59 ? 170 THR A O   1 
ATOM   579  C  CB  . THR A 1 78  ? -1.605  -1.469  -19.500 1.00 13.95 ? 170 THR A CB  1 
ATOM   580  O  OG1 . THR A 1 78  ? -2.374  -2.576  -19.985 1.00 17.51 ? 170 THR A OG1 1 
ATOM   581  C  CG2 . THR A 1 78  ? -0.192  -1.549  -20.058 1.00 17.70 ? 170 THR A CG2 1 
ATOM   582  N  N   . GLU A 1 79  ? -3.524  -2.282  -16.728 1.00 12.17 ? 171 GLU A N   1 
ATOM   583  C  CA  . GLU A 1 79  ? -4.877  -2.155  -16.206 1.00 11.91 ? 171 GLU A CA  1 
ATOM   584  C  C   . GLU A 1 79  ? -4.878  -1.499  -14.834 1.00 10.77 ? 171 GLU A C   1 
ATOM   585  O  O   . GLU A 1 79  ? -4.106  -1.877  -13.953 1.00 11.80 ? 171 GLU A O   1 
ATOM   586  C  CB  . GLU A 1 79  ? -5.556  -3.522  -16.109 1.00 12.39 ? 171 GLU A CB  1 
ATOM   587  C  CG  . GLU A 1 79  ? -7.042  -3.424  -15.793 1.00 15.32 ? 171 GLU A CG  1 
ATOM   588  C  CD  . GLU A 1 79  ? -7.710  -4.774  -15.659 1.00 16.65 ? 171 GLU A CD  1 
ATOM   589  O  OE1 . GLU A 1 79  ? -7.420  -5.667  -16.483 1.00 18.15 ? 171 GLU A OE1 1 
ATOM   590  O  OE2 . GLU A 1 79  ? -8.537  -4.940  -14.737 1.00 18.16 ? 171 GLU A OE2 1 
ATOM   591  N  N   . VAL A 1 80  ? -5.747  -0.511  -14.657 1.00 10.66 ? 172 VAL A N   1 
ATOM   592  C  CA  . VAL A 1 80  ? -5.852  0.185   -13.382 1.00 10.11 ? 172 VAL A CA  1 
ATOM   593  C  C   . VAL A 1 80  ? -6.394  -0.758  -12.309 1.00 9.80  ? 172 VAL A C   1 
ATOM   594  O  O   . VAL A 1 80  ? -7.380  -1.463  -12.532 1.00 11.20 ? 172 VAL A O   1 
ATOM   595  C  CB  . VAL A 1 80  ? -6.802  1.400   -13.486 1.00 10.42 ? 172 VAL A CB  1 
ATOM   596  C  CG1 . VAL A 1 80  ? -6.963  2.056   -12.123 1.00 12.09 ? 172 VAL A CG1 1 
ATOM   597  C  CG2 . VAL A 1 80  ? -6.262  2.400   -14.493 1.00 11.93 ? 172 VAL A CG2 1 
ATOM   598  N  N   . VAL A 1 81  ? -5.738  -0.780  -11.152 1.00 8.83  ? 173 VAL A N   1 
ATOM   599  C  CA  . VAL A 1 81  ? -6.186  -1.615  -10.043 1.00 8.32  ? 173 VAL A CA  1 
ATOM   600  C  C   . VAL A 1 81  ? -7.309  -0.858  -9.347  1.00 9.11  ? 173 VAL A C   1 
ATOM   601  O  O   . VAL A 1 81  ? -7.109  0.259   -8.861  1.00 10.46 ? 173 VAL A O   1 
ATOM   602  C  CB  . VAL A 1 81  ? -5.059  -1.868  -9.023  1.00 8.02  ? 173 VAL A CB  1 
ATOM   603  C  CG1 . VAL A 1 81  ? -5.611  -2.617  -7.815  1.00 9.15  ? 173 VAL A CG1 1 
ATOM   604  C  CG2 . VAL A 1 81  ? -3.936  -2.660  -9.670  1.00 9.87  ? 173 VAL A CG2 1 
ATOM   605  N  N   . ARG A 1 82  ? -8.492  -1.461  -9.302  1.00 10.77 ? 174 ARG A N   1 
ATOM   606  C  CA  . ARG A 1 82  ? -9.634  -0.814  -8.676  1.00 10.49 ? 174 ARG A CA  1 
ATOM   607  C  C   . ARG A 1 82  ? -10.533 -1.786  -7.928  1.00 10.50 ? 174 ARG A C   1 
ATOM   608  O  O   . ARG A 1 82  ? -10.384 -3.006  -8.022  1.00 10.09 ? 174 ARG A O   1 
ATOM   609  C  CB  . ARG A 1 82  ? -10.461 -0.073  -9.731  1.00 14.48 ? 174 ARG A CB  1 
ATOM   610  C  CG  . ARG A 1 82  ? -11.056 -0.987  -10.794 1.00 14.73 ? 174 ARG A CG  1 
ATOM   611  C  CD  . ARG A 1 82  ? -11.973 -0.231  -11.748 1.00 20.49 ? 174 ARG A CD  1 
ATOM   612  N  NE  . ARG A 1 82  ? -11.249 0.681   -12.631 1.00 24.05 ? 174 ARG A NE  1 
ATOM   613  C  CZ  . ARG A 1 82  ? -10.462 0.293   -13.630 1.00 26.88 ? 174 ARG A CZ  1 
ATOM   614  N  NH1 . ARG A 1 82  ? -10.288 -0.997  -13.883 1.00 28.82 ? 174 ARG A NH1 1 
ATOM   615  N  NH2 . ARG A 1 82  ? -9.850  1.199   -14.382 1.00 30.40 ? 174 ARG A NH2 1 
ATOM   616  N  N   . ARG A 1 83  ? -11.470 -1.209  -7.185  1.00 10.81 ? 175 ARG A N   1 
ATOM   617  C  CA  . ARG A 1 83  ? -12.453 -1.940  -6.401  1.00 11.26 ? 175 ARG A CA  1 
ATOM   618  C  C   . ARG A 1 83  ? -13.352 -2.726  -7.359  1.00 10.73 ? 175 ARG A C   1 
ATOM   619  O  O   . ARG A 1 83  ? -13.686 -2.236  -8.438  1.00 11.03 ? 175 ARG A O   1 
ATOM   620  C  CB  . ARG A 1 83  ? -13.300 -0.931  -5.622  1.00 12.58 ? 175 ARG A CB  1 
ATOM   621  C  CG  . ARG A 1 83  ? -14.002 -1.467  -4.395  1.00 12.71 ? 175 ARG A CG  1 
ATOM   622  C  CD  . ARG A 1 83  ? -13.078 -1.431  -3.193  1.00 13.67 ? 175 ARG A CD  1 
ATOM   623  N  NE  . ARG A 1 83  ? -13.735 -1.909  -1.983  1.00 10.81 ? 175 ARG A NE  1 
ATOM   624  C  CZ  . ARG A 1 83  ? -14.635 -1.223  -1.288  1.00 10.55 ? 175 ARG A CZ  1 
ATOM   625  N  NH1 . ARG A 1 83  ? -14.999 -0.007  -1.674  1.00 13.25 ? 175 ARG A NH1 1 
ATOM   626  N  NH2 . ARG A 1 83  ? -15.176 -1.758  -0.201  1.00 14.60 ? 175 ARG A NH2 1 
ATOM   627  N  N   . CYS A 1 84  ? -13.750 -3.934  -6.973  1.00 10.47 ? 176 CYS A N   1 
ATOM   628  C  CA  . CYS A 1 84  ? -14.617 -4.728  -7.836  1.00 11.11 ? 176 CYS A CA  1 
ATOM   629  C  C   . CYS A 1 84  ? -16.015 -4.114  -7.847  1.00 12.31 ? 176 CYS A C   1 
ATOM   630  O  O   . CYS A 1 84  ? -16.375 -3.346  -6.952  1.00 12.85 ? 176 CYS A O   1 
ATOM   631  C  CB  . CYS A 1 84  ? -14.682 -6.183  -7.356  1.00 11.82 ? 176 CYS A CB  1 
ATOM   632  S  SG  . CYS A 1 84  ? -15.658 -6.470  -5.861  1.00 11.05 ? 176 CYS A SG  1 
ATOM   633  N  N   . PRO A 1 85  ? -16.821 -4.438  -8.871  1.00 12.78 ? 177 PRO A N   1 
ATOM   634  C  CA  . PRO A 1 85  ? -18.180 -3.900  -8.976  1.00 14.87 ? 177 PRO A CA  1 
ATOM   635  C  C   . PRO A 1 85  ? -19.010 -4.099  -7.709  1.00 13.90 ? 177 PRO A C   1 
ATOM   636  O  O   . PRO A 1 85  ? -19.701 -3.186  -7.258  1.00 16.14 ? 177 PRO A O   1 
ATOM   637  C  CB  . PRO A 1 85  ? -18.752 -4.658  -10.170 1.00 15.24 ? 177 PRO A CB  1 
ATOM   638  C  CG  . PRO A 1 85  ? -17.550 -4.849  -11.038 1.00 15.63 ? 177 PRO A CG  1 
ATOM   639  C  CD  . PRO A 1 85  ? -16.499 -5.276  -10.040 1.00 14.10 ? 177 PRO A CD  1 
ATOM   640  N  N   . HIS A 1 86  ? -18.938 -5.298  -7.139  1.00 14.35 ? 178 HIS A N   1 
ATOM   641  C  CA  . HIS A 1 86  ? -19.694 -5.620  -5.934  1.00 14.46 ? 178 HIS A CA  1 
ATOM   642  C  C   . HIS A 1 86  ? -19.365 -4.717  -4.748  1.00 14.65 ? 178 HIS A C   1 
ATOM   643  O  O   . HIS A 1 86  ? -20.262 -4.126  -4.147  1.00 16.95 ? 178 HIS A O   1 
ATOM   644  C  CB  . HIS A 1 86  ? -19.467 -7.088  -5.553  1.00 14.97 ? 178 HIS A CB  1 
ATOM   645  C  CG  . HIS A 1 86  ? -20.124 -7.490  -4.270  1.00 20.67 ? 178 HIS A CG  1 
ATOM   646  N  ND1 . HIS A 1 86  ? -19.620 -7.144  -3.034  1.00 24.47 ? 178 HIS A ND1 1 
ATOM   647  C  CD2 . HIS A 1 86  ? -21.253 -8.197  -4.030  1.00 23.35 ? 178 HIS A CD2 1 
ATOM   648  C  CE1 . HIS A 1 86  ? -20.410 -7.622  -2.090  1.00 24.13 ? 178 HIS A CE1 1 
ATOM   649  N  NE2 . HIS A 1 86  ? -21.409 -8.264  -2.667  1.00 25.46 ? 178 HIS A NE2 1 
ATOM   650  N  N   . HIS A 1 87  ? -18.085 -4.604  -4.410  1.00 13.37 ? 179 HIS A N   1 
ATOM   651  C  CA  . HIS A 1 87  ? -17.690 -3.769  -3.284  1.00 13.75 ? 179 HIS A CA  1 
ATOM   652  C  C   . HIS A 1 87  ? -17.793 -2.274  -3.557  1.00 13.13 ? 179 HIS A C   1 
ATOM   653  O  O   . HIS A 1 87  ? -17.997 -1.488  -2.632  1.00 16.33 ? 179 HIS A O   1 
ATOM   654  C  CB  . HIS A 1 87  ? -16.275 -4.132  -2.828  1.00 13.53 ? 179 HIS A CB  1 
ATOM   655  C  CG  . HIS A 1 87  ? -16.241 -5.234  -1.816  1.00 18.99 ? 179 HIS A CG  1 
ATOM   656  N  ND1 . HIS A 1 87  ? -16.833 -5.119  -0.577  1.00 24.56 ? 179 HIS A ND1 1 
ATOM   657  C  CD2 . HIS A 1 87  ? -15.705 -6.477  -1.863  1.00 22.72 ? 179 HIS A CD2 1 
ATOM   658  C  CE1 . HIS A 1 87  ? -16.666 -6.242  0.096   1.00 26.33 ? 179 HIS A CE1 1 
ATOM   659  N  NE2 . HIS A 1 87  ? -15.984 -7.084  -0.661  1.00 23.55 ? 179 HIS A NE2 1 
ATOM   660  N  N   . GLU A 1 88  ? -17.672 -1.880  -4.820  1.00 13.98 ? 180 GLU A N   1 
ATOM   661  C  CA  . GLU A 1 88  ? -17.761 -0.468  -5.175  1.00 15.83 ? 180 GLU A CA  1 
ATOM   662  C  C   . GLU A 1 88  ? -19.151 0.106   -4.914  1.00 18.56 ? 180 GLU A C   1 
ATOM   663  O  O   . GLU A 1 88  ? -19.283 1.271   -4.539  1.00 17.97 ? 180 GLU A O   1 
ATOM   664  C  CB  . GLU A 1 88  ? -17.408 -0.255  -6.647  1.00 19.15 ? 180 GLU A CB  1 
ATOM   665  C  CG  . GLU A 1 88  ? -17.313 1.215   -7.027  1.00 26.16 ? 180 GLU A CG  1 
ATOM   666  C  CD  . GLU A 1 88  ? -17.352 1.446   -8.523  1.00 28.96 ? 180 GLU A CD  1 
ATOM   667  O  OE1 . GLU A 1 88  ? -16.554 0.819   -9.248  1.00 33.47 ? 180 GLU A OE1 1 
ATOM   668  O  OE2 . GLU A 1 88  ? -18.183 2.263   -8.973  1.00 33.71 ? 180 GLU A OE2 1 
ATOM   669  N  N   . ARG A 1 89  ? -20.187 -0.703  -5.114  1.00 19.62 ? 181 ARG A N   1 
ATOM   670  C  CA  . ARG A 1 89  ? -21.550 -0.231  -4.899  1.00 25.63 ? 181 ARG A CA  1 
ATOM   671  C  C   . ARG A 1 89  ? -22.061 -0.443  -3.479  1.00 27.84 ? 181 ARG A C   1 
ATOM   672  O  O   . ARG A 1 89  ? -23.218 -0.150  -3.181  1.00 29.69 ? 181 ARG A O   1 
ATOM   673  C  CB  . ARG A 1 89  ? -22.514 -0.883  -5.898  1.00 27.24 ? 181 ARG A CB  1 
ATOM   674  C  CG  . ARG A 1 89  ? -22.473 -2.399  -5.947  1.00 31.22 ? 181 ARG A CG  1 
ATOM   675  C  CD  . ARG A 1 89  ? -23.642 -2.934  -6.768  1.00 34.66 ? 181 ARG A CD  1 
ATOM   676  N  NE  . ARG A 1 89  ? -23.529 -4.364  -7.040  1.00 37.34 ? 181 ARG A NE  1 
ATOM   677  C  CZ  . ARG A 1 89  ? -22.680 -4.893  -7.916  1.00 38.33 ? 181 ARG A CZ  1 
ATOM   678  N  NH1 . ARG A 1 89  ? -22.644 -6.206  -8.098  1.00 39.14 ? 181 ARG A NH1 1 
ATOM   679  N  NH2 . ARG A 1 89  ? -21.875 -4.108  -8.620  1.00 40.85 ? 181 ARG A NH2 1 
ATOM   680  N  N   . SER A 1 90  ? -21.199 -0.945  -2.600  1.00 30.92 ? 182 SER A N   1 
ATOM   681  C  CA  . SER A 1 90  ? -21.586 -1.174  -1.212  1.00 36.36 ? 182 SER A CA  1 
ATOM   682  C  C   . SER A 1 90  ? -21.518 0.142   -0.444  1.00 39.62 ? 182 SER A C   1 
ATOM   683  O  O   . SER A 1 90  ? -20.612 0.948   -0.659  1.00 39.86 ? 182 SER A O   1 
ATOM   684  C  CB  . SER A 1 90  ? -20.656 -2.198  -0.558  1.00 36.17 ? 182 SER A CB  1 
ATOM   685  O  OG  . SER A 1 90  ? -19.340 -1.686  -0.431  1.00 37.36 ? 182 SER A OG  1 
ATOM   686  N  N   . SER A 1 91  ? -22.481 0.358   0.446   1.00 44.06 ? 183 SER A N   1 
ATOM   687  C  CA  . SER A 1 91  ? -22.524 1.582   1.240   1.00 48.24 ? 183 SER A CA  1 
ATOM   688  C  C   . SER A 1 91  ? -21.921 1.358   2.623   1.00 50.24 ? 183 SER A C   1 
ATOM   689  O  O   . SER A 1 91  ? -22.618 0.951   3.554   1.00 51.62 ? 183 SER A O   1 
ATOM   690  C  CB  . SER A 1 91  ? -23.968 2.069   1.379   1.00 48.26 ? 183 SER A CB  1 
ATOM   691  O  OG  . SER A 1 91  ? -24.535 2.355   0.112   1.00 49.93 ? 183 SER A OG  1 
ATOM   692  N  N   . ASP A 1 92  ? -20.627 1.630   2.751   1.00 52.70 ? 184 ASP A N   1 
ATOM   693  C  CA  . ASP A 1 92  ? -19.929 1.458   4.019   1.00 54.89 ? 184 ASP A CA  1 
ATOM   694  C  C   . ASP A 1 92  ? -19.115 2.695   4.386   1.00 55.72 ? 184 ASP A C   1 
ATOM   695  O  O   . ASP A 1 92  ? -18.666 2.837   5.524   1.00 56.38 ? 184 ASP A O   1 
ATOM   696  C  CB  . ASP A 1 92  ? -19.007 0.236   3.951   1.00 55.82 ? 184 ASP A CB  1 
ATOM   697  C  CG  . ASP A 1 92  ? -17.989 0.333   2.831   1.00 56.97 ? 184 ASP A CG  1 
ATOM   698  O  OD1 . ASP A 1 92  ? -17.169 -0.599  2.690   1.00 57.87 ? 184 ASP A OD1 1 
ATOM   699  O  OD2 . ASP A 1 92  ? -18.007 1.339   2.090   1.00 58.34 ? 184 ASP A OD2 1 
ATOM   700  N  N   . SER A 1 93  ? -18.927 3.586   3.418   1.00 56.48 ? 185 SER A N   1 
ATOM   701  C  CA  . SER A 1 93  ? -18.169 4.813   3.642   1.00 56.87 ? 185 SER A CA  1 
ATOM   702  C  C   . SER A 1 93  ? -19.036 6.037   3.365   1.00 56.62 ? 185 SER A C   1 
ATOM   703  O  O   . SER A 1 93  ? -19.904 6.010   2.492   1.00 56.95 ? 185 SER A O   1 
ATOM   704  C  CB  . SER A 1 93  ? -16.932 4.840   2.741   1.00 57.06 ? 185 SER A CB  1 
ATOM   705  O  OG  . SER A 1 93  ? -17.293 4.768   1.373   1.00 58.16 ? 185 SER A OG  1 
ATOM   706  N  N   . ASP A 1 94  ? -18.796 7.109   4.114   1.00 56.01 ? 186 ASP A N   1 
ATOM   707  C  CA  . ASP A 1 94  ? -19.557 8.341   3.953   1.00 54.95 ? 186 ASP A CA  1 
ATOM   708  C  C   . ASP A 1 94  ? -19.162 9.074   2.675   1.00 53.38 ? 186 ASP A C   1 
ATOM   709  O  O   . ASP A 1 94  ? -19.985 9.259   1.778   1.00 53.73 ? 186 ASP A O   1 
ATOM   710  C  CB  . ASP A 1 94  ? -19.342 9.256   5.162   1.00 56.86 ? 186 ASP A CB  1 
ATOM   711  C  CG  . ASP A 1 94  ? -20.198 10.508  5.107   1.00 57.83 ? 186 ASP A CG  1 
ATOM   712  O  OD1 . ASP A 1 94  ? -20.017 11.318  4.174   1.00 58.70 ? 186 ASP A OD1 1 
ATOM   713  O  OD2 . ASP A 1 94  ? -21.057 10.681  5.999   1.00 59.33 ? 186 ASP A OD2 1 
ATOM   714  N  N   . GLY A 1 95  ? -17.901 9.491   2.596   1.00 50.89 ? 187 GLY A N   1 
ATOM   715  C  CA  . GLY A 1 95  ? -17.437 10.199  1.417   1.00 46.85 ? 187 GLY A CA  1 
ATOM   716  C  C   . GLY A 1 95  ? -15.950 10.500  1.420   1.00 43.96 ? 187 GLY A C   1 
ATOM   717  O  O   . GLY A 1 95  ? -15.452 11.189  0.528   1.00 44.95 ? 187 GLY A O   1 
ATOM   718  N  N   . LEU A 1 96  ? -15.236 9.986   2.419   1.00 40.00 ? 188 LEU A N   1 
ATOM   719  C  CA  . LEU A 1 96  ? -13.797 10.209  2.522   1.00 33.76 ? 188 LEU A CA  1 
ATOM   720  C  C   . LEU A 1 96  ? -13.063 9.413   1.446   1.00 28.99 ? 188 LEU A C   1 
ATOM   721  O  O   . LEU A 1 96  ? -12.731 9.947   0.389   1.00 26.88 ? 188 LEU A O   1 
ATOM   722  C  CB  . LEU A 1 96  ? -13.301 9.798   3.909   1.00 37.55 ? 188 LEU A CB  1 
ATOM   723  C  CG  . LEU A 1 96  ? -11.836 10.095  4.237   1.00 38.42 ? 188 LEU A CG  1 
ATOM   724  C  CD1 . LEU A 1 96  ? -11.574 11.590  4.131   1.00 40.64 ? 188 LEU A CD1 1 
ATOM   725  C  CD2 . LEU A 1 96  ? -11.523 9.597   5.638   1.00 41.66 ? 188 LEU A CD2 1 
ATOM   726  N  N   . ALA A 1 97  ? -12.802 8.138   1.717   1.00 21.67 ? 189 ALA A N   1 
ATOM   727  C  CA  . ALA A 1 97  ? -12.126 7.292   0.743   1.00 14.55 ? 189 ALA A CA  1 
ATOM   728  C  C   . ALA A 1 97  ? -13.149 6.909   -0.320  1.00 11.90 ? 189 ALA A C   1 
ATOM   729  O  O   . ALA A 1 97  ? -14.229 6.407   0.001   1.00 12.68 ? 189 ALA A O   1 
ATOM   730  C  CB  . ALA A 1 97  ? -11.578 6.041   1.415   1.00 15.52 ? 189 ALA A CB  1 
ATOM   731  N  N   . PRO A 1 98  ? -12.834 7.160   -1.598  1.00 10.26 ? 190 PRO A N   1 
ATOM   732  C  CA  . PRO A 1 98  ? -13.766 6.818   -2.675  1.00 10.15 ? 190 PRO A CA  1 
ATOM   733  C  C   . PRO A 1 98  ? -14.010 5.315   -2.688  1.00 10.48 ? 190 PRO A C   1 
ATOM   734  O  O   . PRO A 1 98  ? -13.102 4.532   -2.408  1.00 9.86  ? 190 PRO A O   1 
ATOM   735  C  CB  . PRO A 1 98  ? -13.030 7.270   -3.932  1.00 10.49 ? 190 PRO A CB  1 
ATOM   736  C  CG  . PRO A 1 98  ? -12.141 8.374   -3.440  1.00 11.01 ? 190 PRO A CG  1 
ATOM   737  C  CD  . PRO A 1 98  ? -11.635 7.830   -2.131  1.00 9.38  ? 190 PRO A CD  1 
ATOM   738  N  N   . PRO A 1 99  ? -15.242 4.890   -3.006  1.00 9.70  ? 191 PRO A N   1 
ATOM   739  C  CA  . PRO A 1 99  ? -15.547 3.457   -3.040  1.00 10.09 ? 191 PRO A CA  1 
ATOM   740  C  C   . PRO A 1 99  ? -14.707 2.716   -4.079  1.00 10.98 ? 191 PRO A C   1 
ATOM   741  O  O   . PRO A 1 99  ? -14.523 1.503   -3.995  1.00 12.84 ? 191 PRO A O   1 
ATOM   742  C  CB  . PRO A 1 99  ? -17.032 3.429   -3.394  1.00 12.53 ? 191 PRO A CB  1 
ATOM   743  C  CG  . PRO A 1 99  ? -17.546 4.708   -2.805  1.00 12.91 ? 191 PRO A CG  1 
ATOM   744  C  CD  . PRO A 1 99  ? -16.464 5.694   -3.182  1.00 11.51 ? 191 PRO A CD  1 
ATOM   745  N  N   . GLN A 1 100 ? -14.193 3.457   -5.052  1.00 10.35 ? 192 GLN A N   1 
ATOM   746  C  CA  . GLN A 1 100 ? -13.400 2.878   -6.128  1.00 11.77 ? 192 GLN A CA  1 
ATOM   747  C  C   . GLN A 1 100 ? -11.956 2.555   -5.744  1.00 9.74  ? 192 GLN A C   1 
ATOM   748  O  O   . GLN A 1 100 ? -11.289 1.783   -6.432  1.00 12.78 ? 192 GLN A O   1 
ATOM   749  C  CB  . GLN A 1 100 ? -13.395 3.822   -7.335  1.00 12.63 ? 192 GLN A CB  1 
ATOM   750  C  CG  . GLN A 1 100 ? -14.770 4.138   -7.923  1.00 13.37 ? 192 GLN A CG  1 
ATOM   751  C  CD  . GLN A 1 100 ? -15.677 4.879   -6.957  1.00 13.14 ? 192 GLN A CD  1 
ATOM   752  O  OE1 . GLN A 1 100 ? -15.238 5.780   -6.242  1.00 13.48 ? 192 GLN A OE1 1 
ATOM   753  N  NE2 . GLN A 1 100 ? -16.956 4.515   -6.944  1.00 15.15 ? 192 GLN A NE2 1 
ATOM   754  N  N   . HIS A 1 101 ? -11.478 3.133   -4.647  1.00 8.80  ? 193 HIS A N   1 
ATOM   755  C  CA  . HIS A 1 101 ? -10.103 2.909   -4.216  1.00 7.65  ? 193 HIS A CA  1 
ATOM   756  C  C   . HIS A 1 101 ? -9.881  1.638   -3.408  1.00 8.75  ? 193 HIS A C   1 
ATOM   757  O  O   . HIS A 1 101 ? -10.580 1.372   -2.431  1.00 9.47  ? 193 HIS A O   1 
ATOM   758  C  CB  . HIS A 1 101 ? -9.598  4.097   -3.398  1.00 8.64  ? 193 HIS A CB  1 
ATOM   759  C  CG  . HIS A 1 101 ? -9.280  5.307   -4.217  1.00 7.35  ? 193 HIS A CG  1 
ATOM   760  N  ND1 . HIS A 1 101 ? -8.197  6.114   -3.951  1.00 8.04  ? 193 HIS A ND1 1 
ATOM   761  C  CD2 . HIS A 1 101 ? -9.908  5.855   -5.285  1.00 7.81  ? 193 HIS A CD2 1 
ATOM   762  C  CE1 . HIS A 1 101 ? -8.167  7.107   -4.822  1.00 7.50  ? 193 HIS A CE1 1 
ATOM   763  N  NE2 . HIS A 1 101 ? -9.195  6.973   -5.642  1.00 9.10  ? 193 HIS A NE2 1 
ATOM   764  N  N   . LEU A 1 102 ? -8.880  0.868   -3.814  1.00 7.33  ? 194 LEU A N   1 
ATOM   765  C  CA  . LEU A 1 102 ? -8.541  -0.362  -3.120  1.00 7.12  ? 194 LEU A CA  1 
ATOM   766  C  C   . LEU A 1 102 ? -7.848  -0.074  -1.792  1.00 7.19  ? 194 LEU A C   1 
ATOM   767  O  O   . LEU A 1 102 ? -8.160  -0.691  -0.772  1.00 7.19  ? 194 LEU A O   1 
ATOM   768  C  CB  . LEU A 1 102 ? -7.606  -1.209  -3.984  1.00 7.75  ? 194 LEU A CB  1 
ATOM   769  C  CG  . LEU A 1 102 ? -7.006  -2.424  -3.272  1.00 7.61  ? 194 LEU A CG  1 
ATOM   770  C  CD1 . LEU A 1 102 ? -8.098  -3.460  -3.026  1.00 9.84  ? 194 LEU A CD1 1 
ATOM   771  C  CD2 . LEU A 1 102 ? -5.888  -3.016  -4.113  1.00 8.68  ? 194 LEU A CD2 1 
ATOM   772  N  N   . ILE A 1 103 ? -6.918  0.874   -1.813  1.00 6.38  ? 195 ILE A N   1 
ATOM   773  C  CA  . ILE A 1 103 ? -6.128  1.207   -0.639  1.00 6.68  ? 195 ILE A CA  1 
ATOM   774  C  C   . ILE A 1 103 ? -6.594  2.430   0.135   1.00 7.33  ? 195 ILE A C   1 
ATOM   775  O  O   . ILE A 1 103 ? -6.783  3.510   -0.433  1.00 7.77  ? 195 ILE A O   1 
ATOM   776  C  CB  . ILE A 1 103 ? -4.648  1.452   -1.028  1.00 7.06  ? 195 ILE A CB  1 
ATOM   777  C  CG1 . ILE A 1 103 ? -4.117  0.285   -1.863  1.00 7.76  ? 195 ILE A CG1 1 
ATOM   778  C  CG2 . ILE A 1 103 ? -3.804  1.641   0.224   1.00 7.80  ? 195 ILE A CG2 1 
ATOM   779  C  CD1 . ILE A 1 103 ? -2.704  0.505   -2.386  1.00 11.45 ? 195 ILE A CD1 1 
ATOM   780  N  N   . ARG A 1 104 ? -6.758  2.257   1.440   1.00 7.00  ? 196 ARG A N   1 
ATOM   781  C  CA  . ARG A 1 104 ? -7.133  3.351   2.320   1.00 6.55  ? 196 ARG A CA  1 
ATOM   782  C  C   . ARG A 1 104 ? -6.063  3.468   3.393   1.00 8.14  ? 196 ARG A C   1 
ATOM   783  O  O   . ARG A 1 104 ? -5.340  2.508   3.669   1.00 8.11  ? 196 ARG A O   1 
ATOM   784  C  CB  . ARG A 1 104 ? -8.467  3.078   3.020   1.00 8.58  ? 196 ARG A CB  1 
ATOM   785  C  CG  . ARG A 1 104 ? -9.657  2.971   2.100   1.00 9.24  ? 196 ARG A CG  1 
ATOM   786  C  CD  . ARG A 1 104 ? -10.942 2.801   2.892   1.00 10.03 ? 196 ARG A CD  1 
ATOM   787  N  NE  . ARG A 1 104 ? -12.063 2.524   2.004   1.00 10.98 ? 196 ARG A NE  1 
ATOM   788  C  CZ  . ARG A 1 104 ? -13.282 2.188   2.409   1.00 13.10 ? 196 ARG A CZ  1 
ATOM   789  N  NH1 . ARG A 1 104 ? -13.555 2.091   3.704   1.00 14.93 ? 196 ARG A NH1 1 
ATOM   790  N  NH2 . ARG A 1 104 ? -14.223 1.929   1.513   1.00 13.62 ? 196 ARG A NH2 1 
ATOM   791  N  N   . VAL A 1 105 ? -5.945  4.654   3.975   1.00 7.38  ? 197 VAL A N   1 
ATOM   792  C  CA  . VAL A 1 105 ? -5.027  4.861   5.081   1.00 8.66  ? 197 VAL A CA  1 
ATOM   793  C  C   . VAL A 1 105 ? -5.959  5.048   6.272   1.00 9.70  ? 197 VAL A C   1 
ATOM   794  O  O   . VAL A 1 105 ? -6.995  5.705   6.159   1.00 11.67 ? 197 VAL A O   1 
ATOM   795  C  CB  . VAL A 1 105 ? -4.148  6.115   4.899   1.00 8.44  ? 197 VAL A CB  1 
ATOM   796  C  CG1 . VAL A 1 105 ? -3.477  6.476   6.221   1.00 10.52 ? 197 VAL A CG1 1 
ATOM   797  C  CG2 . VAL A 1 105 ? -3.084  5.846   3.848   1.00 10.03 ? 197 VAL A CG2 1 
ATOM   798  N  N   . GLU A 1 106 ? -5.606  4.445   7.399   1.00 9.21  ? 198 GLU A N   1 
ATOM   799  C  CA  . GLU A 1 106 ? -6.419  4.537   8.603   1.00 9.58  ? 198 GLU A CA  1 
ATOM   800  C  C   . GLU A 1 106 ? -5.728  5.406   9.647   1.00 9.86  ? 198 GLU A C   1 
ATOM   801  O  O   . GLU A 1 106 ? -4.510  5.345   9.807   1.00 11.90 ? 198 GLU A O   1 
ATOM   802  C  CB  . GLU A 1 106 ? -6.641  3.137   9.182   1.00 12.72 ? 198 GLU A CB  1 
ATOM   803  C  CG  . GLU A 1 106 ? -7.536  3.094   10.411  1.00 19.03 ? 198 GLU A CG  1 
ATOM   804  C  CD  . GLU A 1 106 ? -9.011  3.027   10.061  1.00 25.46 ? 198 GLU A CD  1 
ATOM   805  O  OE1 . GLU A 1 106 ? -9.486  3.893   9.296   1.00 28.28 ? 198 GLU A OE1 1 
ATOM   806  O  OE2 . GLU A 1 106 ? -9.695  2.107   10.556  1.00 30.46 ? 198 GLU A OE2 1 
ATOM   807  N  N   . GLY A 1 107 ? -6.513  6.221   10.345  1.00 10.97 ? 199 GLY A N   1 
ATOM   808  C  CA  . GLY A 1 107 ? -5.969  7.061   11.399  1.00 12.52 ? 199 GLY A CA  1 
ATOM   809  C  C   . GLY A 1 107 ? -5.162  8.282   11.005  1.00 10.98 ? 199 GLY A C   1 
ATOM   810  O  O   . GLY A 1 107 ? -4.368  8.771   11.808  1.00 13.95 ? 199 GLY A O   1 
ATOM   811  N  N   . ASN A 1 108 ? -5.350  8.783   9.789   1.00 10.16 ? 200 ASN A N   1 
ATOM   812  C  CA  . ASN A 1 108 ? -4.617  9.966   9.352   1.00 8.96  ? 200 ASN A CA  1 
ATOM   813  C  C   . ASN A 1 108 ? -5.600  11.000  8.820   1.00 8.09  ? 200 ASN A C   1 
ATOM   814  O  O   . ASN A 1 108 ? -6.251  10.791  7.796   1.00 9.47  ? 200 ASN A O   1 
ATOM   815  C  CB  . ASN A 1 108 ? -3.600  9.606   8.268   1.00 8.91  ? 200 ASN A CB  1 
ATOM   816  C  CG  . ASN A 1 108 ? -2.570  10.696  8.061   1.00 9.28  ? 200 ASN A CG  1 
ATOM   817  O  OD1 . ASN A 1 108 ? -2.916  11.867  7.894   1.00 10.10 ? 200 ASN A OD1 1 
ATOM   818  N  ND2 . ASN A 1 108 ? -1.296  10.320  8.073   1.00 8.58  ? 200 ASN A ND2 1 
ATOM   819  N  N   . LEU A 1 109 ? -5.699  12.122  9.521   1.00 8.18  ? 201 LEU A N   1 
ATOM   820  C  CA  . LEU A 1 109 ? -6.620  13.189  9.148   1.00 8.30  ? 201 LEU A CA  1 
ATOM   821  C  C   . LEU A 1 109 ? -6.232  13.944  7.885   1.00 7.76  ? 201 LEU A C   1 
ATOM   822  O  O   . LEU A 1 109 ? -7.004  14.769  7.397   1.00 9.98  ? 201 LEU A O   1 
ATOM   823  C  CB  . LEU A 1 109 ? -6.751  14.196  10.298  1.00 10.90 ? 201 LEU A CB  1 
ATOM   824  C  CG  . LEU A 1 109 ? -7.369  13.732  11.622  1.00 14.58 ? 201 LEU A CG  1 
ATOM   825  C  CD1 . LEU A 1 109 ? -8.785  13.248  11.376  1.00 17.36 ? 201 LEU A CD1 1 
ATOM   826  C  CD2 . LEU A 1 109 ? -6.531  12.633  12.249  1.00 20.81 ? 201 LEU A CD2 1 
ATOM   827  N  N   . ARG A 1 110 ? -5.050  13.667  7.349   1.00 6.21  ? 202 ARG A N   1 
ATOM   828  C  CA  . ARG A 1 110 ? -4.587  14.385  6.170   1.00 7.08  ? 202 ARG A CA  1 
ATOM   829  C  C   . ARG A 1 110 ? -4.423  13.550  4.908   1.00 6.77  ? 202 ARG A C   1 
ATOM   830  O  O   . ARG A 1 110 ? -3.670  13.915  4.007   1.00 6.89  ? 202 ARG A O   1 
ATOM   831  C  CB  . ARG A 1 110 ? -3.281  15.106  6.503   1.00 7.62  ? 202 ARG A CB  1 
ATOM   832  C  CG  . ARG A 1 110 ? -3.449  16.144  7.605   1.00 9.20  ? 202 ARG A CG  1 
ATOM   833  C  CD  . ARG A 1 110 ? -2.168  16.920  7.847   1.00 14.02 ? 202 ARG A CD  1 
ATOM   834  N  NE  . ARG A 1 110 ? -1.096  16.082  8.373   1.00 17.56 ? 202 ARG A NE  1 
ATOM   835  C  CZ  . ARG A 1 110 ? 0.159   16.493  8.536   1.00 19.98 ? 202 ARG A CZ  1 
ATOM   836  N  NH1 . ARG A 1 110 ? 1.073   15.665  9.025   1.00 19.81 ? 202 ARG A NH1 1 
ATOM   837  N  NH2 . ARG A 1 110 ? 0.503   17.730  8.203   1.00 20.37 ? 202 ARG A NH2 1 
ATOM   838  N  N   . ALA A 1 111 ? -5.134  12.435  4.837   1.00 6.78  ? 203 ALA A N   1 
ATOM   839  C  CA  . ALA A 1 111 ? -5.060  11.573  3.669   1.00 6.41  ? 203 ALA A CA  1 
ATOM   840  C  C   . ALA A 1 111 ? -5.765  12.183  2.459   1.00 7.30  ? 203 ALA A C   1 
ATOM   841  O  O   . ALA A 1 111 ? -6.893  12.674  2.567   1.00 8.09  ? 203 ALA A O   1 
ATOM   842  C  CB  . ALA A 1 111 ? -5.673  10.219  3.991   1.00 7.60  ? 203 ALA A CB  1 
ATOM   843  N  N   . GLU A 1 112 ? -5.083  12.168  1.316   1.00 5.81  ? 204 GLU A N   1 
ATOM   844  C  CA  . GLU A 1 112 ? -5.638  12.652  0.057   1.00 5.49  ? 204 GLU A CA  1 
ATOM   845  C  C   . GLU A 1 112 ? -5.868  11.427  -0.815  1.00 5.32  ? 204 GLU A C   1 
ATOM   846  O  O   . GLU A 1 112 ? -4.976  10.583  -0.951  1.00 6.29  ? 204 GLU A O   1 
ATOM   847  C  CB  . GLU A 1 112 ? -4.663  13.586  -0.664  1.00 5.57  ? 204 GLU A CB  1 
ATOM   848  C  CG  . GLU A 1 112 ? -4.350  14.859  0.088   1.00 7.09  ? 204 GLU A CG  1 
ATOM   849  C  CD  . GLU A 1 112 ? -3.307  15.711  -0.602  1.00 6.31  ? 204 GLU A CD  1 
ATOM   850  O  OE1 . GLU A 1 112 ? -2.670  16.521  0.100   1.00 7.42  ? 204 GLU A OE1 1 
ATOM   851  O  OE2 . GLU A 1 112 ? -3.130  15.585  -1.836  1.00 7.27  ? 204 GLU A OE2 1 
ATOM   852  N  N   . TYR A 1 113 ? -7.059  11.324  -1.390  1.00 5.56  ? 205 TYR A N   1 
ATOM   853  C  CA  . TYR A 1 113 ? -7.390  10.216  -2.276  1.00 5.79  ? 205 TYR A CA  1 
ATOM   854  C  C   . TYR A 1 113 ? -7.378  10.831  -3.663  1.00 5.33  ? 205 TYR A C   1 
ATOM   855  O  O   . TYR A 1 113 ? -8.187  11.705  -3.986  1.00 6.18  ? 205 TYR A O   1 
ATOM   856  C  CB  . TYR A 1 113 ? -8.744  9.628   -1.890  1.00 6.56  ? 205 TYR A CB  1 
ATOM   857  C  CG  . TYR A 1 113 ? -8.629  8.834   -0.613  1.00 5.90  ? 205 TYR A CG  1 
ATOM   858  C  CD1 . TYR A 1 113 ? -8.147  7.525   -0.631  1.00 7.31  ? 205 TYR A CD1 1 
ATOM   859  C  CD2 . TYR A 1 113 ? -8.897  9.420   0.625   1.00 7.35  ? 205 TYR A CD2 1 
ATOM   860  C  CE1 . TYR A 1 113 ? -7.929  6.822   0.546   1.00 7.41  ? 205 TYR A CE1 1 
ATOM   861  C  CE2 . TYR A 1 113 ? -8.679  8.725   1.814   1.00 8.21  ? 205 TYR A CE2 1 
ATOM   862  C  CZ  . TYR A 1 113 ? -8.193  7.426   1.765   1.00 8.09  ? 205 TYR A CZ  1 
ATOM   863  O  OH  . TYR A 1 113 ? -7.959  6.735   2.935   1.00 9.37  ? 205 TYR A OH  1 
ATOM   864  N  N   . LEU A 1 114 ? -6.428  10.371  -4.469  1.00 6.72  ? 206 LEU A N   1 
ATOM   865  C  CA  . LEU A 1 114 ? -6.187  10.928  -5.784  1.00 6.66  ? 206 LEU A CA  1 
ATOM   866  C  C   . LEU A 1 114 ? -6.445  10.013  -6.964  1.00 6.75  ? 206 LEU A C   1 
ATOM   867  O  O   . LEU A 1 114 ? -6.197  8.806   -6.909  1.00 7.16  ? 206 LEU A O   1 
ATOM   868  C  CB  . LEU A 1 114 ? -4.734  11.412  -5.830  1.00 6.75  ? 206 LEU A CB  1 
ATOM   869  C  CG  . LEU A 1 114 ? -4.342  12.350  -4.681  1.00 8.36  ? 206 LEU A CG  1 
ATOM   870  C  CD1 . LEU A 1 114 ? -2.833  12.461  -4.575  1.00 11.80 ? 206 LEU A CD1 1 
ATOM   871  C  CD2 . LEU A 1 114 ? -4.966  13.713  -4.903  1.00 8.47  ? 206 LEU A CD2 1 
ATOM   872  N  N   . ASP A 1 115 ? -6.939  10.620  -8.037  1.00 6.82  ? 207 ASP A N   1 
ATOM   873  C  CA  . ASP A 1 115 ? -7.216  9.928   -9.284  1.00 7.61  ? 207 ASP A CA  1 
ATOM   874  C  C   . ASP A 1 115 ? -6.385  10.668  -10.328 1.00 8.43  ? 207 ASP A C   1 
ATOM   875  O  O   . ASP A 1 115 ? -6.631  11.840  -10.610 1.00 10.21 ? 207 ASP A O   1 
ATOM   876  C  CB  . ASP A 1 115 ? -8.705  10.014  -9.619  1.00 8.26  ? 207 ASP A CB  1 
ATOM   877  C  CG  . ASP A 1 115 ? -9.577  9.510   -8.488  1.00 8.55  ? 207 ASP A CG  1 
ATOM   878  O  OD1 . ASP A 1 115 ? -9.314  8.396   -7.998  1.00 10.63 ? 207 ASP A OD1 1 
ATOM   879  O  OD2 . ASP A 1 115 ? -10.521 10.221  -8.088  1.00 9.54  ? 207 ASP A OD2 1 
ATOM   880  N  N   . ASP A 1 116 ? -5.387  9.994   -10.883 1.00 8.28  ? 208 ASP A N   1 
ATOM   881  C  CA  . ASP A 1 116 ? -4.514  10.626  -11.862 1.00 8.21  ? 208 ASP A CA  1 
ATOM   882  C  C   . ASP A 1 116 ? -5.310  11.103  -13.072 1.00 8.43  ? 208 ASP A C   1 
ATOM   883  O  O   . ASP A 1 116 ? -6.024  10.327  -13.704 1.00 10.04 ? 208 ASP A O   1 
ATOM   884  C  CB  . ASP A 1 116 ? -3.419  9.648   -12.285 1.00 9.75  ? 208 ASP A CB  1 
ATOM   885  C  CG  . ASP A 1 116 ? -2.303  10.322  -13.045 1.00 10.94 ? 208 ASP A CG  1 
ATOM   886  O  OD1 . ASP A 1 116 ? -2.517  10.694  -14.217 1.00 11.63 ? 208 ASP A OD1 1 
ATOM   887  O  OD2 . ASP A 1 116 ? -1.212  10.488  -12.463 1.00 12.70 ? 208 ASP A OD2 1 
ATOM   888  N  N   . PRO A 1 117 ? -5.191  12.397  -13.414 1.00 11.58 ? 209 PRO A N   1 
ATOM   889  C  CA  . PRO A 1 117 ? -5.914  12.969  -14.554 1.00 13.16 ? 209 PRO A CA  1 
ATOM   890  C  C   . PRO A 1 117 ? -5.565  12.387  -15.920 1.00 14.20 ? 209 PRO A C   1 
ATOM   891  O  O   . PRO A 1 117 ? -6.338  12.526  -16.868 1.00 17.56 ? 209 PRO A O   1 
ATOM   892  C  CB  . PRO A 1 117 ? -5.584  14.457  -14.453 1.00 15.41 ? 209 PRO A CB  1 
ATOM   893  C  CG  . PRO A 1 117 ? -4.200  14.447  -13.887 1.00 14.29 ? 209 PRO A CG  1 
ATOM   894  C  CD  . PRO A 1 117 ? -4.312  13.406  -12.794 1.00 11.36 ? 209 PRO A CD  1 
ATOM   895  N  N   . ASN A 1 118 ? -4.412  11.736  -16.027 1.00 13.68 ? 210 ASN A N   1 
ATOM   896  C  CA  . ASN A 1 118 ? -4.000  11.160  -17.301 1.00 15.85 ? 210 ASN A CA  1 
ATOM   897  C  C   . ASN A 1 118 ? -4.087  9.638   -17.356 1.00 15.93 ? 210 ASN A C   1 
ATOM   898  O  O   . ASN A 1 118 ? -4.587  9.075   -18.330 1.00 17.39 ? 210 ASN A O   1 
ATOM   899  C  CB  . ASN A 1 118 ? -2.571  11.600  -17.635 1.00 18.99 ? 210 ASN A CB  1 
ATOM   900  C  CG  . ASN A 1 118 ? -2.443  13.105  -17.775 1.00 24.05 ? 210 ASN A CG  1 
ATOM   901  O  OD1 . ASN A 1 118 ? -2.644  13.850  -16.816 1.00 29.94 ? 210 ASN A OD1 1 
ATOM   902  N  ND2 . ASN A 1 118 ? -2.112  13.560  -18.978 1.00 30.25 ? 210 ASN A ND2 1 
ATOM   903  N  N   . THR A 1 119 ? -3.609  8.974   -16.308 1.00 12.73 ? 211 THR A N   1 
ATOM   904  C  CA  . THR A 1 119 ? -3.611  7.515   -16.257 1.00 11.43 ? 211 THR A CA  1 
ATOM   905  C  C   . THR A 1 119 ? -4.854  6.934   -15.594 1.00 9.39  ? 211 THR A C   1 
ATOM   906  O  O   . THR A 1 119 ? -5.128  5.741   -15.720 1.00 10.73 ? 211 THR A O   1 
ATOM   907  C  CB  . THR A 1 119 ? -2.405  6.992   -15.475 1.00 11.55 ? 211 THR A CB  1 
ATOM   908  O  OG1 . THR A 1 119 ? -2.596  7.273   -14.083 1.00 10.29 ? 211 THR A OG1 1 
ATOM   909  C  CG2 . THR A 1 119 ? -1.125  7.664   -15.950 1.00 14.76 ? 211 THR A CG2 1 
ATOM   910  N  N   . PHE A 1 120 ? -5.577  7.777   -14.865 1.00 8.43  ? 212 PHE A N   1 
ATOM   911  C  CA  . PHE A 1 120 ? -6.790  7.374   -14.158 1.00 8.54  ? 212 PHE A CA  1 
ATOM   912  C  C   . PHE A 1 120 ? -6.510  6.448   -12.974 1.00 8.33  ? 212 PHE A C   1 
ATOM   913  O  O   . PHE A 1 120 ? -7.437  5.909   -12.372 1.00 10.15 ? 212 PHE A O   1 
ATOM   914  C  CB  . PHE A 1 120 ? -7.775  6.690   -15.116 1.00 10.33 ? 212 PHE A CB  1 
ATOM   915  C  CG  . PHE A 1 120 ? -8.133  7.521   -16.313 1.00 10.34 ? 212 PHE A CG  1 
ATOM   916  C  CD1 . PHE A 1 120 ? -8.697  8.781   -16.159 1.00 12.34 ? 212 PHE A CD1 1 
ATOM   917  C  CD2 . PHE A 1 120 ? -7.901  7.046   -17.599 1.00 13.93 ? 212 PHE A CD2 1 
ATOM   918  C  CE1 . PHE A 1 120 ? -9.023  9.558   -17.270 1.00 13.91 ? 212 PHE A CE1 1 
ATOM   919  C  CE2 . PHE A 1 120 ? -8.224  7.815   -18.714 1.00 15.66 ? 212 PHE A CE2 1 
ATOM   920  C  CZ  . PHE A 1 120 ? -8.786  9.073   -18.548 1.00 12.54 ? 212 PHE A CZ  1 
ATOM   921  N  N   . ARG A 1 121 ? -5.238  6.265   -12.631 1.00 7.43  ? 213 ARG A N   1 
ATOM   922  C  CA  . ARG A 1 121 ? -4.899  5.395   -11.509 1.00 7.54  ? 213 ARG A CA  1 
ATOM   923  C  C   . ARG A 1 121 ? -5.191  6.050   -10.165 1.00 6.46  ? 213 ARG A C   1 
ATOM   924  O  O   . ARG A 1 121 ? -5.093  7.269   -10.003 1.00 7.45  ? 213 ARG A O   1 
ATOM   925  C  CB  . ARG A 1 121 ? -3.429  4.970   -11.580 1.00 7.47  ? 213 ARG A CB  1 
ATOM   926  C  CG  . ARG A 1 121 ? -3.128  4.020   -12.729 1.00 8.81  ? 213 ARG A CG  1 
ATOM   927  C  CD  . ARG A 1 121 ? -1.644  3.709   -12.792 1.00 8.68  ? 213 ARG A CD  1 
ATOM   928  N  NE  . ARG A 1 121 ? -1.275  2.923   -13.966 1.00 9.80  ? 213 ARG A NE  1 
ATOM   929  C  CZ  . ARG A 1 121 ? -1.382  1.604   -14.060 1.00 8.22  ? 213 ARG A CZ  1 
ATOM   930  N  NH1 . ARG A 1 121 ? -1.855  0.893   -13.046 1.00 9.67  ? 213 ARG A NH1 1 
ATOM   931  N  NH2 . ARG A 1 121 ? -0.996  0.992   -15.170 1.00 10.69 ? 213 ARG A NH2 1 
ATOM   932  N  N   . HIS A 1 122 ? -5.552  5.215   -9.201  1.00 6.08  ? 214 HIS A N   1 
ATOM   933  C  CA  . HIS A 1 122 ? -5.881  5.664   -7.860  1.00 6.25  ? 214 HIS A CA  1 
ATOM   934  C  C   . HIS A 1 122 ? -4.680  5.573   -6.941  1.00 6.92  ? 214 HIS A C   1 
ATOM   935  O  O   . HIS A 1 122 ? -3.851  4.671   -7.072  1.00 8.14  ? 214 HIS A O   1 
ATOM   936  C  CB  . HIS A 1 122 ? -6.973  4.778   -7.267  1.00 7.35  ? 214 HIS A CB  1 
ATOM   937  C  CG  . HIS A 1 122 ? -8.204  4.684   -8.108  1.00 8.14  ? 214 HIS A CG  1 
ATOM   938  N  ND1 . HIS A 1 122 ? -9.010  3.566   -8.119  1.00 15.25 ? 214 HIS A ND1 1 
ATOM   939  C  CD2 . HIS A 1 122 ? -8.782  5.575   -8.946  1.00 8.92  ? 214 HIS A CD2 1 
ATOM   940  C  CE1 . HIS A 1 122 ? -10.032 3.772   -8.931  1.00 16.08 ? 214 HIS A CE1 1 
ATOM   941  N  NE2 . HIS A 1 122 ? -9.917  4.983   -9.446  1.00 14.22 ? 214 HIS A NE2 1 
ATOM   942  N  N   . SER A 1 123 ? -4.580  6.508   -6.008  1.00 5.95  ? 215 SER A N   1 
ATOM   943  C  CA  . SER A 1 123 ? -3.514  6.460   -5.025  1.00 6.27  ? 215 SER A CA  1 
ATOM   944  C  C   . SER A 1 123 ? -3.953  7.252   -3.812  1.00 5.85  ? 215 SER A C   1 
ATOM   945  O  O   . SER A 1 123 ? -4.914  8.023   -3.870  1.00 6.26  ? 215 SER A O   1 
ATOM   946  C  CB  . SER A 1 123 ? -2.198  7.017   -5.586  1.00 8.56  ? 215 SER A CB  1 
ATOM   947  O  OG  . SER A 1 123 ? -2.271  8.404   -5.861  1.00 8.33  ? 215 SER A OG  1 
ATOM   948  N  N   . VAL A 1 124 ? -3.276  7.021   -2.699  1.00 5.37  ? 216 VAL A N   1 
ATOM   949  C  CA  . VAL A 1 124 ? -3.573  7.743   -1.479  1.00 5.07  ? 216 VAL A CA  1 
ATOM   950  C  C   . VAL A 1 124 ? -2.255  8.327   -0.999  1.00 5.36  ? 216 VAL A C   1 
ATOM   951  O  O   . VAL A 1 124 ? -1.208  7.675   -1.057  1.00 6.39  ? 216 VAL A O   1 
ATOM   952  C  CB  . VAL A 1 124 ? -4.218  6.823   -0.400  1.00 6.32  ? 216 VAL A CB  1 
ATOM   953  C  CG1 . VAL A 1 124 ? -3.346  5.613   -0.126  1.00 7.69  ? 216 VAL A CG1 1 
ATOM   954  C  CG2 . VAL A 1 124 ? -4.471  7.617   0.874   1.00 6.78  ? 216 VAL A CG2 1 
ATOM   955  N  N   . VAL A 1 125 ? -2.307  9.577   -0.562  1.00 5.52  ? 217 VAL A N   1 
ATOM   956  C  CA  . VAL A 1 125 ? -1.123  10.276  -0.095  1.00 5.65  ? 217 VAL A CA  1 
ATOM   957  C  C   . VAL A 1 125 ? -1.331  10.870  1.290   1.00 5.98  ? 217 VAL A C   1 
ATOM   958  O  O   . VAL A 1 125 ? -2.419  11.354  1.615   1.00 6.91  ? 217 VAL A O   1 
ATOM   959  C  CB  . VAL A 1 125 ? -0.757  11.443  -1.054  1.00 6.44  ? 217 VAL A CB  1 
ATOM   960  C  CG1 . VAL A 1 125 ? 0.362   12.291  -0.459  1.00 8.38  ? 217 VAL A CG1 1 
ATOM   961  C  CG2 . VAL A 1 125 ? -0.357  10.901  -2.413  1.00 7.57  ? 217 VAL A CG2 1 
ATOM   962  N  N   . VAL A 1 126 ? -0.292  10.809  2.112   1.00 6.31  ? 218 VAL A N   1 
ATOM   963  C  CA  . VAL A 1 126 ? -0.330  11.425  3.430   1.00 6.53  ? 218 VAL A CA  1 
ATOM   964  C  C   . VAL A 1 126 ? 0.982   12.163  3.609   1.00 6.44  ? 218 VAL A C   1 
ATOM   965  O  O   . VAL A 1 126 ? 1.988   11.835  2.975   1.00 6.45  ? 218 VAL A O   1 
ATOM   966  C  CB  . VAL A 1 126 ? -0.456  10.405  4.592   1.00 6.88  ? 218 VAL A CB  1 
ATOM   967  C  CG1 . VAL A 1 126 ? -1.796  9.702   4.530   1.00 8.80  ? 218 VAL A CG1 1 
ATOM   968  C  CG2 . VAL A 1 126 ? 0.687   9.405   4.547   1.00 8.95  ? 218 VAL A CG2 1 
ATOM   969  N  N   . PRO A 1 127 ? 0.984   13.204  4.444   1.00 6.93  ? 219 PRO A N   1 
ATOM   970  C  CA  . PRO A 1 127 ? 2.236   13.929  4.650   1.00 7.31  ? 219 PRO A CA  1 
ATOM   971  C  C   . PRO A 1 127 ? 3.219   12.996  5.348   1.00 7.50  ? 219 PRO A C   1 
ATOM   972  O  O   . PRO A 1 127 ? 2.822   12.120  6.121   1.00 8.04  ? 219 PRO A O   1 
ATOM   973  C  CB  . PRO A 1 127 ? 1.826   15.076  5.571   1.00 8.88  ? 219 PRO A CB  1 
ATOM   974  C  CG  . PRO A 1 127 ? 0.393   15.315  5.204   1.00 9.82  ? 219 PRO A CG  1 
ATOM   975  C  CD  . PRO A 1 127 ? -0.150  13.914  5.062   1.00 7.71  ? 219 PRO A CD  1 
ATOM   976  N  N   . TYR A 1 128 ? 4.501   13.161  5.056   1.00 7.78  ? 220 TYR A N   1 
ATOM   977  C  CA  . TYR A 1 128 ? 5.504   12.367  5.736   1.00 7.33  ? 220 TYR A CA  1 
ATOM   978  C  C   . TYR A 1 128 ? 5.607   12.928  7.150   1.00 7.37  ? 220 TYR A C   1 
ATOM   979  O  O   . TYR A 1 128 ? 5.641   14.144  7.341   1.00 8.88  ? 220 TYR A O   1 
ATOM   980  C  CB  . TYR A 1 128 ? 6.871   12.505  5.069   1.00 7.50  ? 220 TYR A CB  1 
ATOM   981  C  CG  . TYR A 1 128 ? 7.979   11.945  5.929   1.00 7.37  ? 220 TYR A CG  1 
ATOM   982  C  CD1 . TYR A 1 128 ? 8.242   10.578  5.953   1.00 8.98  ? 220 TYR A CD1 1 
ATOM   983  C  CD2 . TYR A 1 128 ? 8.701   12.769  6.794   1.00 9.14  ? 220 TYR A CD2 1 
ATOM   984  C  CE1 . TYR A 1 128 ? 9.193   10.046  6.821   1.00 9.00  ? 220 TYR A CE1 1 
ATOM   985  C  CE2 . TYR A 1 128 ? 9.651   12.245  7.666   1.00 8.80  ? 220 TYR A CE2 1 
ATOM   986  C  CZ  . TYR A 1 128 ? 9.888   10.885  7.674   1.00 8.65  ? 220 TYR A CZ  1 
ATOM   987  O  OH  . TYR A 1 128 ? 10.812  10.360  8.547   1.00 10.92 ? 220 TYR A OH  1 
ATOM   988  N  N   . GLU A 1 129 ? 5.653   12.042  8.133   1.00 7.93  ? 221 GLU A N   1 
ATOM   989  C  CA  . GLU A 1 129 ? 5.799   12.450  9.522   1.00 10.33 ? 221 GLU A CA  1 
ATOM   990  C  C   . GLU A 1 129 ? 6.977   11.663  10.078  1.00 9.40  ? 221 GLU A C   1 
ATOM   991  O  O   . GLU A 1 129 ? 7.143   10.485  9.771   1.00 9.54  ? 221 GLU A O   1 
ATOM   992  C  CB  . GLU A 1 129 ? 4.527   12.138  10.316  1.00 12.19 ? 221 GLU A CB  1 
ATOM   993  C  CG  . GLU A 1 129 ? 3.305   12.898  9.822   1.00 17.70 ? 221 GLU A CG  1 
ATOM   994  C  CD  . GLU A 1 129 ? 2.074   12.677  10.680  1.00 19.46 ? 221 GLU A CD  1 
ATOM   995  O  OE1 . GLU A 1 129 ? 1.004   13.212  10.325  1.00 20.65 ? 221 GLU A OE1 1 
ATOM   996  O  OE2 . GLU A 1 129 ? 2.174   11.973  11.707  1.00 22.88 ? 221 GLU A OE2 1 
ATOM   997  N  N   . PRO A 1 130 ? 7.829   12.313  10.882  1.00 12.03 ? 222 PRO A N   1 
ATOM   998  C  CA  . PRO A 1 130 ? 8.985   11.619  11.455  1.00 11.32 ? 222 PRO A CA  1 
ATOM   999  C  C   . PRO A 1 130 ? 8.548   10.609  12.509  1.00 11.54 ? 222 PRO A C   1 
ATOM   1000 O  O   . PRO A 1 130 ? 7.405   10.629  12.967  1.00 11.86 ? 222 PRO A O   1 
ATOM   1001 C  CB  . PRO A 1 130 ? 9.808   12.760  12.044  1.00 14.84 ? 222 PRO A CB  1 
ATOM   1002 C  CG  . PRO A 1 130 ? 8.748   13.722  12.492  1.00 16.58 ? 222 PRO A CG  1 
ATOM   1003 C  CD  . PRO A 1 130 ? 7.786   13.719  11.321  1.00 14.35 ? 222 PRO A CD  1 
ATOM   1004 N  N   . PRO A 1 131 ? 9.454   9.702   12.901  1.00 11.37 ? 223 PRO A N   1 
ATOM   1005 C  CA  . PRO A 1 131 ? 9.137   8.688   13.909  1.00 12.90 ? 223 PRO A CA  1 
ATOM   1006 C  C   . PRO A 1 131 ? 8.768   9.324   15.243  1.00 13.81 ? 223 PRO A C   1 
ATOM   1007 O  O   . PRO A 1 131 ? 9.147   10.463  15.524  1.00 14.57 ? 223 PRO A O   1 
ATOM   1008 C  CB  . PRO A 1 131 ? 10.432  7.889   14.015  1.00 13.36 ? 223 PRO A CB  1 
ATOM   1009 C  CG  . PRO A 1 131 ? 11.034  8.030   12.654  1.00 12.60 ? 223 PRO A CG  1 
ATOM   1010 C  CD  . PRO A 1 131 ? 10.801  9.486   12.347  1.00 12.14 ? 223 PRO A CD  1 
ATOM   1011 N  N   . GLU A 1 132 ? 8.020   8.590   16.057  1.00 16.11 ? 224 GLU A N   1 
ATOM   1012 C  CA  . GLU A 1 132 ? 7.645   9.082   17.373  1.00 18.61 ? 224 GLU A CA  1 
ATOM   1013 C  C   . GLU A 1 132 ? 8.945   9.097   18.171  1.00 18.64 ? 224 GLU A C   1 
ATOM   1014 O  O   . GLU A 1 132 ? 9.889   8.383   17.830  1.00 17.16 ? 224 GLU A O   1 
ATOM   1015 C  CB  . GLU A 1 132 ? 6.640   8.135   18.031  1.00 22.10 ? 224 GLU A CB  1 
ATOM   1016 C  CG  . GLU A 1 132 ? 5.392   7.883   17.200  1.00 27.65 ? 224 GLU A CG  1 
ATOM   1017 C  CD  . GLU A 1 132 ? 4.433   6.916   17.865  1.00 31.04 ? 224 GLU A CD  1 
ATOM   1018 O  OE1 . GLU A 1 132 ? 4.854   5.786   18.188  1.00 35.64 ? 224 GLU A OE1 1 
ATOM   1019 O  OE2 . GLU A 1 132 ? 3.256   7.286   18.064  1.00 34.73 ? 224 GLU A OE2 1 
ATOM   1020 N  N   . VAL A 1 133 ? 8.999   9.910   19.220  1.00 20.52 ? 225 VAL A N   1 
ATOM   1021 C  CA  . VAL A 1 133 ? 10.199  9.997   20.045  1.00 23.08 ? 225 VAL A CA  1 
ATOM   1022 C  C   . VAL A 1 133 ? 10.583  8.621   20.579  1.00 22.02 ? 225 VAL A C   1 
ATOM   1023 O  O   . VAL A 1 133 ? 9.770   7.939   21.199  1.00 23.90 ? 225 VAL A O   1 
ATOM   1024 C  CB  . VAL A 1 133 ? 9.989   10.949  21.240  1.00 23.77 ? 225 VAL A CB  1 
ATOM   1025 C  CG1 . VAL A 1 133 ? 11.277  11.079  22.036  1.00 27.40 ? 225 VAL A CG1 1 
ATOM   1026 C  CG2 . VAL A 1 133 ? 9.530   12.309  20.744  1.00 26.94 ? 225 VAL A CG2 1 
ATOM   1027 N  N   . GLY A 1 134 ? 11.824  8.216   20.325  1.00 22.99 ? 226 GLY A N   1 
ATOM   1028 C  CA  . GLY A 1 134 ? 12.290  6.923   20.792  1.00 23.39 ? 226 GLY A CA  1 
ATOM   1029 C  C   . GLY A 1 134 ? 12.256  5.844   19.727  1.00 22.60 ? 226 GLY A C   1 
ATOM   1030 O  O   . GLY A 1 134 ? 12.784  4.751   19.928  1.00 24.63 ? 226 GLY A O   1 
ATOM   1031 N  N   . SER A 1 135 ? 11.636  6.149   18.591  1.00 20.93 ? 227 SER A N   1 
ATOM   1032 C  CA  . SER A 1 135 ? 11.533  5.195   17.491  1.00 19.37 ? 227 SER A CA  1 
ATOM   1033 C  C   . SER A 1 135 ? 12.364  5.647   16.295  1.00 17.30 ? 227 SER A C   1 
ATOM   1034 O  O   . SER A 1 135 ? 12.674  6.829   16.157  1.00 16.37 ? 227 SER A O   1 
ATOM   1035 C  CB  . SER A 1 135 ? 10.071  5.037   17.065  1.00 19.66 ? 227 SER A CB  1 
ATOM   1036 O  OG  . SER A 1 135 ? 9.950   4.137   15.976  1.00 24.64 ? 227 SER A OG  1 
ATOM   1037 N  N   . ASP A 1 136 ? 12.717  4.700   15.433  1.00 16.09 ? 228 ASP A N   1 
ATOM   1038 C  CA  . ASP A 1 136 ? 13.512  5.004   14.248  1.00 15.83 ? 228 ASP A CA  1 
ATOM   1039 C  C   . ASP A 1 136 ? 12.707  4.790   12.970  1.00 13.19 ? 228 ASP A C   1 
ATOM   1040 O  O   . ASP A 1 136 ? 13.258  4.797   11.870  1.00 11.61 ? 228 ASP A O   1 
ATOM   1041 C  CB  . ASP A 1 136 ? 14.766  4.127   14.219  1.00 22.66 ? 228 ASP A CB  1 
ATOM   1042 C  CG  . ASP A 1 136 ? 15.635  4.310   15.448  1.00 27.30 ? 228 ASP A CG  1 
ATOM   1043 O  OD1 . ASP A 1 136 ? 16.097  5.445   15.688  1.00 31.61 ? 228 ASP A OD1 1 
ATOM   1044 O  OD2 . ASP A 1 136 ? 15.856  3.317   16.174  1.00 33.49 ? 228 ASP A OD2 1 
ATOM   1045 N  N   . TYR A 1 137 ? 11.399  4.612   13.120  1.00 11.89 ? 229 TYR A N   1 
ATOM   1046 C  CA  . TYR A 1 137 ? 10.529  4.384   11.972  1.00 10.29 ? 229 TYR A CA  1 
ATOM   1047 C  C   . TYR A 1 137 ? 9.195   5.097   12.124  1.00 9.76  ? 229 TYR A C   1 
ATOM   1048 O  O   . TYR A 1 137 ? 8.798   5.474   13.228  1.00 10.82 ? 229 TYR A O   1 
ATOM   1049 C  CB  . TYR A 1 137 ? 10.282  2.884   11.810  1.00 14.40 ? 229 TYR A CB  1 
ATOM   1050 C  CG  . TYR A 1 137 ? 9.713   2.239   13.054  1.00 14.16 ? 229 TYR A CG  1 
ATOM   1051 C  CD1 . TYR A 1 137 ? 8.359   2.357   13.375  1.00 14.82 ? 229 TYR A CD1 1 
ATOM   1052 C  CD2 . TYR A 1 137 ? 10.538  1.537   13.933  1.00 15.87 ? 229 TYR A CD2 1 
ATOM   1053 C  CE1 . TYR A 1 137 ? 7.842   1.792   14.540  1.00 18.15 ? 229 TYR A CE1 1 
ATOM   1054 C  CE2 . TYR A 1 137 ? 10.033  0.972   15.099  1.00 18.55 ? 229 TYR A CE2 1 
ATOM   1055 C  CZ  . TYR A 1 137 ? 8.685   1.101   15.396  1.00 17.07 ? 229 TYR A CZ  1 
ATOM   1056 O  OH  . TYR A 1 137 ? 8.182   0.534   16.546  1.00 22.46 ? 229 TYR A OH  1 
ATOM   1057 N  N   . THR A 1 138 ? 8.514   5.274   11.000  1.00 9.44  ? 230 THR A N   1 
ATOM   1058 C  CA  . THR A 1 138 ? 7.202   5.903   10.969  1.00 9.62  ? 230 THR A CA  1 
ATOM   1059 C  C   . THR A 1 138 ? 6.227   4.842   10.479  1.00 9.47  ? 230 THR A C   1 
ATOM   1060 O  O   . THR A 1 138 ? 6.454   4.214   9.448   1.00 10.09 ? 230 THR A O   1 
ATOM   1061 C  CB  . THR A 1 138 ? 7.168   7.085   9.991   1.00 9.90  ? 230 THR A CB  1 
ATOM   1062 O  OG1 . THR A 1 138 ? 8.075   8.098   10.439  1.00 10.55 ? 230 THR A OG1 1 
ATOM   1063 C  CG2 . THR A 1 138 ? 5.766   7.668   9.902   1.00 12.20 ? 230 THR A CG2 1 
ATOM   1064 N  N   . THR A 1 139 ? 5.146   4.631   11.216  1.00 9.47  ? 231 THR A N   1 
ATOM   1065 C  CA  . THR A 1 139 ? 4.171   3.637   10.808  1.00 10.07 ? 231 THR A CA  1 
ATOM   1066 C  C   . THR A 1 139 ? 2.976   4.259   10.109  1.00 9.77  ? 231 THR A C   1 
ATOM   1067 O  O   . THR A 1 139 ? 2.486   5.315   10.507  1.00 11.79 ? 231 THR A O   1 
ATOM   1068 C  CB  . THR A 1 139 ? 3.651   2.827   12.017  1.00 11.44 ? 231 THR A CB  1 
ATOM   1069 O  OG1 . THR A 1 139 ? 4.718   2.041   12.559  1.00 12.51 ? 231 THR A OG1 1 
ATOM   1070 C  CG2 . THR A 1 139 ? 2.510   1.902   11.598  1.00 11.57 ? 231 THR A CG2 1 
ATOM   1071 N  N   . ILE A 1 140 ? 2.537   3.610   9.038   1.00 8.86  ? 232 ILE A N   1 
ATOM   1072 C  CA  . ILE A 1 140 ? 1.350   4.034   8.315   1.00 8.71  ? 232 ILE A CA  1 
ATOM   1073 C  C   . ILE A 1 140 ? 0.474   2.791   8.296   1.00 7.82  ? 232 ILE A C   1 
ATOM   1074 O  O   . ILE A 1 140 ? 0.950   1.695   7.981   1.00 8.45  ? 232 ILE A O   1 
ATOM   1075 C  CB  . ILE A 1 140 ? 1.640   4.454   6.855   1.00 9.71  ? 232 ILE A CB  1 
ATOM   1076 C  CG1 . ILE A 1 140 ? 2.517   5.708   6.829   1.00 12.96 ? 232 ILE A CG1 1 
ATOM   1077 C  CG2 . ILE A 1 140 ? 0.324   4.730   6.130   1.00 10.41 ? 232 ILE A CG2 1 
ATOM   1078 C  CD1 . ILE A 1 140 ? 2.840   6.204   5.432   1.00 13.04 ? 232 ILE A CD1 1 
ATOM   1079 N  N   . TYR A 1 141 ? -0.790  2.953   8.669   1.00 7.67  ? 233 TYR A N   1 
ATOM   1080 C  CA  . TYR A 1 141 ? -1.723  1.839   8.665   1.00 8.16  ? 233 TYR A CA  1 
ATOM   1081 C  C   . TYR A 1 141 ? -2.573  1.884   7.412   1.00 7.39  ? 233 TYR A C   1 
ATOM   1082 O  O   . TYR A 1 141 ? -3.230  2.886   7.133   1.00 9.22  ? 233 TYR A O   1 
ATOM   1083 C  CB  . TYR A 1 141 ? -2.643  1.873   9.886   1.00 11.27 ? 233 TYR A CB  1 
ATOM   1084 C  CG  . TYR A 1 141 ? -1.988  1.448   11.179  1.00 12.24 ? 233 TYR A CG  1 
ATOM   1085 C  CD1 . TYR A 1 141 ? -1.369  2.379   12.009  1.00 14.66 ? 233 TYR A CD1 1 
ATOM   1086 C  CD2 . TYR A 1 141 ? -1.984  0.109   11.570  1.00 13.26 ? 233 TYR A CD2 1 
ATOM   1087 C  CE1 . TYR A 1 141 ? -0.760  1.984   13.203  1.00 14.81 ? 233 TYR A CE1 1 
ATOM   1088 C  CE2 . TYR A 1 141 ? -1.380  -0.295  12.757  1.00 13.46 ? 233 TYR A CE2 1 
ATOM   1089 C  CZ  . TYR A 1 141 ? -0.771  0.648   13.566  1.00 12.69 ? 233 TYR A CZ  1 
ATOM   1090 O  OH  . TYR A 1 141 ? -0.179  0.251   14.744  1.00 15.92 ? 233 TYR A OH  1 
ATOM   1091 N  N   . PHE A 1 142 ? -2.550  0.794   6.656   1.00 7.46  ? 234 PHE A N   1 
ATOM   1092 C  CA  . PHE A 1 142 ? -3.331  0.694   5.435   1.00 7.85  ? 234 PHE A CA  1 
ATOM   1093 C  C   . PHE A 1 142 ? -4.455  -0.310  5.610   1.00 8.28  ? 234 PHE A C   1 
ATOM   1094 O  O   . PHE A 1 142 ? -4.434  -1.141  6.523   1.00 9.31  ? 234 PHE A O   1 
ATOM   1095 C  CB  . PHE A 1 142 ? -2.466  0.220   4.263   1.00 9.74  ? 234 PHE A CB  1 
ATOM   1096 C  CG  . PHE A 1 142 ? -1.389  1.181   3.862   1.00 8.44  ? 234 PHE A CG  1 
ATOM   1097 C  CD1 . PHE A 1 142 ? -0.065  0.950   4.213   1.00 10.90 ? 234 PHE A CD1 1 
ATOM   1098 C  CD2 . PHE A 1 142 ? -1.694  2.306   3.104   1.00 9.50  ? 234 PHE A CD2 1 
ATOM   1099 C  CE1 . PHE A 1 142 ? 0.943   1.820   3.810   1.00 11.61 ? 234 PHE A CE1 1 
ATOM   1100 C  CE2 . PHE A 1 142 ? -0.693  3.184   2.697   1.00 9.46  ? 234 PHE A CE2 1 
ATOM   1101 C  CZ  . PHE A 1 142 ? 0.630   2.938   3.051   1.00 10.00 ? 234 PHE A CZ  1 
ATOM   1102 N  N   . LYS A 1 143 ? -5.440  -0.217  4.727   1.00 8.29  ? 235 LYS A N   1 
ATOM   1103 C  CA  . LYS A 1 143 ? -6.563  -1.142  4.697   1.00 8.36  ? 235 LYS A CA  1 
ATOM   1104 C  C   . LYS A 1 143 ? -6.783  -1.445  3.223   1.00 8.20  ? 235 LYS A C   1 
ATOM   1105 O  O   . LYS A 1 143 ? -6.782  -0.533  2.395   1.00 9.28  ? 235 LYS A O   1 
ATOM   1106 C  CB  . LYS A 1 143 ? -7.828  -0.508  5.280   1.00 11.35 ? 235 LYS A CB  1 
ATOM   1107 C  CG  . LYS A 1 143 ? -7.787  -0.299  6.783   1.00 15.12 ? 235 LYS A CG  1 
ATOM   1108 C  CD  . LYS A 1 143 ? -9.037  0.412   7.283   1.00 20.71 ? 235 LYS A CD  1 
ATOM   1109 C  CE  . LYS A 1 143 ? -10.294 -0.397  7.010   1.00 23.03 ? 235 LYS A CE  1 
ATOM   1110 N  NZ  . LYS A 1 143 ? -11.512 0.289   7.528   1.00 27.16 ? 235 LYS A NZ  1 
ATOM   1111 N  N   . PHE A 1 144 ? -6.941  -2.723  2.893   1.00 6.51  ? 236 PHE A N   1 
ATOM   1112 C  CA  . PHE A 1 144 ? -7.179  -3.136  1.516   1.00 7.56  ? 236 PHE A CA  1 
ATOM   1113 C  C   . PHE A 1 144 ? -8.638  -3.554  1.456   1.00 7.53  ? 236 PHE A C   1 
ATOM   1114 O  O   . PHE A 1 144 ? -9.073  -4.465  2.165   1.00 8.25  ? 236 PHE A O   1 
ATOM   1115 C  CB  . PHE A 1 144 ? -6.221  -4.258  1.137   1.00 7.92  ? 236 PHE A CB  1 
ATOM   1116 C  CG  . PHE A 1 144 ? -4.788  -3.815  1.109   1.00 7.14  ? 236 PHE A CG  1 
ATOM   1117 C  CD1 . PHE A 1 144 ? -4.036  -3.760  2.278   1.00 8.04  ? 236 PHE A CD1 1 
ATOM   1118 C  CD2 . PHE A 1 144 ? -4.211  -3.381  -0.079  1.00 9.48  ? 236 PHE A CD2 1 
ATOM   1119 C  CE1 . PHE A 1 144 ? -2.730  -3.272  2.261   1.00 9.43  ? 236 PHE A CE1 1 
ATOM   1120 C  CE2 . PHE A 1 144 ? -2.905  -2.893  -0.104  1.00 10.30 ? 236 PHE A CE2 1 
ATOM   1121 C  CZ  . PHE A 1 144 ? -2.165  -2.838  1.066   1.00 10.54 ? 236 PHE A CZ  1 
ATOM   1122 N  N   . MET A 1 145 ? -9.385  -2.883  0.586   1.00 8.80  ? 237 MET A N   1 
ATOM   1123 C  CA  . MET A 1 145 ? -10.826 -3.063  0.510   1.00 7.90  ? 237 MET A CA  1 
ATOM   1124 C  C   . MET A 1 145 ? -11.455 -4.100  -0.414  1.00 8.13  ? 237 MET A C   1 
ATOM   1125 O  O   . MET A 1 145 ? -12.680 -4.138  -0.561  1.00 8.74  ? 237 MET A O   1 
ATOM   1126 C  CB  . MET A 1 145 ? -11.455 -1.690  0.276   1.00 8.84  ? 237 MET A CB  1 
ATOM   1127 C  CG  . MET A 1 145 ? -10.976 -0.627  1.272   1.00 11.06 ? 237 MET A CG  1 
ATOM   1128 S  SD  . MET A 1 145 ? -11.131 -1.105  3.020   1.00 10.97 ? 237 MET A SD  1 
ATOM   1129 C  CE  . MET A 1 145 ? -12.912 -1.184  3.192   1.00 12.37 ? 237 MET A CE  1 
ATOM   1130 N  N   . CYS A 1 146 ? -10.629 -4.933  -1.030  1.00 7.79  ? 238 CYS A N   1 
ATOM   1131 C  CA  . CYS A 1 146 ? -11.103 -6.016  -1.887  1.00 8.00  ? 238 CYS A CA  1 
ATOM   1132 C  C   . CYS A 1 146 ? -10.182 -7.198  -1.675  1.00 8.67  ? 238 CYS A C   1 
ATOM   1133 O  O   . CYS A 1 146 ? -9.013  -7.024  -1.333  1.00 8.39  ? 238 CYS A O   1 
ATOM   1134 C  CB  . CYS A 1 146 ? -11.051 -5.639  -3.370  1.00 9.81  ? 238 CYS A CB  1 
ATOM   1135 S  SG  . CYS A 1 146 ? -12.559 -4.947  -4.059  1.00 10.15 ? 238 CYS A SG  1 
ATOM   1136 N  N   . ASN A 1 147 ? -10.714 -8.400  -1.863  1.00 9.04  ? 239 ASN A N   1 
ATOM   1137 C  CA  . ASN A 1 147 ? -9.910  -9.605  -1.749  1.00 8.86  ? 239 ASN A CA  1 
ATOM   1138 C  C   . ASN A 1 147 ? -9.215  -9.797  -3.085  1.00 7.66  ? 239 ASN A C   1 
ATOM   1139 O  O   . ASN A 1 147 ? -9.717  -9.356  -4.119  1.00 8.69  ? 239 ASN A O   1 
ATOM   1140 C  CB  . ASN A 1 147 ? -10.786 -10.824 -1.464  1.00 10.33 ? 239 ASN A CB  1 
ATOM   1141 C  CG  . ASN A 1 147 ? -11.109 -10.971 0.000   1.00 12.12 ? 239 ASN A CG  1 
ATOM   1142 O  OD1 . ASN A 1 147 ? -10.211 -10.969 0.840   1.00 12.24 ? 239 ASN A OD1 1 
ATOM   1143 N  ND2 . ASN A 1 147 ? -12.391 -11.105 0.318   1.00 14.48 ? 239 ASN A ND2 1 
ATOM   1144 N  N   . SER A 1 148 ? -8.056  -10.440 -3.070  1.00 8.62  ? 240 SER A N   1 
ATOM   1145 C  CA  . SER A 1 148 ? -7.345  -10.678 -4.314  1.00 8.61  ? 240 SER A CA  1 
ATOM   1146 C  C   . SER A 1 148 ? -8.235  -11.446 -5.283  1.00 8.77  ? 240 SER A C   1 
ATOM   1147 O  O   . SER A 1 148 ? -8.141  -11.263 -6.492  1.00 10.00 ? 240 SER A O   1 
ATOM   1148 C  CB  . SER A 1 148 ? -6.063  -11.475 -4.060  1.00 9.53  ? 240 SER A CB  1 
ATOM   1149 O  OG  . SER A 1 148 ? -5.090  -10.684 -3.402  1.00 8.88  ? 240 SER A OG  1 
ATOM   1150 N  N   . SER A 1 149 ? -9.115  -12.284 -4.743  1.00 10.48 ? 241 SER A N   1 
ATOM   1151 C  CA  . SER A 1 149 ? -10.004 -13.104 -5.562  1.00 11.35 ? 241 SER A CA  1 
ATOM   1152 C  C   . SER A 1 149 ? -11.270 -12.425 -6.088  1.00 11.93 ? 241 SER A C   1 
ATOM   1153 O  O   . SER A 1 149 ? -12.013 -13.034 -6.854  1.00 13.75 ? 241 SER A O   1 
ATOM   1154 C  CB  . SER A 1 149 ? -10.418 -14.349 -4.778  1.00 13.30 ? 241 SER A CB  1 
ATOM   1155 O  OG  . SER A 1 149 ? -11.184 -13.989 -3.640  1.00 16.03 ? 241 SER A OG  1 
ATOM   1156 N  N   . CYS A 1 150 ? -11.525 -11.181 -5.695  1.00 11.11 ? 242 CYS A N   1 
ATOM   1157 C  CA  . CYS A 1 150 ? -12.735 -10.493 -6.144  1.00 11.48 ? 242 CYS A CA  1 
ATOM   1158 C  C   . CYS A 1 150 ? -12.925 -10.479 -7.660  1.00 11.88 ? 242 CYS A C   1 
ATOM   1159 O  O   . CYS A 1 150 ? -12.102 -9.944  -8.401  1.00 12.19 ? 242 CYS A O   1 
ATOM   1160 C  CB  . CYS A 1 150 ? -12.761 -9.052  -5.621  1.00 12.01 ? 242 CYS A CB  1 
ATOM   1161 S  SG  . CYS A 1 150 ? -13.275 -8.876  -3.896  1.00 10.96 ? 242 CYS A SG  1 
ATOM   1162 N  N   . MET A 1 151 ? -14.025 -11.070 -8.114  1.00 14.74 ? 243 MET A N   1 
ATOM   1163 C  CA  . MET A 1 151 ? -14.322 -11.113 -9.539  1.00 15.56 ? 243 MET A CA  1 
ATOM   1164 C  C   . MET A 1 151 ? -14.691 -9.711  -10.012 1.00 14.49 ? 243 MET A C   1 
ATOM   1165 O  O   . MET A 1 151 ? -15.393 -8.974  -9.320  1.00 14.81 ? 243 MET A O   1 
ATOM   1166 C  CB  . MET A 1 151 ? -15.468 -12.090 -9.810  1.00 21.53 ? 243 MET A CB  1 
ATOM   1167 C  CG  . MET A 1 151 ? -15.176 -13.509 -9.346  1.00 27.13 ? 243 MET A CG  1 
ATOM   1168 S  SD  . MET A 1 151 ? -16.489 -14.679 -9.736  1.00 38.42 ? 243 MET A SD  1 
ATOM   1169 C  CE  . MET A 1 151 ? -15.925 -15.299 -11.315 1.00 34.14 ? 243 MET A CE  1 
ATOM   1170 N  N   . GLY A 1 152 ? -14.205 -9.340  -11.191 1.00 16.85 ? 244 GLY A N   1 
ATOM   1171 C  CA  . GLY A 1 152 ? -14.487 -8.016  -11.711 1.00 16.10 ? 244 GLY A CA  1 
ATOM   1172 C  C   . GLY A 1 152 ? -13.471 -7.020  -11.184 1.00 16.61 ? 244 GLY A C   1 
ATOM   1173 O  O   . GLY A 1 152 ? -13.366 -5.898  -11.683 1.00 16.95 ? 244 GLY A O   1 
ATOM   1174 N  N   . GLY A 1 153 ? -12.727 -7.435  -10.161 1.00 15.13 ? 245 GLY A N   1 
ATOM   1175 C  CA  . GLY A 1 153 ? -11.708 -6.584  -9.576  1.00 13.54 ? 245 GLY A CA  1 
ATOM   1176 C  C   . GLY A 1 153 ? -10.344 -7.194  -9.834  1.00 12.02 ? 245 GLY A C   1 
ATOM   1177 O  O   . GLY A 1 153 ? -9.997  -7.472  -10.981 1.00 12.52 ? 245 GLY A O   1 
ATOM   1178 N  N   . MET A 1 154 ? -9.570  -7.423  -8.778  1.00 10.16 ? 246 MET A N   1 
ATOM   1179 C  CA  . MET A 1 154 ? -8.245  -8.011  -8.952  1.00 9.39  ? 246 MET A CA  1 
ATOM   1180 C  C   . MET A 1 154 ? -8.332  -9.388  -9.609  1.00 10.46 ? 246 MET A C   1 
ATOM   1181 O  O   . MET A 1 154 ? -7.406  -9.818  -10.288 1.00 10.75 ? 246 MET A O   1 
ATOM   1182 C  CB  . MET A 1 154 ? -7.510  -8.070  -7.609  1.00 9.52  ? 246 MET A CB  1 
ATOM   1183 C  CG  . MET A 1 154 ? -7.092  -6.681  -7.137  1.00 10.77 ? 246 MET A CG  1 
ATOM   1184 S  SD  . MET A 1 154 ? -6.165  -6.630  -5.609  1.00 9.93  ? 246 MET A SD  1 
ATOM   1185 C  CE  . MET A 1 154 ? -7.500  -6.758  -4.417  1.00 10.79 ? 246 MET A CE  1 
ATOM   1186 N  N   . ASN A 1 155 ? -9.459  -10.064 -9.409  1.00 10.76 ? 247 ASN A N   1 
ATOM   1187 C  CA  . ASN A 1 155 ? -9.712  -11.370 -10.013 1.00 12.00 ? 247 ASN A CA  1 
ATOM   1188 C  C   . ASN A 1 155 ? -8.547  -12.359 -9.949  1.00 11.01 ? 247 ASN A C   1 
ATOM   1189 O  O   . ASN A 1 155 ? -8.135  -12.922 -10.966 1.00 12.48 ? 247 ASN A O   1 
ATOM   1190 C  CB  . ASN A 1 155 ? -10.154 -11.169 -11.467 1.00 15.97 ? 247 ASN A CB  1 
ATOM   1191 C  CG  . ASN A 1 155 ? -10.710 -12.432 -12.087 1.00 19.08 ? 247 ASN A CG  1 
ATOM   1192 O  OD1 . ASN A 1 155 ? -11.567 -13.097 -11.506 1.00 21.35 ? 247 ASN A OD1 1 
ATOM   1193 N  ND2 . ASN A 1 155 ? -10.233 -12.765 -13.280 1.00 23.73 ? 247 ASN A ND2 1 
ATOM   1194 N  N   . ARG A 1 156 ? -8.034  -12.559 -8.739  1.00 10.28 ? 248 ARG A N   1 
ATOM   1195 C  CA  . ARG A 1 156 ? -6.938  -13.485 -8.458  1.00 10.47 ? 248 ARG A CA  1 
ATOM   1196 C  C   . ARG A 1 156 ? -5.562  -13.044 -8.944  1.00 12.76 ? 248 ARG A C   1 
ATOM   1197 O  O   . ARG A 1 156 ? -4.575  -13.758 -8.759  1.00 14.09 ? 248 ARG A O   1 
ATOM   1198 C  CB  . ARG A 1 156 ? -7.254  -14.875 -9.027  1.00 12.26 ? 248 ARG A CB  1 
ATOM   1199 C  CG  . ARG A 1 156 ? -8.644  -15.395 -8.679  1.00 12.09 ? 248 ARG A CG  1 
ATOM   1200 C  CD  . ARG A 1 156 ? -8.786  -16.869 -9.036  1.00 14.34 ? 248 ARG A CD  1 
ATOM   1201 N  NE  . ARG A 1 156 ? -8.236  -17.745 -8.005  1.00 15.36 ? 248 ARG A NE  1 
ATOM   1202 C  CZ  . ARG A 1 156 ? -8.910  -18.156 -6.933  1.00 16.55 ? 248 ARG A CZ  1 
ATOM   1203 N  NH1 . ARG A 1 156 ? -10.168 -17.775 -6.746  1.00 17.62 ? 248 ARG A NH1 1 
ATOM   1204 N  NH2 . ARG A 1 156 ? -8.327  -18.948 -6.045  1.00 19.69 ? 248 ARG A NH2 1 
ATOM   1205 N  N   . ARG A 1 157 ? -5.490  -11.867 -9.552  1.00 11.52 ? 249 ARG A N   1 
ATOM   1206 C  CA  . ARG A 1 157 ? -4.224  -11.352 -10.063 1.00 12.19 ? 249 ARG A CA  1 
ATOM   1207 C  C   . ARG A 1 157 ? -3.403  -10.685 -8.967  1.00 11.44 ? 249 ARG A C   1 
ATOM   1208 O  O   . ARG A 1 157 ? -3.898  -9.814  -8.254  1.00 11.11 ? 249 ARG A O   1 
ATOM   1209 C  CB  . ARG A 1 157 ? -4.488  -10.352 -11.191 1.00 11.95 ? 249 ARG A CB  1 
ATOM   1210 C  CG  . ARG A 1 157 ? -5.169  -10.972 -12.399 1.00 13.94 ? 249 ARG A CG  1 
ATOM   1211 C  CD  . ARG A 1 157 ? -5.556  -9.921  -13.425 1.00 14.66 ? 249 ARG A CD  1 
ATOM   1212 N  NE  . ARG A 1 157 ? -6.586  -9.013  -12.925 1.00 13.80 ? 249 ARG A NE  1 
ATOM   1213 C  CZ  . ARG A 1 157 ? -7.110  -8.019  -13.634 1.00 12.79 ? 249 ARG A CZ  1 
ATOM   1214 N  NH1 . ARG A 1 157 ? -6.702  -7.801  -14.878 1.00 15.25 ? 249 ARG A NH1 1 
ATOM   1215 N  NH2 . ARG A 1 157 ? -8.045  -7.241  -13.104 1.00 13.66 ? 249 ARG A NH2 1 
ATOM   1216 N  N   . PRO A 1 158 ? -2.135  -11.096 -8.809  1.00 11.18 ? 250 PRO A N   1 
ATOM   1217 C  CA  . PRO A 1 158 ? -1.283  -10.499 -7.779  1.00 10.63 ? 250 PRO A CA  1 
ATOM   1218 C  C   . PRO A 1 158 ? -1.003  -9.022  -8.038  1.00 9.66  ? 250 PRO A C   1 
ATOM   1219 O  O   . PRO A 1 158 ? -0.886  -8.588  -9.186  1.00 9.59  ? 250 PRO A O   1 
ATOM   1220 C  CB  . PRO A 1 158 ? -0.011  -11.336 -7.857  1.00 12.13 ? 250 PRO A CB  1 
ATOM   1221 C  CG  . PRO A 1 158 ? -0.532  -12.682 -8.258  1.00 15.46 ? 250 PRO A CG  1 
ATOM   1222 C  CD  . PRO A 1 158 ? -1.515  -12.319 -9.349  1.00 14.45 ? 250 PRO A CD  1 
ATOM   1223 N  N   . ILE A 1 159 ? -0.905  -8.253  -6.961  1.00 8.43  ? 251 ILE A N   1 
ATOM   1224 C  CA  . ILE A 1 159 ? -0.612  -6.836  -7.085  1.00 7.16  ? 251 ILE A CA  1 
ATOM   1225 C  C   . ILE A 1 159 ? 0.634   -6.464  -6.308  1.00 8.31  ? 251 ILE A C   1 
ATOM   1226 O  O   . ILE A 1 159 ? 1.083   -7.188  -5.417  1.00 8.04  ? 251 ILE A O   1 
ATOM   1227 C  CB  . ILE A 1 159 ? -1.757  -5.934  -6.556  1.00 8.43  ? 251 ILE A CB  1 
ATOM   1228 C  CG1 . ILE A 1 159 ? -2.040  -6.246  -5.085  1.00 9.33  ? 251 ILE A CG1 1 
ATOM   1229 C  CG2 . ILE A 1 159 ? -2.992  -6.104  -7.415  1.00 9.71  ? 251 ILE A CG2 1 
ATOM   1230 C  CD1 . ILE A 1 159 ? -2.899  -5.200  -4.390  1.00 11.31 ? 251 ILE A CD1 1 
ATOM   1231 N  N   . LEU A 1 160 ? 1.188   -5.319  -6.674  1.00 8.43  ? 252 LEU A N   1 
ATOM   1232 C  CA  . LEU A 1 160 ? 2.357   -4.770  -6.021  1.00 8.57  ? 252 LEU A CA  1 
ATOM   1233 C  C   . LEU A 1 160 ? 1.925   -3.406  -5.506  1.00 7.56  ? 252 LEU A C   1 
ATOM   1234 O  O   . LEU A 1 160 ? 1.205   -2.680  -6.194  1.00 9.25  ? 252 LEU A O   1 
ATOM   1235 C  CB  . LEU A 1 160 ? 3.496   -4.592  -7.028  1.00 12.63 ? 252 LEU A CB  1 
ATOM   1236 C  CG  . LEU A 1 160 ? 4.835   -4.081  -6.492  1.00 16.45 ? 252 LEU A CG  1 
ATOM   1237 C  CD1 . LEU A 1 160 ? 5.486   -5.153  -5.630  1.00 18.39 ? 252 LEU A CD1 1 
ATOM   1238 C  CD2 . LEU A 1 160 ? 5.744   -3.717  -7.655  1.00 17.22 ? 252 LEU A CD2 1 
ATOM   1239 N  N   . VAL A 1 161 ? 2.322   -3.077  -4.284  1.00 6.56  ? 253 VAL A N   1 
ATOM   1240 C  CA  . VAL A 1 161 ? 2.019   -1.773  -3.723  1.00 6.31  ? 253 VAL A CA  1 
ATOM   1241 C  C   . VAL A 1 161 ? 3.335   -1.018  -3.757  1.00 6.14  ? 253 VAL A C   1 
ATOM   1242 O  O   . VAL A 1 161 ? 4.351   -1.481  -3.222  1.00 7.02  ? 253 VAL A O   1 
ATOM   1243 C  CB  . VAL A 1 161 ? 1.501   -1.859  -2.275  1.00 6.72  ? 253 VAL A CB  1 
ATOM   1244 C  CG1 . VAL A 1 161 ? 1.394   -0.460  -1.674  1.00 8.15  ? 253 VAL A CG1 1 
ATOM   1245 C  CG2 . VAL A 1 161 ? 0.137   -2.538  -2.259  1.00 9.81  ? 253 VAL A CG2 1 
ATOM   1246 N  N   . ILE A 1 162 ? 3.311   0.132   -4.414  1.00 5.38  ? 254 ILE A N   1 
ATOM   1247 C  CA  . ILE A 1 162 ? 4.481   0.978   -4.561  1.00 5.97  ? 254 ILE A CA  1 
ATOM   1248 C  C   . ILE A 1 162 ? 4.337   2.176   -3.640  1.00 5.61  ? 254 ILE A C   1 
ATOM   1249 O  O   . ILE A 1 162 ? 3.339   2.897   -3.695  1.00 6.10  ? 254 ILE A O   1 
ATOM   1250 C  CB  . ILE A 1 162 ? 4.612   1.470   -6.020  1.00 6.26  ? 254 ILE A CB  1 
ATOM   1251 C  CG1 . ILE A 1 162 ? 4.678   0.270   -6.970  1.00 8.81  ? 254 ILE A CG1 1 
ATOM   1252 C  CG2 . ILE A 1 162 ? 5.845   2.344   -6.171  1.00 7.58  ? 254 ILE A CG2 1 
ATOM   1253 C  CD1 . ILE A 1 162 ? 4.473   0.626   -8.425  1.00 9.16  ? 254 ILE A CD1 1 
ATOM   1254 N  N   . ILE A 1 163 ? 5.327   2.371   -2.780  1.00 5.40  ? 255 ILE A N   1 
ATOM   1255 C  CA  . ILE A 1 163 ? 5.329   3.495   -1.858  1.00 5.96  ? 255 ILE A CA  1 
ATOM   1256 C  C   . ILE A 1 163 ? 6.402   4.470   -2.312  1.00 5.67  ? 255 ILE A C   1 
ATOM   1257 O  O   . ILE A 1 163 ? 7.580   4.112   -2.414  1.00 6.46  ? 255 ILE A O   1 
ATOM   1258 C  CB  . ILE A 1 163 ? 5.658   3.058   -0.414  1.00 6.27  ? 255 ILE A CB  1 
ATOM   1259 C  CG1 . ILE A 1 163 ? 4.699   1.952   0.033   1.00 9.02  ? 255 ILE A CG1 1 
ATOM   1260 C  CG2 . ILE A 1 163 ? 5.586   4.263   0.522   1.00 7.07  ? 255 ILE A CG2 1 
ATOM   1261 C  CD1 . ILE A 1 163 ? 3.253   2.366   0.064   1.00 9.21  ? 255 ILE A CD1 1 
ATOM   1262 N  N   . THR A 1 164 ? 5.999   5.698   -2.606  1.00 5.66  ? 256 THR A N   1 
ATOM   1263 C  CA  . THR A 1 164 ? 6.955   6.703   -3.026  1.00 6.48  ? 256 THR A CA  1 
ATOM   1264 C  C   . THR A 1 164 ? 7.026   7.855   -2.043  1.00 6.73  ? 256 THR A C   1 
ATOM   1265 O  O   . THR A 1 164 ? 6.015   8.261   -1.455  1.00 7.85  ? 256 THR A O   1 
ATOM   1266 C  CB  . THR A 1 164 ? 6.613   7.276   -4.419  1.00 7.07  ? 256 THR A CB  1 
ATOM   1267 O  OG1 . THR A 1 164 ? 5.228   7.633   -4.472  1.00 8.60  ? 256 THR A OG1 1 
ATOM   1268 C  CG2 . THR A 1 164 ? 6.927   6.260   -5.502  1.00 11.59 ? 256 THR A CG2 1 
ATOM   1269 N  N   . LEU A 1 165 ? 8.243   8.339   -1.834  1.00 6.33  ? 257 LEU A N   1 
ATOM   1270 C  CA  . LEU A 1 165 ? 8.495   9.494   -0.989  1.00 5.81  ? 257 LEU A CA  1 
ATOM   1271 C  C   . LEU A 1 165 ? 8.641   10.601  -2.035  1.00 6.20  ? 257 LEU A C   1 
ATOM   1272 O  O   . LEU A 1 165 ? 9.427   10.463  -2.978  1.00 6.36  ? 257 LEU A O   1 
ATOM   1273 C  CB  . LEU A 1 165 ? 9.793   9.304   -0.210  1.00 7.08  ? 257 LEU A CB  1 
ATOM   1274 C  CG  . LEU A 1 165 ? 10.077  10.319  0.897   1.00 7.85  ? 257 LEU A CG  1 
ATOM   1275 C  CD1 . LEU A 1 165 ? 9.066   10.150  2.031   1.00 8.49  ? 257 LEU A CD1 1 
ATOM   1276 C  CD2 . LEU A 1 165 ? 11.493  10.113  1.411   1.00 9.45  ? 257 LEU A CD2 1 
ATOM   1277 N  N   . GLU A 1 166 ? 7.876   11.680  -1.885  1.00 6.45  ? 258 GLU A N   1 
ATOM   1278 C  CA  . GLU A 1 166 ? 7.875   12.766  -2.862  1.00 5.72  ? 258 GLU A CA  1 
ATOM   1279 C  C   . GLU A 1 166 ? 7.975   14.136  -2.223  1.00 5.63  ? 258 GLU A C   1 
ATOM   1280 O  O   . GLU A 1 166 ? 7.617   14.305  -1.057  1.00 6.90  ? 258 GLU A O   1 
ATOM   1281 C  CB  . GLU A 1 166 ? 6.578   12.712  -3.670  1.00 5.66  ? 258 GLU A CB  1 
ATOM   1282 C  CG  . GLU A 1 166 ? 6.286   11.341  -4.259  1.00 7.71  ? 258 GLU A CG  1 
ATOM   1283 C  CD  . GLU A 1 166 ? 4.951   11.261  -4.982  1.00 8.85  ? 258 GLU A CD  1 
ATOM   1284 O  OE1 . GLU A 1 166 ? 4.617   10.154  -5.457  1.00 8.88  ? 258 GLU A OE1 1 
ATOM   1285 O  OE2 . GLU A 1 166 ? 4.242   12.287  -5.079  1.00 9.87  ? 258 GLU A OE2 1 
ATOM   1286 N  N   . ASP A 1 167 ? 8.451   15.125  -2.978  1.00 6.80  ? 259 ASP A N   1 
ATOM   1287 C  CA  . ASP A 1 167 ? 8.506   16.463  -2.416  1.00 7.45  ? 259 ASP A CA  1 
ATOM   1288 C  C   . ASP A 1 167 ? 7.128   17.094  -2.606  1.00 8.07  ? 259 ASP A C   1 
ATOM   1289 O  O   . ASP A 1 167 ? 6.225   16.476  -3.177  1.00 8.30  ? 259 ASP A O   1 
ATOM   1290 C  CB  . ASP A 1 167 ? 9.636   17.315  -3.038  1.00 9.40  ? 259 ASP A CB  1 
ATOM   1291 C  CG  . ASP A 1 167 ? 9.378   17.727  -4.478  1.00 8.83  ? 259 ASP A CG  1 
ATOM   1292 O  OD1 . ASP A 1 167 ? 8.281   17.497  -5.014  1.00 9.84  ? 259 ASP A OD1 1 
ATOM   1293 O  OD2 . ASP A 1 167 ? 10.308  18.310  -5.079  1.00 12.51 ? 259 ASP A OD2 1 
ATOM   1294 N  N   . SER A 1 168 ? 6.964   18.317  -2.119  1.00 10.37 ? 260 SER A N   1 
ATOM   1295 C  CA  . SER A 1 168 ? 5.685   19.011  -2.202  1.00 11.58 ? 260 SER A CA  1 
ATOM   1296 C  C   . SER A 1 168 ? 5.148   19.233  -3.613  1.00 11.42 ? 260 SER A C   1 
ATOM   1297 O  O   . SER A 1 168 ? 3.960   19.506  -3.784  1.00 15.53 ? 260 SER A O   1 
ATOM   1298 C  CB  . SER A 1 168 ? 5.779   20.356  -1.476  1.00 13.91 ? 260 SER A CB  1 
ATOM   1299 O  OG  . SER A 1 168 ? 6.759   21.186  -2.074  1.00 15.23 ? 260 SER A OG  1 
ATOM   1300 N  N   . SER A 1 169 ? 6.010   19.116  -4.620  1.00 11.67 ? 261 SER A N   1 
ATOM   1301 C  CA  . SER A 1 169 ? 5.596   19.320  -6.007  1.00 12.80 ? 261 SER A CA  1 
ATOM   1302 C  C   . SER A 1 169 ? 5.367   18.016  -6.763  1.00 12.34 ? 261 SER A C   1 
ATOM   1303 O  O   . SER A 1 169 ? 4.931   18.026  -7.913  1.00 14.47 ? 261 SER A O   1 
ATOM   1304 C  CB  . SER A 1 169 ? 6.640   20.158  -6.752  1.00 14.66 ? 261 SER A CB  1 
ATOM   1305 O  OG  . SER A 1 169 ? 6.769   21.445  -6.174  1.00 17.70 ? 261 SER A OG  1 
ATOM   1306 N  N   . GLY A 1 170 ? 5.666   16.894  -6.118  1.00 10.79 ? 262 GLY A N   1 
ATOM   1307 C  CA  . GLY A 1 170 ? 5.474   15.611  -6.765  1.00 9.77  ? 262 GLY A CA  1 
ATOM   1308 C  C   . GLY A 1 170 ? 6.755   14.963  -7.255  1.00 7.99  ? 262 GLY A C   1 
ATOM   1309 O  O   . GLY A 1 170 ? 6.718   13.863  -7.801  1.00 10.15 ? 262 GLY A O   1 
ATOM   1310 N  N   . ASN A 1 171 ? 7.889   15.631  -7.070  1.00 7.00  ? 263 ASN A N   1 
ATOM   1311 C  CA  . ASN A 1 171 ? 9.155   15.058  -7.509  1.00 7.66  ? 263 ASN A CA  1 
ATOM   1312 C  C   . ASN A 1 171 ? 9.543   13.871  -6.645  1.00 6.98  ? 263 ASN A C   1 
ATOM   1313 O  O   . ASN A 1 171 ? 9.377   13.890  -5.426  1.00 7.64  ? 263 ASN A O   1 
ATOM   1314 C  CB  . ASN A 1 171 ? 10.278  16.095  -7.473  1.00 9.40  ? 263 ASN A CB  1 
ATOM   1315 C  CG  . ASN A 1 171 ? 10.079  17.207  -8.481  1.00 11.84 ? 263 ASN A CG  1 
ATOM   1316 O  OD1 . ASN A 1 171 ? 9.705   18.324  -8.122  1.00 15.06 ? 263 ASN A OD1 1 
ATOM   1317 N  ND2 . ASN A 1 171 ? 10.320  16.905  -9.753  1.00 11.57 ? 263 ASN A ND2 1 
ATOM   1318 N  N   . LEU A 1 172 ? 10.079  12.848  -7.294  1.00 6.78  ? 264 LEU A N   1 
ATOM   1319 C  CA  . LEU A 1 172 ? 10.496  11.623  -6.633  1.00 6.40  ? 264 LEU A CA  1 
ATOM   1320 C  C   . LEU A 1 172 ? 11.696  11.796  -5.712  1.00 6.33  ? 264 LEU A C   1 
ATOM   1321 O  O   . LEU A 1 172 ? 12.725  12.337  -6.119  1.00 7.06  ? 264 LEU A O   1 
ATOM   1322 C  CB  . LEU A 1 172 ? 10.837  10.580  -7.693  1.00 6.60  ? 264 LEU A CB  1 
ATOM   1323 C  CG  . LEU A 1 172 ? 11.350  9.229   -7.202  1.00 6.78  ? 264 LEU A CG  1 
ATOM   1324 C  CD1 . LEU A 1 172 ? 10.188  8.411   -6.661  1.00 9.05  ? 264 LEU A CD1 1 
ATOM   1325 C  CD2 . LEU A 1 172 ? 12.023  8.494   -8.350  1.00 9.15  ? 264 LEU A CD2 1 
ATOM   1326 N  N   . LEU A 1 173 ? 11.563  11.325  -4.475  1.00 5.55  ? 265 LEU A N   1 
ATOM   1327 C  CA  . LEU A 1 173 ? 12.655  11.366  -3.508  1.00 6.32  ? 265 LEU A CA  1 
ATOM   1328 C  C   . LEU A 1 173 ? 13.113  9.948   -3.171  1.00 5.98  ? 265 LEU A C   1 
ATOM   1329 O  O   . LEU A 1 173 ? 14.285  9.733   -2.878  1.00 6.96  ? 265 LEU A O   1 
ATOM   1330 C  CB  . LEU A 1 173 ? 12.227  12.071  -2.219  1.00 6.91  ? 265 LEU A CB  1 
ATOM   1331 C  CG  . LEU A 1 173 ? 11.804  13.538  -2.338  1.00 7.68  ? 265 LEU A CG  1 
ATOM   1332 C  CD1 . LEU A 1 173 ? 11.452  14.076  -0.960  1.00 9.61  ? 265 LEU A CD1 1 
ATOM   1333 C  CD2 . LEU A 1 173 ? 12.923  14.361  -2.966  1.00 11.19 ? 265 LEU A CD2 1 
ATOM   1334 N  N   . GLY A 1 174 ? 12.187  8.993   -3.206  1.00 5.35  ? 266 GLY A N   1 
ATOM   1335 C  CA  . GLY A 1 174 ? 12.521  7.614   -2.898  1.00 6.26  ? 266 GLY A CA  1 
ATOM   1336 C  C   . GLY A 1 174 ? 11.380  6.692   -3.275  1.00 5.31  ? 266 GLY A C   1 
ATOM   1337 O  O   . GLY A 1 174 ? 10.241  7.138   -3.411  1.00 5.83  ? 266 GLY A O   1 
ATOM   1338 N  N   . ARG A 1 175 ? 11.677  5.408   -3.443  1.00 5.38  ? 267 ARG A N   1 
ATOM   1339 C  CA  . ARG A 1 175 ? 10.658  4.438   -3.811  1.00 5.44  ? 267 ARG A CA  1 
ATOM   1340 C  C   . ARG A 1 175 ? 10.986  3.046   -3.281  1.00 5.89  ? 267 ARG A C   1 
ATOM   1341 O  O   . ARG A 1 175 ? 12.149  2.640   -3.251  1.00 5.88  ? 267 ARG A O   1 
ATOM   1342 C  CB  . ARG A 1 175 ? 10.534  4.359   -5.341  1.00 6.38  ? 267 ARG A CB  1 
ATOM   1343 C  CG  . ARG A 1 175 ? 9.361   3.509   -5.817  1.00 6.91  ? 267 ARG A CG  1 
ATOM   1344 C  CD  . ARG A 1 175 ? 9.370   3.249   -7.321  1.00 6.99  ? 267 ARG A CD  1 
ATOM   1345 N  NE  . ARG A 1 175 ? 9.248   4.444   -8.154  1.00 7.47  ? 267 ARG A NE  1 
ATOM   1346 C  CZ  . ARG A 1 175 ? 10.252  4.990   -8.835  1.00 6.03  ? 267 ARG A CZ  1 
ATOM   1347 N  NH1 . ARG A 1 175 ? 11.469  4.465   -8.779  1.00 6.41  ? 267 ARG A NH1 1 
ATOM   1348 N  NH2 . ARG A 1 175 ? 10.025  6.040   -9.612  1.00 7.96  ? 267 ARG A NH2 1 
ATOM   1349 N  N   . ASP A 1 176 ? 9.956   2.332   -2.837  1.00 5.80  ? 268 ASP A N   1 
ATOM   1350 C  CA  . ASP A 1 176 ? 10.108  0.950   -2.390  1.00 6.21  ? 268 ASP A CA  1 
ATOM   1351 C  C   . ASP A 1 176 ? 8.766   0.304   -2.708  1.00 5.69  ? 268 ASP A C   1 
ATOM   1352 O  O   . ASP A 1 176 ? 7.806   0.996   -3.052  1.00 6.97  ? 268 ASP A O   1 
ATOM   1353 C  CB  . ASP A 1 176 ? 10.421  0.844   -0.893  1.00 7.71  ? 268 ASP A CB  1 
ATOM   1354 C  CG  . ASP A 1 176 ? 11.096  -0.486  -0.525  1.00 7.95  ? 268 ASP A CG  1 
ATOM   1355 O  OD1 . ASP A 1 176 ? 11.161  -1.394  -1.382  1.00 9.18  ? 268 ASP A OD1 1 
ATOM   1356 O  OD2 . ASP A 1 176 ? 11.561  -0.622  0.626   1.00 8.89  ? 268 ASP A OD2 1 
ATOM   1357 N  N   . SER A 1 177 ? 8.690   -1.014  -2.605  1.00 6.00  ? 269 SER A N   1 
ATOM   1358 C  CA  . SER A 1 177 ? 7.453   -1.710  -2.923  1.00 6.57  ? 269 SER A CA  1 
ATOM   1359 C  C   . SER A 1 177 ? 7.400   -3.078  -2.278  1.00 6.79  ? 269 SER A C   1 
ATOM   1360 O  O   . SER A 1 177 ? 8.408   -3.590  -1.791  1.00 7.46  ? 269 SER A O   1 
ATOM   1361 C  CB  . SER A 1 177 ? 7.329   -1.877  -4.439  1.00 6.80  ? 269 SER A CB  1 
ATOM   1362 O  OG  . SER A 1 177 ? 8.415   -2.635  -4.953  1.00 8.62  ? 269 SER A OG  1 
ATOM   1363 N  N   . PHE A 1 178 ? 6.206   -3.658  -2.275  1.00 7.21  ? 270 PHE A N   1 
ATOM   1364 C  CA  . PHE A 1 178 ? 5.989   -4.989  -1.731  1.00 7.08  ? 270 PHE A CA  1 
ATOM   1365 C  C   . PHE A 1 178 ? 4.747   -5.575  -2.371  1.00 7.38  ? 270 PHE A C   1 
ATOM   1366 O  O   . PHE A 1 178 ? 3.825   -4.847  -2.748  1.00 7.57  ? 270 PHE A O   1 
ATOM   1367 C  CB  . PHE A 1 178 ? 5.833   -4.967  -0.200  1.00 7.76  ? 270 PHE A CB  1 
ATOM   1368 C  CG  . PHE A 1 178 ? 4.717   -4.088  0.305   1.00 6.36  ? 270 PHE A CG  1 
ATOM   1369 C  CD1 . PHE A 1 178 ? 4.874   -2.707  0.366   1.00 7.58  ? 270 PHE A CD1 1 
ATOM   1370 C  CD2 . PHE A 1 178 ? 3.523   -4.645  0.759   1.00 8.87  ? 270 PHE A CD2 1 
ATOM   1371 C  CE1 . PHE A 1 178 ? 3.862   -1.895  0.875   1.00 7.58  ? 270 PHE A CE1 1 
ATOM   1372 C  CE2 . PHE A 1 178 ? 2.507   -3.838  1.269   1.00 8.77  ? 270 PHE A CE2 1 
ATOM   1373 C  CZ  . PHE A 1 178 ? 2.678   -2.462  1.328   1.00 7.93  ? 270 PHE A CZ  1 
ATOM   1374 N  N   . GLU A 1 179 ? 4.735   -6.894  -2.527  1.00 7.55  ? 271 GLU A N   1 
ATOM   1375 C  CA  . GLU A 1 179 ? 3.589   -7.568  -3.115  1.00 8.29  ? 271 GLU A CA  1 
ATOM   1376 C  C   . GLU A 1 179 ? 2.526   -7.709  -2.032  1.00 6.41  ? 271 GLU A C   1 
ATOM   1377 O  O   . GLU A 1 179 ? 2.840   -7.717  -0.842  1.00 6.81  ? 271 GLU A O   1 
ATOM   1378 C  CB  . GLU A 1 179 ? 3.997   -8.952  -3.634  1.00 8.42  ? 271 GLU A CB  1 
ATOM   1379 C  CG  . GLU A 1 179 ? 2.993   -9.588  -4.588  1.00 12.95 ? 271 GLU A CG  1 
ATOM   1380 C  CD  . GLU A 1 179 ? 3.481   -10.907 -5.170  1.00 13.40 ? 271 GLU A CD  1 
ATOM   1381 O  OE1 . GLU A 1 179 ? 4.707   -11.062 -5.355  1.00 16.51 ? 271 GLU A OE1 1 
ATOM   1382 O  OE2 . GLU A 1 179 ? 2.638   -11.784 -5.458  1.00 15.28 ? 271 GLU A OE2 1 
ATOM   1383 N  N   . VAL A 1 180 ? 1.268   -7.807  -2.445  1.00 6.66  ? 272 VAL A N   1 
ATOM   1384 C  CA  . VAL A 1 180 ? 0.178   -7.956  -1.495  1.00 7.37  ? 272 VAL A CA  1 
ATOM   1385 C  C   . VAL A 1 180 ? -0.845  -8.965  -1.969  1.00 7.43  ? 272 VAL A C   1 
ATOM   1386 O  O   . VAL A 1 180 ? -1.132  -9.068  -3.164  1.00 8.62  ? 272 VAL A O   1 
ATOM   1387 C  CB  . VAL A 1 180 ? -0.572  -6.618  -1.264  1.00 8.09  ? 272 VAL A CB  1 
ATOM   1388 C  CG1 . VAL A 1 180 ? -1.838  -6.849  -0.440  1.00 10.36 ? 272 VAL A CG1 1 
ATOM   1389 C  CG2 . VAL A 1 180 ? 0.333   -5.634  -0.558  1.00 11.09 ? 272 VAL A CG2 1 
ATOM   1390 N  N   . ARG A 1 181 ? -1.363  -9.735  -1.021  1.00 8.05  ? 273 ARG A N   1 
ATOM   1391 C  CA  . ARG A 1 181 ? -2.436  -10.676 -1.291  1.00 7.15  ? 273 ARG A CA  1 
ATOM   1392 C  C   . ARG A 1 181 ? -3.445  -10.432 -0.177  1.00 7.06  ? 273 ARG A C   1 
ATOM   1393 O  O   . ARG A 1 181 ? -3.089  -10.455 1.001   1.00 7.55  ? 273 ARG A O   1 
ATOM   1394 C  CB  . ARG A 1 181 ? -1.983  -12.137 -1.240  1.00 8.69  ? 273 ARG A CB  1 
ATOM   1395 C  CG  . ARG A 1 181 ? -3.158  -13.106 -1.394  1.00 10.18 ? 273 ARG A CG  1 
ATOM   1396 C  CD  . ARG A 1 181 ? -2.710  -14.555 -1.402  1.00 11.75 ? 273 ARG A CD  1 
ATOM   1397 N  NE  . ARG A 1 181 ? -3.843  -15.476 -1.346  1.00 16.43 ? 273 ARG A NE  1 
ATOM   1398 C  CZ  . ARG A 1 181 ? -4.761  -15.602 -2.299  1.00 20.54 ? 273 ARG A CZ  1 
ATOM   1399 N  NH1 . ARG A 1 181 ? -4.686  -14.866 -3.400  1.00 25.02 ? 273 ARG A NH1 1 
ATOM   1400 N  NH2 . ARG A 1 181 ? -5.760  -16.461 -2.147  1.00 23.72 ? 273 ARG A NH2 1 
ATOM   1401 N  N   . VAL A 1 182 ? -4.687  -10.152 -0.551  1.00 6.59  ? 274 VAL A N   1 
ATOM   1402 C  CA  . VAL A 1 182 ? -5.745  -9.932  0.427   1.00 6.98  ? 274 VAL A CA  1 
ATOM   1403 C  C   . VAL A 1 182 ? -6.517  -11.245 0.414   1.00 7.46  ? 274 VAL A C   1 
ATOM   1404 O  O   . VAL A 1 182 ? -7.053  -11.645 -0.616  1.00 7.78  ? 274 VAL A O   1 
ATOM   1405 C  CB  . VAL A 1 182 ? -6.651  -8.747  0.025   1.00 6.95  ? 274 VAL A CB  1 
ATOM   1406 C  CG1 . VAL A 1 182 ? -7.636  -8.453  1.143   1.00 8.34  ? 274 VAL A CG1 1 
ATOM   1407 C  CG2 . VAL A 1 182 ? -5.795  -7.515  -0.265  1.00 8.69  ? 274 VAL A CG2 1 
ATOM   1408 N  N   . CYS A 1 183 ? -6.551  -11.919 1.557   1.00 7.89  ? 275 CYS A N   1 
ATOM   1409 C  CA  . CYS A 1 183 ? -7.188  -13.226 1.644   1.00 8.61  ? 275 CYS A CA  1 
ATOM   1410 C  C   . CYS A 1 183 ? -7.756  -13.510 3.022   1.00 9.18  ? 275 CYS A C   1 
ATOM   1411 O  O   . CYS A 1 183 ? -7.474  -12.799 3.981   1.00 11.42 ? 275 CYS A O   1 
ATOM   1412 C  CB  . CYS A 1 183 ? -6.156  -14.296 1.290   1.00 10.19 ? 275 CYS A CB  1 
ATOM   1413 S  SG  . CYS A 1 183 ? -4.615  -14.143 2.242   1.00 10.17 ? 275 CYS A SG  1 
ATOM   1414 N  N   . ALA A 1 184 ? -8.537  -14.583 3.110   1.00 9.97  ? 276 ALA A N   1 
ATOM   1415 C  CA  . ALA A 1 184 ? -9.180  -14.982 4.357   1.00 9.49  ? 276 ALA A CA  1 
ATOM   1416 C  C   . ALA A 1 184 ? -8.225  -15.455 5.449   1.00 9.21  ? 276 ALA A C   1 
ATOM   1417 O  O   . ALA A 1 184 ? -8.465  -15.205 6.630   1.00 9.72  ? 276 ALA A O   1 
ATOM   1418 C  CB  . ALA A 1 184 ? -10.219 -16.062 4.078   1.00 12.38 ? 276 ALA A CB  1 
ATOM   1419 N  N   . CYS A 1 185 ? -7.160  -16.152 5.065   1.00 8.92  ? 277 CYS A N   1 
ATOM   1420 C  CA  . CYS A 1 185 ? -6.194  -16.639 6.044   1.00 8.86  ? 277 CYS A CA  1 
ATOM   1421 C  C   . CYS A 1 185 ? -4.771  -16.348 5.579   1.00 7.51  ? 277 CYS A C   1 
ATOM   1422 O  O   . CYS A 1 185 ? -4.125  -17.173 4.926   1.00 8.08  ? 277 CYS A O   1 
ATOM   1423 C  CB  . CYS A 1 185 ? -6.360  -18.141 6.284   1.00 8.79  ? 277 CYS A CB  1 
ATOM   1424 S  SG  . CYS A 1 185 ? -5.386  -18.732 7.689   1.00 11.37 ? 277 CYS A SG  1 
ATOM   1425 N  N   . PRO A 1 186 ? -4.264  -15.158 5.923   1.00 7.89  ? 278 PRO A N   1 
ATOM   1426 C  CA  . PRO A 1 186 ? -2.914  -14.733 5.547   1.00 7.33  ? 278 PRO A CA  1 
ATOM   1427 C  C   . PRO A 1 186 ? -1.819  -15.761 5.828   1.00 7.40  ? 278 PRO A C   1 
ATOM   1428 O  O   . PRO A 1 186 ? -0.974  -16.020 4.970   1.00 7.86  ? 278 PRO A O   1 
ATOM   1429 C  CB  . PRO A 1 186 ? -2.731  -13.451 6.350   1.00 7.75  ? 278 PRO A CB  1 
ATOM   1430 C  CG  . PRO A 1 186 ? -4.115  -12.872 6.346   1.00 8.61  ? 278 PRO A CG  1 
ATOM   1431 C  CD  . PRO A 1 186 ? -4.974  -14.084 6.642   1.00 7.66  ? 278 PRO A CD  1 
ATOM   1432 N  N   . GLY A 1 187 ? -1.836  -16.345 7.021   1.00 7.64  ? 279 GLY A N   1 
ATOM   1433 C  CA  . GLY A 1 187 ? -0.821  -17.319 7.383   1.00 8.16  ? 279 GLY A CA  1 
ATOM   1434 C  C   . GLY A 1 187 ? -0.811  -18.567 6.521   1.00 7.05  ? 279 GLY A C   1 
ATOM   1435 O  O   . GLY A 1 187 ? 0.250   -19.091 6.187   1.00 7.43  ? 279 GLY A O   1 
ATOM   1436 N  N   . ARG A 1 188 ? -1.995  -19.053 6.168   1.00 7.44  ? 280 ARG A N   1 
ATOM   1437 C  CA  . ARG A 1 188 ? -2.108  -20.247 5.341   1.00 6.51  ? 280 ARG A CA  1 
ATOM   1438 C  C   . ARG A 1 188 ? -1.508  -19.986 3.966   1.00 7.53  ? 280 ARG A C   1 
ATOM   1439 O  O   . ARG A 1 188 ? -0.717  -20.778 3.454   1.00 6.99  ? 280 ARG A O   1 
ATOM   1440 C  CB  . ARG A 1 188 ? -3.579  -20.639 5.191   1.00 7.59  ? 280 ARG A CB  1 
ATOM   1441 C  CG  . ARG A 1 188 ? -3.832  -21.836 4.289   1.00 7.23  ? 280 ARG A CG  1 
ATOM   1442 C  CD  . ARG A 1 188 ? -5.323  -22.100 4.175   1.00 7.47  ? 280 ARG A CD  1 
ATOM   1443 N  NE  . ARG A 1 188 ? -5.617  -23.329 3.445   1.00 7.73  ? 280 ARG A NE  1 
ATOM   1444 C  CZ  . ARG A 1 188 ? -6.801  -23.929 3.450   1.00 6.55  ? 280 ARG A CZ  1 
ATOM   1445 N  NH1 . ARG A 1 188 ? -7.802  -23.410 4.146   1.00 8.34  ? 280 ARG A NH1 1 
ATOM   1446 N  NH2 . ARG A 1 188 ? -6.982  -25.056 2.775   1.00 7.86  ? 280 ARG A NH2 1 
ATOM   1447 N  N   . ASP A 1 189 ? -1.885  -18.864 3.368   1.00 6.66  ? 281 ASP A N   1 
ATOM   1448 C  CA  . ASP A 1 189 ? -1.388  -18.532 2.044   1.00 7.39  ? 281 ASP A CA  1 
ATOM   1449 C  C   . ASP A 1 189 ? 0.101   -18.211 2.038   1.00 7.01  ? 281 ASP A C   1 
ATOM   1450 O  O   . ASP A 1 189 ? 0.803   -18.550 1.082   1.00 7.99  ? 281 ASP A O   1 
ATOM   1451 C  CB  . ASP A 1 189 ? -2.223  -17.393 1.456   1.00 8.69  ? 281 ASP A CB  1 
ATOM   1452 C  CG  . ASP A 1 189 ? -3.652  -17.830 1.147   1.00 10.70 ? 281 ASP A CG  1 
ATOM   1453 O  OD1 . ASP A 1 189 ? -4.472  -16.982 0.743   1.00 14.68 ? 281 ASP A OD1 1 
ATOM   1454 O  OD2 . ASP A 1 189 ? -3.954  -19.034 1.308   1.00 13.06 ? 281 ASP A OD2 1 
ATOM   1455 N  N   . ARG A 1 190 ? 0.598   -17.581 3.098   1.00 6.60  ? 282 ARG A N   1 
ATOM   1456 C  CA  . ARG A 1 190 ? 2.022   -17.285 3.155   1.00 6.92  ? 282 ARG A CA  1 
ATOM   1457 C  C   . ARG A 1 190 ? 2.797   -18.600 3.186   1.00 7.63  ? 282 ARG A C   1 
ATOM   1458 O  O   . ARG A 1 190 ? 3.777   -18.771 2.460   1.00 8.61  ? 282 ARG A O   1 
ATOM   1459 C  CB  . ARG A 1 190 ? 2.366   -16.464 4.400   1.00 7.43  ? 282 ARG A CB  1 
ATOM   1460 C  CG  . ARG A 1 190 ? 3.865   -16.321 4.605   1.00 8.40  ? 282 ARG A CG  1 
ATOM   1461 C  CD  . ARG A 1 190 ? 4.212   -15.540 5.854   1.00 9.11  ? 282 ARG A CD  1 
ATOM   1462 N  NE  . ARG A 1 190 ? 5.639   -15.646 6.142   1.00 9.39  ? 282 ARG A NE  1 
ATOM   1463 C  CZ  . ARG A 1 190 ? 6.204   -15.245 7.273   1.00 9.66  ? 282 ARG A CZ  1 
ATOM   1464 N  NH1 . ARG A 1 190 ? 5.468   -14.702 8.229   1.00 10.38 ? 282 ARG A NH1 1 
ATOM   1465 N  NH2 . ARG A 1 190 ? 7.508   -15.406 7.454   1.00 12.46 ? 282 ARG A NH2 1 
ATOM   1466 N  N   . ARG A 1 191 ? 2.355   -19.531 4.025   1.00 7.50  ? 283 ARG A N   1 
ATOM   1467 C  CA  . ARG A 1 191 ? 3.033   -20.819 4.137   1.00 8.51  ? 283 ARG A CA  1 
ATOM   1468 C  C   . ARG A 1 191 ? 3.024   -21.550 2.797   1.00 8.64  ? 283 ARG A C   1 
ATOM   1469 O  O   . ARG A 1 191 ? 4.044   -22.083 2.356   1.00 9.56  ? 283 ARG A O   1 
ATOM   1470 C  CB  . ARG A 1 191 ? 2.362   -21.679 5.213   1.00 10.31 ? 283 ARG A CB  1 
ATOM   1471 C  CG  . ARG A 1 191 ? 3.001   -23.048 5.410   1.00 16.23 ? 283 ARG A CG  1 
ATOM   1472 C  CD  . ARG A 1 191 ? 4.456   -22.929 5.843   1.00 20.78 ? 283 ARG A CD  1 
ATOM   1473 N  NE  . ARG A 1 191 ? 4.593   -22.442 7.213   1.00 21.91 ? 283 ARG A NE  1 
ATOM   1474 C  CZ  . ARG A 1 191 ? 4.330   -23.168 8.297   1.00 26.69 ? 283 ARG A CZ  1 
ATOM   1475 N  NH1 . ARG A 1 191 ? 4.482   -22.640 9.502   1.00 26.85 ? 283 ARG A NH1 1 
ATOM   1476 N  NH2 . ARG A 1 191 ? 3.925   -24.424 8.175   1.00 29.43 ? 283 ARG A NH2 1 
ATOM   1477 N  N   . THR A 1 192 ? 1.870   -21.567 2.144   1.00 8.54  ? 284 THR A N   1 
ATOM   1478 C  CA  . THR A 1 192 ? 1.744   -22.230 0.854   1.00 9.26  ? 284 THR A CA  1 
ATOM   1479 C  C   . THR A 1 192 ? 2.669   -21.623 -0.194  1.00 8.63  ? 284 THR A C   1 
ATOM   1480 O  O   . THR A 1 192 ? 3.376   -22.341 -0.906  1.00 10.54 ? 284 THR A O   1 
ATOM   1481 C  CB  . THR A 1 192 ? 0.301   -22.149 0.341   1.00 8.90  ? 284 THR A CB  1 
ATOM   1482 O  OG1 . THR A 1 192 ? -0.561  -22.828 1.258   1.00 8.98  ? 284 THR A OG1 1 
ATOM   1483 C  CG2 . THR A 1 192 ? 0.184   -22.780 -1.039  1.00 10.30 ? 284 THR A CG2 1 
ATOM   1484 N  N   . GLU A 1 193 ? 2.670   -20.300 -0.293  1.00 8.98  ? 285 GLU A N   1 
ATOM   1485 C  CA  . GLU A 1 193 ? 3.506   -19.641 -1.281  1.00 9.72  ? 285 GLU A CA  1 
ATOM   1486 C  C   . GLU A 1 193 ? 4.999   -19.751 -0.993  1.00 11.04 ? 285 GLU A C   1 
ATOM   1487 O  O   . GLU A 1 193 ? 5.814   -19.735 -1.917  1.00 12.33 ? 285 GLU A O   1 
ATOM   1488 C  CB  . GLU A 1 193 ? 3.071   -18.182 -1.444  1.00 10.12 ? 285 GLU A CB  1 
ATOM   1489 C  CG  . GLU A 1 193 ? 1.745   -18.077 -2.188  1.00 10.44 ? 285 GLU A CG  1 
ATOM   1490 C  CD  . GLU A 1 193 ? 1.318   -16.654 -2.482  1.00 12.23 ? 285 GLU A CD  1 
ATOM   1491 O  OE1 . GLU A 1 193 ? 2.190   -15.808 -2.768  1.00 13.20 ? 285 GLU A OE1 1 
ATOM   1492 O  OE2 . GLU A 1 193 ? 0.100   -16.387 -2.450  1.00 16.10 ? 285 GLU A OE2 1 
ATOM   1493 N  N   . GLU A 1 194 ? 5.364   -19.890 0.276   1.00 12.01 ? 286 GLU A N   1 
ATOM   1494 C  CA  . GLU A 1 194 ? 6.776   -20.022 0.613   1.00 12.88 ? 286 GLU A CA  1 
ATOM   1495 C  C   . GLU A 1 194 ? 7.280   -21.424 0.277   1.00 17.42 ? 286 GLU A C   1 
ATOM   1496 O  O   . GLU A 1 194 ? 8.487   -21.653 0.199   1.00 16.21 ? 286 GLU A O   1 
ATOM   1497 C  CB  . GLU A 1 194 ? 7.010   -19.701 2.091   1.00 11.83 ? 286 GLU A CB  1 
ATOM   1498 C  CG  . GLU A 1 194 ? 6.728   -18.243 2.424   1.00 12.96 ? 286 GLU A CG  1 
ATOM   1499 C  CD  . GLU A 1 194 ? 7.036   -17.885 3.863   1.00 13.62 ? 286 GLU A CD  1 
ATOM   1500 O  OE1 . GLU A 1 194 ? 6.906   -18.765 4.742   1.00 14.71 ? 286 GLU A OE1 1 
ATOM   1501 O  OE2 . GLU A 1 194 ? 7.388   -16.711 4.119   1.00 12.32 ? 286 GLU A OE2 1 
ATOM   1502 N  N   . GLU A 1 195 ? 6.353   -22.355 0.065   1.00 21.31 ? 287 GLU A N   1 
ATOM   1503 C  CA  . GLU A 1 195 ? 6.720   -23.726 -0.277  1.00 28.31 ? 287 GLU A CA  1 
ATOM   1504 C  C   . GLU A 1 195 ? 7.539   -23.757 -1.563  1.00 31.58 ? 287 GLU A C   1 
ATOM   1505 O  O   . GLU A 1 195 ? 8.482   -24.537 -1.688  1.00 31.67 ? 287 GLU A O   1 
ATOM   1506 C  CB  . GLU A 1 195 ? 5.470   -24.595 -0.455  1.00 30.38 ? 287 GLU A CB  1 
ATOM   1507 C  CG  . GLU A 1 195 ? 4.731   -24.910 0.834   1.00 34.43 ? 287 GLU A CG  1 
ATOM   1508 C  CD  . GLU A 1 195 ? 3.602   -25.902 0.626   1.00 37.01 ? 287 GLU A CD  1 
ATOM   1509 O  OE1 . GLU A 1 195 ? 3.870   -27.008 0.110   1.00 40.08 ? 287 GLU A OE1 1 
ATOM   1510 O  OE2 . GLU A 1 195 ? 2.449   -25.579 0.980   1.00 35.95 ? 287 GLU A OE2 1 
ATOM   1511 N  N   . ASN A 1 196 ? 7.171   -22.908 -2.517  1.00 35.88 ? 288 ASN A N   1 
ATOM   1512 C  CA  . ASN A 1 196 ? 7.877   -22.836 -3.792  1.00 40.28 ? 288 ASN A CA  1 
ATOM   1513 C  C   . ASN A 1 196 ? 9.047   -21.861 -3.708  1.00 41.91 ? 288 ASN A C   1 
ATOM   1514 O  O   . ASN A 1 196 ? 9.492   -21.321 -4.720  1.00 43.62 ? 288 ASN A O   1 
ATOM   1515 C  CB  . ASN A 1 196 ? 6.924   -22.397 -4.906  1.00 43.34 ? 288 ASN A CB  1 
ATOM   1516 C  CG  . ASN A 1 196 ? 5.793   -23.380 -5.126  1.00 44.82 ? 288 ASN A CG  1 
ATOM   1517 O  OD1 . ASN A 1 196 ? 6.021   -24.564 -5.373  1.00 46.29 ? 288 ASN A OD1 1 
ATOM   1518 N  ND2 . ASN A 1 196 ? 4.560   -22.891 -5.044  1.00 46.57 ? 288 ASN A ND2 1 
HETATM 1519 ZN ZN  . ZN  B 2 .   ? -14.168 -6.685  -4.068  1.00 10.57 ? 301 ZN  A ZN  1 
HETATM 1520 O  O   . HOH C 3 .   ? 15.264  9.408   -0.303  1.00 7.07  ? 401 HOH A O   1 
HETATM 1521 O  O   . HOH C 3 .   ? -6.583  -4.931  4.674   1.00 7.78  ? 402 HOH A O   1 
HETATM 1522 O  O   . HOH C 3 .   ? 13.890  1.837   -1.069  1.00 8.57  ? 403 HOH A O   1 
HETATM 1523 O  O   . HOH C 3 .   ? -3.534  16.883  -4.293  1.00 7.15  ? 404 HOH A O   1 
HETATM 1524 O  O   . HOH C 3 .   ? 11.936  6.678   -11.714 1.00 8.10  ? 405 HOH A O   1 
HETATM 1525 O  O   . HOH C 3 .   ? 3.461   5.414   -5.119  1.00 7.04  ? 406 HOH A O   1 
HETATM 1526 O  O   . HOH C 3 .   ? -6.014  4.547   -2.943  1.00 8.77  ? 407 HOH A O   1 
HETATM 1527 O  O   . HOH C 3 .   ? -5.217  2.319   -9.030  1.00 9.15  ? 408 HOH A O   1 
HETATM 1528 O  O   . HOH C 3 .   ? -3.399  1.007   -10.676 1.00 8.36  ? 409 HOH A O   1 
HETATM 1529 O  O   . HOH C 3 .   ? -2.863  -21.583 0.917   1.00 9.81  ? 410 HOH A O   1 
HETATM 1530 O  O   . HOH C 3 .   ? 6.399   4.664   -8.828  1.00 10.95 ? 411 HOH A O   1 
HETATM 1531 O  O   . HOH C 3 .   ? -7.728  1.533   -6.349  1.00 10.07 ? 412 HOH A O   1 
HETATM 1532 O  O   . HOH C 3 .   ? 10.495  -0.933  -5.318  1.00 10.39 ? 413 HOH A O   1 
HETATM 1533 O  O   . HOH C 3 .   ? -1.684  -2.159  -13.004 1.00 10.03 ? 414 HOH A O   1 
HETATM 1534 O  O   . HOH C 3 .   ? 9.995   -0.566  -12.745 1.00 10.31 ? 415 HOH A O   1 
HETATM 1535 O  O   . HOH C 3 .   ? -3.058  8.706   -8.421  1.00 9.97  ? 416 HOH A O   1 
HETATM 1536 O  O   . HOH C 3 .   ? 12.907  6.790   9.926   1.00 10.40 ? 417 HOH A O   1 
HETATM 1537 O  O   . HOH C 3 .   ? -8.102  -19.663 2.720   1.00 11.52 ? 418 HOH A O   1 
HETATM 1538 O  O   . HOH C 3 .   ? 19.349  5.542   -4.284  1.00 9.64  ? 419 HOH A O   1 
HETATM 1539 O  O   . HOH C 3 .   ? 10.488  7.775   8.998   1.00 10.91 ? 420 HOH A O   1 
HETATM 1540 O  O   . HOH C 3 .   ? -10.064 -11.467 3.392   1.00 9.82  ? 421 HOH A O   1 
HETATM 1541 O  O   . HOH C 3 .   ? -4.246  -9.251  -5.552  1.00 11.88 ? 422 HOH A O   1 
HETATM 1542 O  O   . HOH C 3 .   ? -12.356 2.537   -0.746  1.00 10.61 ? 423 HOH A O   1 
HETATM 1543 O  O   . HOH C 3 .   ? -8.550  -13.495 -1.961  1.00 12.56 ? 424 HOH A O   1 
HETATM 1544 O  O   . HOH C 3 .   ? 18.410  2.277   -3.882  1.00 11.41 ? 425 HOH A O   1 
HETATM 1545 O  O   . HOH C 3 .   ? -3.895  2.131   -6.398  1.00 11.87 ? 426 HOH A O   1 
HETATM 1546 O  O   . HOH C 3 .   ? 10.419  17.288  0.159   1.00 11.21 ? 427 HOH A O   1 
HETATM 1547 O  O   . HOH C 3 .   ? 16.348  11.575  -3.208  1.00 10.98 ? 428 HOH A O   1 
HETATM 1548 O  O   . HOH C 3 .   ? 0.205   14.560  -5.321  1.00 11.81 ? 429 HOH A O   1 
HETATM 1549 O  O   . HOH C 3 .   ? -8.703  -3.637  -11.434 1.00 12.87 ? 430 HOH A O   1 
HETATM 1550 O  O   . HOH C 3 .   ? -6.708  -17.371 2.540   1.00 12.47 ? 431 HOH A O   1 
HETATM 1551 O  O   . HOH C 3 .   ? 15.306  11.875  -7.146  1.00 13.44 ? 432 HOH A O   1 
HETATM 1552 O  O   . HOH C 3 .   ? 4.017   9.641   7.367   1.00 12.50 ? 433 HOH A O   1 
HETATM 1553 O  O   . HOH C 3 .   ? -1.811  5.562   9.571   1.00 12.32 ? 434 HOH A O   1 
HETATM 1554 O  O   . HOH C 3 .   ? -10.479 -5.465  -6.670  1.00 11.92 ? 435 HOH A O   1 
HETATM 1555 O  O   . HOH C 3 .   ? 6.465   -1.305  -12.846 1.00 12.98 ? 436 HOH A O   1 
HETATM 1556 O  O   . HOH C 3 .   ? 3.831   14.804  -3.925  1.00 11.67 ? 437 HOH A O   1 
HETATM 1557 O  O   . HOH C 3 .   ? 7.067   5.961   15.270  1.00 16.39 ? 438 HOH A O   1 
HETATM 1558 O  O   . HOH C 3 .   ? -0.860  -9.456  -11.866 1.00 12.45 ? 439 HOH A O   1 
HETATM 1559 O  O   . HOH C 3 .   ? 12.812  11.213  10.235  1.00 15.49 ? 440 HOH A O   1 
HETATM 1560 O  O   . HOH C 3 .   ? -7.771  14.110  -11.663 1.00 13.35 ? 441 HOH A O   1 
HETATM 1561 O  O   . HOH C 3 .   ? 8.861   19.426  -0.163  1.00 13.94 ? 442 HOH A O   1 
HETATM 1562 O  O   . HOH C 3 .   ? -0.945  19.726  7.085   1.00 15.63 ? 443 HOH A O   1 
HETATM 1563 O  O   . HOH C 3 .   ? -7.540  13.489  -7.572  1.00 14.25 ? 444 HOH A O   1 
HETATM 1564 O  O   . HOH C 3 .   ? 5.492   -18.401 -4.257  1.00 16.02 ? 445 HOH A O   1 
HETATM 1565 O  O   . HOH C 3 .   ? 7.359   6.998   -10.101 1.00 14.24 ? 446 HOH A O   1 
HETATM 1566 O  O   . HOH C 3 .   ? 2.326   8.006   9.290   1.00 16.35 ? 447 HOH A O   1 
HETATM 1567 O  O   . HOH C 3 .   ? 4.855   6.289   13.610  1.00 15.35 ? 448 HOH A O   1 
HETATM 1568 O  O   . HOH C 3 .   ? -1.725  13.652  9.674   1.00 15.39 ? 449 HOH A O   1 
HETATM 1569 O  O   . HOH C 3 .   ? -8.689  12.833  4.722   1.00 14.75 ? 450 HOH A O   1 
HETATM 1570 O  O   . HOH C 3 .   ? -8.934  8.073   5.068   1.00 14.79 ? 451 HOH A O   1 
HETATM 1571 O  O   . HOH C 3 .   ? 17.521  -0.547  -6.555  1.00 17.64 ? 452 HOH A O   1 
HETATM 1572 O  O   . HOH C 3 .   ? -3.644  12.558  11.591  1.00 17.18 ? 453 HOH A O   1 
HETATM 1573 O  O   . HOH C 3 .   ? 18.401  -0.673  -12.899 1.00 15.86 ? 454 HOH A O   1 
HETATM 1574 O  O   . HOH C 3 .   ? 5.138   9.066   13.439  1.00 17.05 ? 455 HOH A O   1 
HETATM 1575 O  O   . HOH C 3 .   ? 7.618   -21.398 5.128   1.00 18.31 ? 456 HOH A O   1 
HETATM 1576 O  O   . HOH C 3 .   ? -5.955  2.271   -4.344  1.00 8.96  ? 457 HOH A O   1 
HETATM 1577 O  O   . HOH C 3 .   ? 15.483  -0.267  -0.292  1.00 10.84 ? 458 HOH A O   1 
HETATM 1578 O  O   . HOH C 3 .   ? -5.541  16.654  -6.227  1.00 10.74 ? 459 HOH A O   1 
HETATM 1579 O  O   . HOH C 3 .   ? -6.305  -20.717 0.809   1.00 19.34 ? 460 HOH A O   1 
HETATM 1580 O  O   . HOH C 3 .   ? 3.665   4.988   -7.839  1.00 12.12 ? 461 HOH A O   1 
HETATM 1581 O  O   . HOH C 3 .   ? -2.043  15.700  -6.363  1.00 10.83 ? 462 HOH A O   1 
HETATM 1582 O  O   . HOH C 3 .   ? 8.734   -2.536  -14.170 1.00 13.06 ? 463 HOH A O   1 
HETATM 1583 O  O   . HOH C 3 .   ? -1.887  20.597  9.427   1.00 15.46 ? 464 HOH A O   1 
HETATM 1584 O  O   . HOH C 3 .   ? -0.437  6.964   -12.508 1.00 12.57 ? 465 HOH A O   1 
HETATM 1585 O  O   . HOH C 3 .   ? 14.148  8.945   11.181  1.00 14.90 ? 466 HOH A O   1 
HETATM 1586 O  O   . HOH C 3 .   ? 20.858  2.412   -2.527  1.00 16.79 ? 467 HOH A O   1 
HETATM 1587 O  O   . HOH C 3 .   ? -5.441  14.981  -8.465  1.00 14.74 ? 468 HOH A O   1 
HETATM 1588 O  O   . HOH C 3 .   ? 12.170  -1.849  -11.541 1.00 16.02 ? 469 HOH A O   1 
HETATM 1589 O  O   . HOH C 3 .   ? -8.794  10.627  6.281   1.00 15.27 ? 470 HOH A O   1 
HETATM 1590 O  O   . HOH C 3 .   ? -12.147 2.879   6.141   1.00 19.75 ? 471 HOH A O   1 
HETATM 1591 O  O   . HOH C 3 .   ? 4.325   -15.879 -4.313  1.00 19.04 ? 472 HOH A O   1 
HETATM 1592 O  O   . HOH C 3 .   ? 12.663  18.091  -1.195  1.00 17.47 ? 473 HOH A O   1 
HETATM 1593 O  O   . HOH C 3 .   ? -10.021 -18.635 0.987   1.00 17.55 ? 474 HOH A O   1 
HETATM 1594 O  O   . HOH C 3 .   ? 0.360   16.838  2.080   1.00 16.48 ? 475 HOH A O   1 
HETATM 1595 O  O   . HOH C 3 .   ? 9.903   -15.536 4.530   1.00 19.02 ? 476 HOH A O   1 
HETATM 1596 O  O   . HOH C 3 .   ? 20.391  15.156  -3.047  1.00 21.75 ? 477 HOH A O   1 
HETATM 1597 O  O   . HOH C 3 .   ? 19.782  -0.346  -8.012  1.00 18.89 ? 478 HOH A O   1 
HETATM 1598 O  O   . HOH C 3 .   ? 20.532  9.811   3.852   1.00 18.33 ? 479 HOH A O   1 
HETATM 1599 O  O   . HOH C 3 .   ? 0.815   12.069  7.975   1.00 18.31 ? 480 HOH A O   1 
HETATM 1600 O  O   . HOH C 3 .   ? -7.720  0.087   -16.732 1.00 18.62 ? 481 HOH A O   1 
HETATM 1601 O  O   . HOH C 3 .   ? -6.357  16.309  -10.706 1.00 16.25 ? 482 HOH A O   1 
HETATM 1602 O  O   . HOH C 3 .   ? 15.640  -0.954  7.064   1.00 18.45 ? 483 HOH A O   1 
HETATM 1603 O  O   . HOH C 3 .   ? -4.956  4.064   -17.806 1.00 20.59 ? 484 HOH A O   1 
HETATM 1604 O  O   . HOH C 3 .   ? 11.476  0.869   -14.305 1.00 18.02 ? 485 HOH A O   1 
HETATM 1605 O  O   . HOH C 3 .   ? -6.866  8.045   7.477   1.00 16.02 ? 486 HOH A O   1 
HETATM 1606 O  O   . HOH C 3 .   ? 12.392  19.293  -3.621  1.00 20.70 ? 487 HOH A O   1 
HETATM 1607 O  O   . HOH C 3 .   ? 21.320  7.237   2.716   1.00 20.94 ? 488 HOH A O   1 
HETATM 1608 O  O   . HOH C 3 .   ? 13.937  -2.121  0.936   1.00 17.37 ? 489 HOH A O   1 
HETATM 1609 O  O   . HOH C 3 .   ? 5.915   18.675  6.314   1.00 19.75 ? 490 HOH A O   1 
HETATM 1610 O  O   . HOH C 3 .   ? -8.858  13.190  -16.546 1.00 18.40 ? 491 HOH A O   1 
HETATM 1611 O  O   . HOH C 3 .   ? 6.644   16.099  5.708   1.00 20.97 ? 492 HOH A O   1 
HETATM 1612 O  O   . HOH C 3 .   ? 2.761   9.423   12.067  1.00 19.95 ? 493 HOH A O   1 
HETATM 1613 O  O   . HOH C 3 .   ? 15.226  -3.933  -10.189 1.00 19.88 ? 494 HOH A O   1 
HETATM 1614 O  O   . HOH C 3 .   ? 23.073  3.823   5.356   1.00 23.29 ? 495 HOH A O   1 
HETATM 1615 O  O   . HOH C 3 .   ? 6.265   -23.211 3.300   1.00 18.84 ? 496 HOH A O   1 
HETATM 1616 O  O   . HOH C 3 .   ? -0.112  -25.567 1.710   1.00 20.54 ? 497 HOH A O   1 
HETATM 1617 O  O   . HOH C 3 .   ? 9.714   -3.797  0.686   1.00 19.52 ? 498 HOH A O   1 
HETATM 1618 O  O   . HOH C 3 .   ? 3.328   -13.444 -7.754  1.00 21.99 ? 499 HOH A O   1 
HETATM 1619 O  O   . HOH C 3 .   ? 13.894  -2.677  -7.877  1.00 12.69 ? 500 HOH A O   1 
HETATM 1620 O  O   . HOH C 3 .   ? 9.730   -2.502  10.282  1.00 12.76 ? 501 HOH A O   1 
HETATM 1621 O  O   . HOH C 3 .   ? 11.377  -6.166  4.279   1.00 14.28 ? 502 HOH A O   1 
HETATM 1622 O  O   . HOH C 3 .   ? -5.418  -5.839  11.635  1.00 14.28 ? 503 HOH A O   1 
HETATM 1623 O  O   . HOH C 3 .   ? 10.966  -5.946  7.041   1.00 13.57 ? 504 HOH A O   1 
HETATM 1624 O  O   . HOH C 3 .   ? 22.552  16.345  -1.512  1.00 15.37 ? 505 HOH A O   1 
HETATM 1625 O  O   . HOH C 3 .   ? -3.492  -15.933 9.290   1.00 16.16 ? 506 HOH A O   1 
HETATM 1626 O  O   . HOH C 3 .   ? -12.690 5.063   -12.728 1.00 24.94 ? 507 HOH A O   1 
HETATM 1627 O  O   . HOH C 3 .   ? 10.362  3.024   -15.797 1.00 16.31 ? 508 HOH A O   1 
HETATM 1628 O  O   . HOH C 3 .   ? 4.524   -10.122 9.704   1.00 16.47 ? 509 HOH A O   1 
HETATM 1629 O  O   . HOH C 3 .   ? 2.602   -18.392 7.538   1.00 14.98 ? 510 HOH A O   1 
HETATM 1630 O  O   . HOH C 3 .   ? -8.713  -3.585  11.504  1.00 19.83 ? 511 HOH A O   1 
HETATM 1631 O  O   . HOH C 3 .   ? 4.696   -4.333  9.707   1.00 18.62 ? 512 HOH A O   1 
HETATM 1632 O  O   . HOH C 3 .   ? 15.807  5.162   10.568  1.00 17.90 ? 513 HOH A O   1 
HETATM 1633 O  O   . HOH C 3 .   ? -8.782  14.784  -14.357 1.00 19.17 ? 514 HOH A O   1 
HETATM 1634 O  O   . HOH C 3 .   ? 7.158   -11.437 9.244   1.00 18.96 ? 515 HOH A O   1 
HETATM 1635 O  O   . HOH C 3 .   ? 17.759  13.123  10.410  1.00 22.76 ? 516 HOH A O   1 
HETATM 1636 O  O   . HOH C 3 .   ? 3.571   7.551   -8.848  1.00 15.93 ? 517 HOH A O   1 
HETATM 1637 O  O   . HOH C 3 .   ? -18.242 -7.778  -8.471  1.00 21.41 ? 518 HOH A O   1 
HETATM 1638 O  O   . HOH C 3 .   ? -0.870  8.867   -10.296 1.00 16.10 ? 519 HOH A O   1 
HETATM 1639 O  O   . HOH C 3 .   ? 12.830  2.100   16.931  1.00 21.80 ? 520 HOH A O   1 
HETATM 1640 O  O   . HOH C 3 .   ? -14.035 0.542   -8.696  1.00 18.71 ? 521 HOH A O   1 
HETATM 1641 O  O   . HOH C 3 .   ? 21.308  7.810   9.879   1.00 19.74 ? 522 HOH A O   1 
HETATM 1642 O  O   . HOH C 3 .   ? 9.101   -7.862  -4.537  1.00 23.38 ? 523 HOH A O   1 
HETATM 1643 O  O   . HOH C 3 .   ? 8.650   -9.147  9.536   1.00 20.11 ? 524 HOH A O   1 
HETATM 1644 O  O   . HOH C 3 .   ? 4.854   -2.743  17.236  1.00 20.79 ? 525 HOH A O   1 
HETATM 1645 O  O   . HOH C 3 .   ? 16.818  8.785   10.705  1.00 19.41 ? 526 HOH A O   1 
HETATM 1646 O  O   . HOH C 3 .   ? 0.151   -6.135  17.130  1.00 20.62 ? 527 HOH A O   1 
HETATM 1647 O  O   . HOH C 3 .   ? -0.451  7.735   8.236   1.00 18.67 ? 528 HOH A O   1 
HETATM 1648 O  O   . HOH C 3 .   ? -13.603 -7.756  6.564   1.00 21.20 ? 529 HOH A O   1 
HETATM 1649 O  O   . HOH C 3 .   ? 6.108   -6.802  -11.875 1.00 17.55 ? 530 HOH A O   1 
HETATM 1650 O  O   . HOH C 3 .   ? 17.268  -1.662  -1.793  1.00 19.96 ? 531 HOH A O   1 
HETATM 1651 O  O   . HOH C 3 .   ? 20.517  7.618   -4.792  1.00 21.73 ? 532 HOH A O   1 
HETATM 1652 O  O   . HOH C 3 .   ? -6.308  -5.691  14.079  1.00 22.59 ? 533 HOH A O   1 
HETATM 1653 O  O   . HOH C 3 .   ? 15.272  17.246  -1.138  1.00 22.86 ? 534 HOH A O   1 
HETATM 1654 O  O   . HOH C 3 .   ? 5.048   -19.412 6.790   1.00 20.45 ? 535 HOH A O   1 
HETATM 1655 O  O   . HOH C 3 .   ? -9.519  -15.418 0.582   1.00 23.30 ? 536 HOH A O   1 
HETATM 1656 O  O   . HOH C 3 .   ? 15.616  17.571  5.114   1.00 20.22 ? 537 HOH A O   1 
HETATM 1657 O  O   . HOH C 3 .   ? 1.977   7.052   -13.540 1.00 22.95 ? 538 HOH A O   1 
HETATM 1658 O  O   . HOH C 3 .   ? 17.265  12.912  -5.425  1.00 20.49 ? 539 HOH A O   1 
HETATM 1659 O  O   . HOH C 3 .   ? -11.256 -4.097  -12.279 1.00 19.64 ? 540 HOH A O   1 
HETATM 1660 O  O   . HOH C 3 .   ? 5.899   -13.436 -4.513  1.00 23.62 ? 541 HOH A O   1 
HETATM 1661 O  O   . HOH C 3 .   ? -6.322  4.976   -20.186 1.00 25.99 ? 542 HOH A O   1 
HETATM 1662 O  O   . HOH C 3 .   ? -9.794  4.571   6.324   1.00 23.89 ? 543 HOH A O   1 
HETATM 1663 O  O   . HOH C 3 .   ? 4.176   12.948  -8.197  1.00 22.55 ? 544 HOH A O   1 
HETATM 1664 O  O   . HOH C 3 .   ? -0.759  12.600  -14.897 1.00 25.19 ? 545 HOH A O   1 
HETATM 1665 O  O   . HOH C 3 .   ? -1.322  6.056   12.376  1.00 26.45 ? 546 HOH A O   1 
HETATM 1666 O  O   . HOH C 3 .   ? 3.380   18.812  5.417   1.00 24.02 ? 547 HOH A O   1 
HETATM 1667 O  O   . HOH C 3 .   ? -15.601 -12.496 -6.042  1.00 24.38 ? 548 HOH A O   1 
HETATM 1668 O  O   . HOH C 3 .   ? 18.354  -0.471  -4.013  1.00 22.44 ? 549 HOH A O   1 
HETATM 1669 O  O   . HOH C 3 .   ? 7.261   -7.296  -9.435  1.00 23.81 ? 550 HOH A O   1 
HETATM 1670 O  O   . HOH C 3 .   ? -13.890 6.928   4.272   1.00 28.48 ? 551 HOH A O   1 
HETATM 1671 O  O   . HOH C 3 .   ? 20.463  6.274   0.301   1.00 24.82 ? 552 HOH A O   1 
HETATM 1672 O  O   . HOH C 3 .   ? 8.731   -18.094 6.879   1.00 25.73 ? 553 HOH A O   1 
HETATM 1673 O  O   . HOH C 3 .   ? -13.851 -13.368 -4.014  1.00 32.16 ? 554 HOH A O   1 
HETATM 1674 O  O   . HOH C 3 .   ? 10.633  22.204  1.719   1.00 25.27 ? 555 HOH A O   1 
HETATM 1675 O  O   . HOH C 3 .   ? -5.572  -6.807  -18.043 1.00 22.64 ? 556 HOH A O   1 
HETATM 1676 O  O   . HOH C 3 .   ? 11.641  -3.847  2.785   1.00 19.99 ? 557 HOH A O   1 
HETATM 1677 O  O   . HOH C 3 .   ? 12.787  -3.178  -2.557  1.00 20.20 ? 558 HOH A O   1 
HETATM 1678 O  O   . HOH C 3 .   ? 3.301   -19.776 -5.220  1.00 19.61 ? 559 HOH A O   1 
HETATM 1679 O  O   . HOH C 3 .   ? 7.324   23.111  -0.424  1.00 26.51 ? 560 HOH A O   1 
HETATM 1680 O  O   . HOH C 3 .   ? -11.936 -15.642 -7.946  1.00 22.33 ? 561 HOH A O   1 
HETATM 1681 O  O   . HOH C 3 .   ? -10.109 -19.528 -1.580  1.00 19.98 ? 562 HOH A O   1 
HETATM 1682 O  O   . HOH C 3 .   ? 5.161   5.195   -16.877 1.00 22.67 ? 563 HOH A O   1 
HETATM 1683 O  O   . HOH C 3 .   ? 10.718  -8.671  7.608   1.00 15.00 ? 564 HOH A O   1 
HETATM 1684 O  O   . HOH C 3 .   ? 12.897  -1.167  13.607  1.00 17.10 ? 565 HOH A O   1 
HETATM 1685 O  O   . HOH C 3 .   ? 1.455   9.256   -9.160  1.00 15.96 ? 566 HOH A O   1 
HETATM 1686 O  O   . HOH C 3 .   ? -1.324  -11.758 -4.425  1.00 17.54 ? 567 HOH A O   1 
HETATM 1687 O  O   . HOH C 3 .   ? -0.571  -4.922  -19.348 1.00 23.98 ? 568 HOH A O   1 
HETATM 1688 O  O   . HOH C 3 .   ? -14.875 -10.075 5.369   1.00 20.30 ? 569 HOH A O   1 
HETATM 1689 O  O   . HOH C 3 .   ? 2.172   -16.440 9.340   1.00 21.06 ? 570 HOH A O   1 
HETATM 1690 O  O   . HOH C 3 .   ? 4.457   19.440  -10.160 1.00 28.62 ? 571 HOH A O   1 
HETATM 1691 O  O   . HOH C 3 .   ? 13.905  -2.612  5.834   1.00 21.49 ? 572 HOH A O   1 
HETATM 1692 O  O   . HOH C 3 .   ? 3.507   -12.621 11.088  1.00 25.10 ? 573 HOH A O   1 
HETATM 1693 O  O   . HOH C 3 .   ? -17.446 -8.439  1.868   1.00 33.19 ? 574 HOH A O   1 
HETATM 1694 O  O   . HOH C 3 .   ? -1.650  12.953  -7.313  1.00 18.76 ? 575 HOH A O   1 
HETATM 1695 O  O   . HOH C 3 .   ? 5.545   9.217   -7.825  1.00 20.56 ? 576 HOH A O   1 
HETATM 1696 O  O   . HOH C 3 .   ? 9.534   16.170  7.014   1.00 25.75 ? 577 HOH A O   1 
HETATM 1697 O  O   . HOH C 3 .   ? 17.499  6.876   12.650  1.00 32.41 ? 578 HOH A O   1 
HETATM 1698 O  O   . HOH C 3 .   ? -11.361 -8.110  -13.410 1.00 22.62 ? 579 HOH A O   1 
HETATM 1699 O  O   . HOH C 3 .   ? 13.242  -9.439  1.756   1.00 34.55 ? 580 HOH A O   1 
HETATM 1700 O  O   . HOH C 3 .   ? -16.795 -9.500  -6.956  1.00 24.85 ? 581 HOH A O   1 
HETATM 1701 O  O   . HOH C 3 .   ? -9.833  4.466   -13.506 1.00 25.53 ? 582 HOH A O   1 
HETATM 1702 O  O   . HOH C 3 .   ? 1.149   9.999   -13.648 1.00 22.31 ? 583 HOH A O   1 
HETATM 1703 O  O   . HOH C 3 .   ? 2.427   14.914  -8.419  1.00 20.73 ? 584 HOH A O   1 
HETATM 1704 O  O   . HOH C 3 .   ? 2.438   -23.705 -3.654  1.00 23.82 ? 585 HOH A O   1 
HETATM 1705 O  O   . HOH C 3 .   ? 11.716  -5.050  -4.160  1.00 27.37 ? 586 HOH A O   1 
HETATM 1706 O  O   . HOH C 3 .   ? -11.285 3.157   -11.655 1.00 29.04 ? 587 HOH A O   1 
HETATM 1707 O  O   . HOH C 3 .   ? -14.505 -5.722  -14.324 1.00 25.27 ? 588 HOH A O   1 
HETATM 1708 O  O   . HOH C 3 .   ? -14.820 -3.963  1.333   1.00 28.97 ? 589 HOH A O   1 
HETATM 1709 O  O   . HOH C 3 .   ? 8.032   25.676  -0.585  1.00 29.13 ? 590 HOH A O   1 
HETATM 1710 O  O   . HOH C 3 .   ? 0.909   -9.614  12.352  1.00 31.76 ? 591 HOH A O   1 
HETATM 1711 O  O   . HOH C 3 .   ? 1.835   1.968   -8.250  1.00 62.64 ? 592 HOH A O   1 
HETATM 1712 O  O   . HOH C 3 .   ? -10.082 -17.395 -3.221  1.00 27.33 ? 593 HOH A O   1 
HETATM 1713 O  O   . HOH C 3 .   ? -3.162  13.723  -9.326  1.00 40.30 ? 594 HOH A O   1 
HETATM 1714 O  O   . HOH C 3 .   ? -3.411  -5.117  -19.437 1.00 44.67 ? 595 HOH A O   1 
HETATM 1715 O  O   . HOH C 3 .   ? -9.185  -12.332 11.912  1.00 27.28 ? 596 HOH A O   1 
HETATM 1716 O  O   . HOH C 3 .   ? 9.811   -9.943  11.920  1.00 29.82 ? 597 HOH A O   1 
HETATM 1717 O  O   . HOH C 3 .   ? 4.466   2.438   -19.265 1.00 24.35 ? 598 HOH A O   1 
HETATM 1718 O  O   . HOH C 3 .   ? 14.406  8.979   13.951  1.00 23.72 ? 599 HOH A O   1 
HETATM 1719 O  O   . HOH C 3 .   ? -4.618  6.885   -19.899 1.00 34.17 ? 600 HOH A O   1 
HETATM 1720 O  O   . HOH C 3 .   ? -3.357  2.125   -19.037 1.00 28.94 ? 601 HOH A O   1 
HETATM 1721 O  O   . HOH C 3 .   ? 8.407   20.790  -4.115  1.00 30.68 ? 602 HOH A O   1 
HETATM 1722 O  O   . HOH C 3 .   ? -8.804  -6.917  14.352  1.00 29.30 ? 603 HOH A O   1 
HETATM 1723 O  O   . HOH C 3 .   ? 16.529  -3.015  -7.061  1.00 29.39 ? 604 HOH A O   1 
HETATM 1724 O  O   . HOH C 3 .   ? 6.266   12.797  14.328  1.00 30.82 ? 605 HOH A O   1 
HETATM 1725 O  O   . HOH C 3 .   ? -13.898 -1.097  6.749   1.00 32.95 ? 606 HOH A O   1 
HETATM 1726 O  O   . HOH C 3 .   ? -6.217  -11.754 17.296  1.00 25.91 ? 607 HOH A O   1 
HETATM 1727 O  O   . HOH C 3 .   ? -16.747 1.820   -0.295  1.00 24.86 ? 608 HOH A O   1 
HETATM 1728 O  O   . HOH C 3 .   ? 8.051   12.794  16.442  1.00 27.59 ? 609 HOH A O   1 
HETATM 1729 O  O   . HOH C 3 .   ? -1.079  -15.244 -4.970  1.00 27.64 ? 610 HOH A O   1 
HETATM 1730 O  O   . HOH C 3 .   ? 14.348  -4.340  -0.690  1.00 27.81 ? 611 HOH A O   1 
HETATM 1731 O  O   . HOH C 3 .   ? 10.005  21.419  -1.798  1.00 30.18 ? 612 HOH A O   1 
HETATM 1732 O  O   . HOH C 3 .   ? 11.743  11.399  15.430  1.00 26.56 ? 613 HOH A O   1 
HETATM 1733 O  O   . HOH C 3 .   ? -1.597  6.145   -19.655 1.00 28.39 ? 614 HOH A O   1 
# 
